data_8SI9
#
_entry.id   8SI9
#
_cell.length_a   1.00
_cell.length_b   1.00
_cell.length_c   1.00
_cell.angle_alpha   90.00
_cell.angle_beta   90.00
_cell.angle_gamma   90.00
#
_symmetry.space_group_name_H-M   'P 1'
#
loop_
_entity.id
_entity.type
_entity.pdbx_description
1 polymer 'Gamma-aminobutyric acid receptor subunit beta-2'
2 polymer 'Gamma-aminobutyric acid receptor subunit alpha-1'
3 polymer 'Gamma-aminobutyric acid receptor subunit gamma-2'
4 polymer 'Kappa Fab Light Chain'
5 polymer 'IgG2b Fab Heavy Chain'
6 branched beta-D-mannopyranose-(1-4)-2-acetamido-2-deoxy-beta-D-glucopyranose-(1-4)-2-acetamido-2-deoxy-beta-D-glucopyranose
7 branched alpha-D-mannopyranose-(1-2)-alpha-D-mannopyranose-(1-2)-alpha-D-mannopyranose-(1-3)-[alpha-D-mannopyranose-(1-2)-alpha-D-mannopyranose-(1-6)-[alpha-D-mannopyranose-(1-3)]alpha-D-mannopyranose-(1-6)]beta-D-mannopyranose-(1-4)-2-acetamido-2-deoxy-beta-D-glucopyranose-(1-4)-2-acetamido-2-deoxy-beta-D-glucopyranose
8 branched 2-acetamido-2-deoxy-beta-D-glucopyranose-(1-4)-2-acetamido-2-deoxy-beta-D-glucopyranose
9 non-polymer 2-acetamido-2-deoxy-beta-D-glucopyranose
10 non-polymer allopregnanolone
11 non-polymer 'GAMMA-AMINO-BUTANOIC ACID'
#
loop_
_entity_poly.entity_id
_entity_poly.type
_entity_poly.pdbx_seq_one_letter_code
_entity_poly.pdbx_strand_id
1 'polypeptide(L)'
;QSVNDPSNMSLVKETVDRLLKGYDIRLRPDFGGPPVAVGMNIDIASIDMVSEVNMDYTLTMYFQQAWRDKRLSYNVIPLN
LTLDNRVADQLWVPDTYFLNDKKSFVHGVTVKNRMIRLHPDGTVLYGLRITTTAACMMDLRRYPLDEQNCTLEIESYGYT
TDDIEFYWRGDDNAVTGVTKIELPQFSIVDYKLITKKVVFSTGSYPRLSLSFKLKRNIGYFILQTYMPSILITILSWVSF
WINYDASAARVALGITTVLTMTTINTHLRETLPKIPYVKAIDMYLMGCFVFVFMALLEYALVNYIFFSQPARAAAIDRWS
RIFFPVVFSFFNIVYWLYYVNVDGSGATNFSLLKQAGDVEENPG
;
A,C
2 'polypeptide(L)'
;QPSLQDELKDNTTVFTRILDRLLDGYDNRLRPGLGERVTEVKTDIFVTSFGPVSDHDMEYTIDVFFRQSWKDERLKFKGP
MTVLRLNNLMASKIWTPDTFFHNGKKSVAHNMTMPNKLLRITEDGTLLYTMRLTVRAECPMHLEDFPMDAHACPLKFGSY
AYTRAEVVYEWTREPARSVVVAEDGSRLNQYDLLGQTVDSGIVQSSTGEYVVMTTHFHLKRKIGYFVIQTYLPCIMTVIL
SQVSFWLNRESVPARTVFGVTTVLTMTTLSISARNSLPKVAYATAMDWFIAVCYAFVFSALIEFATVNYFTKSQPARAAK
IDRLSRIAFPLLFGIFNLVYWATYLNREPQLKAPTPHQ
;
B,D
3 'polypeptide(L)'
;WSHPQFEKGGGSGGGSGGSSAWSHPQFEKLEVLFQGPQKSDDDYEDYASNKTWVLTPKVPEGDVTVILNNLLEGYDNKLR
PDIGVKPTLIHTDMYVNSIGPVNAINMEYTIDIFFAQTWYDRRLKFNSTIKVLRLNSNMVGKIWIPDTFFRNSKKADAHW
ITTPNRMLRIWNDGRVLYTLRLTIDAECQLQLHNFPMDEHSCPLEFSSYGYPREEIVYQWKRSSVEVGDTRSWRLYQFSF
VGLRNTTEVVKTTSGDYVVMSVYFDLSRRMGYFTIQTYIPCTLIVVLSWVSFWINKDAVPARTSLGITTVLTMTTLSTIA
RKSLPKVSYVTAMDLFVSVCFIFVFSALVEYGTLHYFVSSQPARAAKMDSYARIFFPTAFCLFNLVYWVSYLYLSRGSGA
TNFSLLKQAGDVEENPG
;
E
4 'polypeptide(L)'
;NIVMTQSPKSMSMSVGERVTLSCKASEYVGTYVSWYQQKPEQSPKLLIYGASNRYTGVPDRFTGSGSATDFTLTIGSVQA
EDLADYHCGQSYSYPTFGAGTKLELKRADAAPTVSIFPPSSEQLTSGGASVVCFLNNFYPKDINVKWKIDGSERQNGVLN
SWTDQDSKDSTYSMSSTLTLTKDEYERHNSYTCEATHKTSTSPIVKSFNRNEC
;
I,L
5 'polypeptide(L)'
;EVQLQQSGAELVKPGASVKLSCTASGFNIKDTYMYWVKQRPEQGLEWIGRIDPANGDTKYDPKFQGKATITTDTFSNTAY
LQLSSLTSEDTAVYYCARKGLRWAMDYWGQGTSVTVSTAKTTPPSVYPLAPGCGDTTGSSVTLGCLVKGYFPESVTVTWN
SGSLSSSVHTFPALLQSGLYTMSSSVTVPSSTWPSQTVTCSVAHPASSTTVDKKLEPSGPISTINPCPPCKECHKCPAPN
LEGGPSVFIFPPNIKDVLMISLTPKVTCVVVDVSEDDPDVQISWFVNNVEVHTAQTQTHREDYNSTIRVVSTLPIQHQDW
MSGKEFKCKVNNKDLPSPIERTISKIKGLVRAPQVYILPPPAEQLSRKDVSLTCLVVGFNPGDISVEWTSNGHTEENYKD
TAPVLDSDGSYFIYSKLNMKTSKWEKTDSFSCNVRHEGLKNYYLKKTISRSPGK
;
J,K
#
# COMPACT_ATOMS: atom_id res chain seq x y z
N SER A 7 -20.46 -51.17 -7.03
CA SER A 7 -19.17 -51.27 -6.35
C SER A 7 -19.14 -50.36 -5.12
N ASN A 8 -17.96 -50.26 -4.49
CA ASN A 8 -17.85 -49.43 -3.29
C ASN A 8 -17.95 -47.95 -3.65
N MET A 9 -17.42 -47.56 -4.81
CA MET A 9 -17.52 -46.16 -5.22
C MET A 9 -18.97 -45.78 -5.49
N SER A 10 -19.73 -46.67 -6.12
CA SER A 10 -21.14 -46.38 -6.36
C SER A 10 -21.90 -46.28 -5.04
N LEU A 11 -21.58 -47.14 -4.09
CA LEU A 11 -22.24 -47.07 -2.79
C LEU A 11 -21.95 -45.74 -2.09
N VAL A 12 -20.69 -45.32 -2.11
CA VAL A 12 -20.34 -44.04 -1.50
C VAL A 12 -21.05 -42.91 -2.21
N LYS A 13 -21.10 -42.96 -3.54
CA LYS A 13 -21.75 -41.89 -4.30
C LYS A 13 -23.22 -41.80 -3.94
N GLU A 14 -23.90 -42.95 -3.84
CA GLU A 14 -25.31 -42.93 -3.51
C GLU A 14 -25.53 -42.44 -2.09
N THR A 15 -24.65 -42.82 -1.16
CA THR A 15 -24.79 -42.33 0.22
C THR A 15 -24.66 -40.82 0.27
N VAL A 16 -23.66 -40.26 -0.41
CA VAL A 16 -23.47 -38.82 -0.36
C VAL A 16 -24.61 -38.11 -1.07
N ASP A 17 -25.08 -38.64 -2.19
CA ASP A 17 -26.20 -38.01 -2.88
C ASP A 17 -27.47 -38.05 -2.05
N ARG A 18 -27.62 -39.07 -1.20
CA ARG A 18 -28.76 -39.12 -0.30
C ARG A 18 -28.61 -38.10 0.82
N LEU A 19 -27.40 -37.98 1.37
CA LEU A 19 -27.18 -37.04 2.47
C LEU A 19 -27.41 -35.60 2.02
N LEU A 20 -26.89 -35.23 0.87
CA LEU A 20 -26.97 -33.84 0.43
C LEU A 20 -28.29 -33.50 -0.22
N LYS A 21 -29.13 -34.48 -0.52
CA LYS A 21 -30.45 -34.24 -1.08
C LYS A 21 -31.46 -34.07 0.05
N GLY A 22 -32.22 -32.97 -0.01
CA GLY A 22 -33.13 -32.65 1.07
C GLY A 22 -32.41 -32.11 2.29
N TYR A 23 -31.56 -31.11 2.07
CA TYR A 23 -30.76 -30.50 3.13
C TYR A 23 -30.93 -29.00 3.07
N ASP A 24 -31.26 -28.39 4.22
CA ASP A 24 -31.48 -26.95 4.31
C ASP A 24 -30.33 -26.32 5.06
N ILE A 25 -29.64 -25.39 4.40
CA ILE A 25 -28.48 -24.74 5.02
C ILE A 25 -28.92 -23.65 5.99
N ARG A 26 -30.12 -23.09 5.82
CA ARG A 26 -30.53 -21.99 6.69
C ARG A 26 -30.86 -22.45 8.10
N LEU A 27 -30.97 -23.76 8.33
CA LEU A 27 -31.40 -24.28 9.62
C LEU A 27 -30.25 -25.07 10.25
N ARG A 28 -29.86 -24.65 11.45
CA ARG A 28 -28.86 -25.37 12.21
C ARG A 28 -29.40 -26.73 12.62
N PRO A 29 -28.53 -27.69 12.94
CA PRO A 29 -29.01 -28.96 13.46
C PRO A 29 -29.81 -28.75 14.73
N ASP A 30 -30.94 -29.47 14.84
CA ASP A 30 -31.87 -29.29 15.94
C ASP A 30 -32.32 -27.83 16.03
N PHE A 31 -33.04 -27.42 14.99
CA PHE A 31 -33.45 -26.02 14.89
C PHE A 31 -34.46 -25.61 15.94
N GLY A 32 -35.11 -26.56 16.59
CA GLY A 32 -36.07 -26.23 17.62
C GLY A 32 -35.68 -26.70 19.01
N GLY A 33 -34.91 -27.78 19.09
CA GLY A 33 -34.60 -28.38 20.36
C GLY A 33 -33.40 -27.76 21.04
N PRO A 34 -32.53 -28.58 21.61
CA PRO A 34 -31.42 -28.06 22.41
C PRO A 34 -30.35 -27.45 21.53
N PRO A 35 -29.43 -26.69 22.11
CA PRO A 35 -28.32 -26.15 21.31
C PRO A 35 -27.35 -27.25 20.91
N VAL A 36 -26.65 -26.99 19.82
CA VAL A 36 -25.62 -27.90 19.33
C VAL A 36 -24.31 -27.59 20.02
N ALA A 37 -23.50 -28.63 20.25
CA ALA A 37 -22.25 -28.52 20.98
C ALA A 37 -21.10 -28.61 20.00
N VAL A 38 -20.36 -27.52 19.86
CA VAL A 38 -19.28 -27.38 18.88
C VAL A 38 -17.96 -27.40 19.63
N GLY A 39 -17.14 -28.42 19.39
CA GLY A 39 -15.86 -28.55 20.06
C GLY A 39 -14.72 -28.04 19.19
N MET A 40 -13.85 -27.24 19.80
CA MET A 40 -12.80 -26.51 19.09
C MET A 40 -11.43 -27.12 19.37
N ASN A 41 -10.63 -27.28 18.31
CA ASN A 41 -9.22 -27.57 18.40
C ASN A 41 -8.43 -26.51 17.66
N ILE A 42 -7.23 -26.23 18.14
CA ILE A 42 -6.34 -25.25 17.52
C ILE A 42 -4.93 -25.82 17.54
N ASP A 43 -4.28 -25.80 16.39
CA ASP A 43 -2.88 -26.22 16.27
C ASP A 43 -2.13 -25.02 15.71
N ILE A 44 -1.43 -24.29 16.58
CA ILE A 44 -0.75 -23.07 16.18
C ILE A 44 0.51 -23.42 15.40
N ALA A 45 0.56 -22.98 14.14
CA ALA A 45 1.74 -23.20 13.32
C ALA A 45 2.84 -22.20 13.69
N SER A 46 2.50 -20.92 13.80
CA SER A 46 3.49 -19.92 14.15
C SER A 46 2.80 -18.65 14.59
N ILE A 47 3.45 -17.93 15.50
CA ILE A 47 3.11 -16.55 15.84
C ILE A 47 4.15 -15.67 15.15
N ASP A 48 3.75 -15.01 14.06
CA ASP A 48 4.71 -14.43 13.15
C ASP A 48 5.36 -13.18 13.71
N MET A 49 4.60 -12.10 13.86
CA MET A 49 5.16 -10.79 14.23
C MET A 49 4.33 -10.18 15.35
N VAL A 50 5.01 -9.71 16.39
CA VAL A 50 4.38 -9.07 17.52
C VAL A 50 4.86 -7.62 17.53
N SER A 51 4.00 -6.70 17.10
CA SER A 51 4.36 -5.30 16.95
C SER A 51 3.90 -4.50 18.15
N GLU A 52 4.80 -3.71 18.72
CA GLU A 52 4.41 -2.76 19.75
C GLU A 52 3.90 -1.45 19.18
N VAL A 53 4.09 -1.23 17.88
CA VAL A 53 3.64 0.02 17.25
C VAL A 53 2.20 -0.11 16.76
N ASN A 54 1.85 -1.26 16.19
CA ASN A 54 0.47 -1.51 15.81
C ASN A 54 -0.33 -2.18 16.90
N MET A 55 0.32 -2.60 17.99
CA MET A 55 -0.37 -3.23 19.11
C MET A 55 -1.18 -4.44 18.66
N ASP A 56 -0.53 -5.31 17.89
CA ASP A 56 -1.18 -6.52 17.43
C ASP A 56 -0.11 -7.58 17.16
N TYR A 57 -0.58 -8.81 16.97
CA TYR A 57 0.29 -9.93 16.64
C TYR A 57 -0.41 -10.77 15.58
N THR A 58 0.38 -11.55 14.86
CA THR A 58 -0.11 -12.37 13.76
C THR A 58 0.13 -13.82 14.09
N LEU A 59 -0.89 -14.66 13.96
CA LEU A 59 -0.72 -16.08 14.19
C LEU A 59 -1.42 -16.87 13.11
N THR A 60 -0.80 -17.98 12.72
CA THR A 60 -1.33 -18.92 11.75
C THR A 60 -1.72 -20.18 12.50
N MET A 61 -2.95 -20.64 12.32
CA MET A 61 -3.45 -21.76 13.09
C MET A 61 -4.21 -22.70 12.18
N TYR A 62 -4.33 -23.95 12.64
CA TYR A 62 -5.22 -24.93 12.02
C TYR A 62 -6.48 -25.00 12.86
N PHE A 63 -7.38 -24.06 12.61
CA PHE A 63 -8.62 -24.00 13.37
C PHE A 63 -9.52 -25.15 12.96
N GLN A 64 -9.97 -25.93 13.93
CA GLN A 64 -10.78 -27.11 13.66
C GLN A 64 -11.97 -27.13 14.59
N GLN A 65 -13.14 -27.46 14.05
CA GLN A 65 -14.36 -27.56 14.83
C GLN A 65 -15.00 -28.92 14.57
N ALA A 66 -15.77 -29.37 15.54
CA ALA A 66 -16.39 -30.70 15.48
C ALA A 66 -17.77 -30.62 16.10
N TRP A 67 -18.80 -30.83 15.29
CA TRP A 67 -20.15 -30.88 15.83
C TRP A 67 -20.81 -32.18 15.40
N ARG A 68 -22.07 -32.36 15.80
CA ARG A 68 -22.82 -33.57 15.48
C ARG A 68 -24.09 -33.18 14.75
N ASP A 69 -24.12 -33.44 13.45
CA ASP A 69 -25.28 -33.17 12.60
C ASP A 69 -26.01 -34.49 12.36
N LYS A 70 -27.17 -34.64 12.98
CA LYS A 70 -27.91 -35.89 12.85
C LYS A 70 -28.49 -36.10 11.47
N ARG A 71 -28.43 -35.09 10.59
CA ARG A 71 -28.93 -35.27 9.23
C ARG A 71 -27.89 -35.92 8.33
N LEU A 72 -26.61 -35.72 8.61
CA LEU A 72 -25.51 -36.31 7.84
C LEU A 72 -25.02 -37.59 8.52
N SER A 73 -25.93 -38.53 8.73
CA SER A 73 -25.63 -39.80 9.36
C SER A 73 -25.89 -40.93 8.39
N TYR A 74 -24.95 -41.87 8.31
CA TYR A 74 -25.08 -43.00 7.40
C TYR A 74 -24.54 -44.23 8.10
N ASN A 75 -25.00 -45.40 7.66
CA ASN A 75 -24.60 -46.66 8.27
C ASN A 75 -24.28 -47.76 7.27
N VAL A 76 -24.39 -47.50 5.96
CA VAL A 76 -24.16 -48.54 4.98
C VAL A 76 -22.67 -48.81 4.76
N ILE A 77 -21.81 -47.81 4.98
CA ILE A 77 -20.38 -47.97 4.81
C ILE A 77 -19.68 -47.66 6.13
N PRO A 78 -18.58 -48.32 6.46
CA PRO A 78 -17.94 -48.11 7.77
C PRO A 78 -16.84 -47.07 7.83
N LEU A 79 -16.43 -46.48 6.71
CA LEU A 79 -15.28 -45.59 6.71
C LEU A 79 -15.73 -44.14 6.92
N ASN A 80 -14.76 -43.31 7.32
CA ASN A 80 -14.99 -41.89 7.55
C ASN A 80 -14.77 -41.16 6.23
N LEU A 81 -15.85 -40.63 5.66
CA LEU A 81 -15.77 -39.96 4.37
C LEU A 81 -15.03 -38.65 4.49
N THR A 82 -14.10 -38.41 3.58
CA THR A 82 -13.42 -37.12 3.45
C THR A 82 -13.83 -36.54 2.10
N LEU A 83 -14.78 -35.61 2.12
CA LEU A 83 -15.27 -35.02 0.89
C LEU A 83 -14.37 -33.87 0.46
N ASP A 84 -14.55 -33.46 -0.79
CA ASP A 84 -13.83 -32.29 -1.29
C ASP A 84 -14.28 -31.05 -0.54
N ASN A 85 -13.37 -30.11 -0.36
CA ASN A 85 -13.66 -28.92 0.42
C ASN A 85 -14.70 -28.02 -0.21
N ARG A 86 -15.25 -28.38 -1.37
CA ARG A 86 -16.29 -27.59 -1.99
C ARG A 86 -17.67 -27.96 -1.48
N VAL A 87 -17.80 -29.09 -0.75
CA VAL A 87 -19.07 -29.47 -0.15
C VAL A 87 -19.36 -28.69 1.12
N ALA A 88 -18.37 -28.01 1.69
CA ALA A 88 -18.60 -27.19 2.86
C ALA A 88 -19.47 -25.98 2.56
N ASP A 89 -19.77 -25.72 1.29
CA ASP A 89 -20.72 -24.67 0.93
C ASP A 89 -22.15 -25.18 0.88
N GLN A 90 -22.36 -26.48 1.04
CA GLN A 90 -23.70 -27.07 1.03
C GLN A 90 -24.12 -27.59 2.39
N LEU A 91 -23.21 -27.66 3.36
CA LEU A 91 -23.54 -28.08 4.71
C LEU A 91 -23.71 -26.86 5.60
N TRP A 92 -24.12 -27.11 6.85
CA TRP A 92 -24.22 -26.07 7.85
C TRP A 92 -22.95 -26.06 8.67
N VAL A 93 -22.33 -24.88 8.78
CA VAL A 93 -21.13 -24.73 9.60
C VAL A 93 -21.35 -23.55 10.55
N PRO A 94 -20.89 -23.62 11.79
CA PRO A 94 -21.22 -22.58 12.76
C PRO A 94 -20.58 -21.25 12.41
N ASP A 95 -21.24 -20.17 12.81
CA ASP A 95 -20.82 -18.81 12.49
C ASP A 95 -19.83 -18.31 13.54
N THR A 96 -18.67 -18.95 13.58
CA THR A 96 -17.64 -18.62 14.54
C THR A 96 -16.78 -17.48 13.99
N TYR A 97 -16.54 -16.48 14.82
CA TYR A 97 -15.73 -15.33 14.45
C TYR A 97 -14.82 -14.96 15.61
N PHE A 98 -13.68 -14.35 15.28
CA PHE A 98 -12.73 -13.88 16.28
C PHE A 98 -12.96 -12.41 16.54
N LEU A 99 -13.15 -12.04 17.81
CA LEU A 99 -13.60 -10.69 18.11
C LEU A 99 -12.50 -9.66 17.87
N ASN A 100 -11.25 -10.00 18.20
CA ASN A 100 -10.17 -9.02 18.18
C ASN A 100 -9.24 -9.21 17.00
N ASP A 101 -9.74 -9.71 15.88
CA ASP A 101 -8.92 -9.80 14.68
C ASP A 101 -9.08 -8.52 13.87
N LYS A 102 -8.08 -8.26 13.05
CA LYS A 102 -8.08 -7.10 12.17
C LYS A 102 -8.08 -7.49 10.71
N LYS A 103 -7.25 -8.46 10.31
CA LYS A 103 -7.22 -8.96 8.95
C LYS A 103 -7.01 -10.46 9.02
N SER A 104 -7.89 -11.22 8.37
CA SER A 104 -7.83 -12.67 8.40
C SER A 104 -8.13 -13.23 7.02
N PHE A 105 -7.62 -14.43 6.76
CA PHE A 105 -7.84 -15.06 5.45
C PHE A 105 -7.50 -16.54 5.55
N VAL A 106 -8.39 -17.38 5.03
CA VAL A 106 -8.06 -18.78 4.79
C VAL A 106 -7.13 -18.89 3.60
N HIS A 107 -6.02 -19.59 3.77
CA HIS A 107 -5.08 -19.74 2.67
C HIS A 107 -5.74 -20.49 1.53
N GLY A 108 -5.48 -20.06 0.30
CA GLY A 108 -6.17 -20.63 -0.84
C GLY A 108 -5.30 -21.22 -1.91
N VAL A 109 -4.22 -21.91 -1.53
CA VAL A 109 -3.32 -22.54 -2.48
C VAL A 109 -2.99 -23.94 -1.98
N THR A 110 -3.07 -24.96 -2.84
CA THR A 110 -3.43 -24.82 -4.24
C THR A 110 -4.94 -24.79 -4.40
N VAL A 111 -5.64 -25.16 -3.33
CA VAL A 111 -7.08 -25.03 -3.22
C VAL A 111 -7.39 -24.29 -1.93
N LYS A 112 -8.67 -24.03 -1.70
CA LYS A 112 -9.08 -23.43 -0.44
C LYS A 112 -8.73 -24.40 0.69
N ASN A 113 -7.83 -23.96 1.58
CA ASN A 113 -7.28 -24.85 2.60
C ASN A 113 -8.33 -25.08 3.68
N ARG A 114 -9.24 -26.01 3.41
CA ARG A 114 -10.18 -26.43 4.43
C ARG A 114 -10.49 -27.91 4.26
N MET A 115 -10.84 -28.54 5.36
CA MET A 115 -11.20 -29.95 5.42
C MET A 115 -12.63 -30.08 5.93
N ILE A 116 -13.38 -31.00 5.34
CA ILE A 116 -14.74 -31.30 5.77
C ILE A 116 -14.89 -32.81 5.73
N ARG A 117 -14.93 -33.45 6.90
CA ARG A 117 -14.85 -34.89 7.01
C ARG A 117 -16.04 -35.38 7.82
N LEU A 118 -16.84 -36.26 7.23
CA LEU A 118 -18.01 -36.82 7.88
C LEU A 118 -17.64 -38.12 8.59
N HIS A 119 -18.48 -38.50 9.54
CA HIS A 119 -18.34 -39.75 10.28
C HIS A 119 -19.64 -40.52 10.16
N PRO A 120 -19.62 -41.83 10.39
CA PRO A 120 -20.85 -42.62 10.22
C PRO A 120 -21.91 -42.33 11.27
N ASP A 121 -21.55 -41.68 12.38
CA ASP A 121 -22.50 -41.37 13.43
C ASP A 121 -23.02 -39.94 13.35
N GLY A 122 -22.69 -39.22 12.29
CA GLY A 122 -23.14 -37.86 12.11
C GLY A 122 -22.11 -36.80 12.44
N THR A 123 -21.08 -37.16 13.19
CA THR A 123 -20.08 -36.17 13.59
C THR A 123 -19.40 -35.57 12.38
N VAL A 124 -19.46 -34.25 12.28
CA VAL A 124 -18.83 -33.50 11.21
C VAL A 124 -17.59 -32.82 11.77
N LEU A 125 -16.51 -32.86 11.00
CA LEU A 125 -15.21 -32.33 11.39
C LEU A 125 -14.79 -31.33 10.32
N TYR A 126 -14.67 -30.07 10.71
CA TYR A 126 -14.51 -28.96 9.77
C TYR A 126 -13.29 -28.15 10.18
N GLY A 127 -12.23 -28.22 9.38
CA GLY A 127 -10.99 -27.56 9.71
C GLY A 127 -10.64 -26.49 8.69
N LEU A 128 -9.94 -25.46 9.15
CA LEU A 128 -9.48 -24.37 8.31
C LEU A 128 -8.02 -24.08 8.66
N ARG A 129 -7.37 -23.33 7.79
CA ARG A 129 -6.00 -22.87 8.01
C ARG A 129 -6.02 -21.36 7.95
N ILE A 130 -6.12 -20.73 9.10
CA ILE A 130 -6.37 -19.29 9.20
C ILE A 130 -5.08 -18.57 9.56
N THR A 131 -5.00 -17.30 9.18
CA THR A 131 -3.87 -16.42 9.51
C THR A 131 -4.46 -15.12 10.01
N THR A 132 -4.62 -15.01 11.32
CA THR A 132 -5.31 -13.89 11.95
C THR A 132 -4.31 -12.89 12.51
N THR A 133 -4.58 -11.61 12.25
CA THR A 133 -3.80 -10.53 12.85
C THR A 133 -4.57 -9.97 14.04
N ALA A 134 -4.59 -10.76 15.11
CA ALA A 134 -5.32 -10.38 16.31
C ALA A 134 -4.74 -9.11 16.90
N ALA A 135 -5.61 -8.25 17.40
CA ALA A 135 -5.22 -6.97 17.99
C ALA A 135 -5.19 -7.11 19.50
N CYS A 136 -4.03 -6.83 20.09
CA CYS A 136 -3.92 -6.86 21.55
C CYS A 136 -3.11 -5.67 22.03
N MET A 137 -3.77 -4.82 22.82
CA MET A 137 -3.12 -3.63 23.34
C MET A 137 -2.16 -4.00 24.46
N MET A 138 -1.02 -3.33 24.48
CA MET A 138 0.07 -3.65 25.38
C MET A 138 0.25 -2.52 26.39
N ASP A 139 0.82 -2.86 27.53
CA ASP A 139 1.14 -1.89 28.58
C ASP A 139 2.66 -1.78 28.64
N LEU A 140 3.20 -0.73 28.05
CA LEU A 140 4.63 -0.55 27.95
C LEU A 140 5.18 0.32 29.08
N ARG A 141 4.48 0.38 30.22
CA ARG A 141 4.97 1.17 31.34
C ARG A 141 6.19 0.54 31.99
N ARG A 142 6.54 -0.68 31.62
CA ARG A 142 7.72 -1.35 32.14
C ARG A 142 8.55 -1.90 30.98
N TYR A 143 8.56 -1.16 29.89
CA TYR A 143 9.37 -1.51 28.73
C TYR A 143 10.86 -1.32 29.05
N PRO A 144 11.73 -2.28 28.70
CA PRO A 144 11.51 -3.56 28.05
C PRO A 144 11.44 -4.74 29.02
N LEU A 145 11.31 -4.46 30.32
CA LEU A 145 11.20 -5.51 31.33
C LEU A 145 9.74 -5.80 31.64
N ASP A 146 8.97 -6.13 30.61
CA ASP A 146 7.52 -6.25 30.73
C ASP A 146 7.06 -7.61 30.24
N GLU A 147 5.88 -8.00 30.71
CA GLU A 147 5.23 -9.25 30.34
C GLU A 147 3.87 -8.92 29.77
N GLN A 148 3.67 -9.18 28.49
CA GLN A 148 2.38 -8.97 27.86
C GLN A 148 1.52 -10.22 28.00
N ASN A 149 0.22 -10.03 28.18
CA ASN A 149 -0.73 -11.13 28.28
C ASN A 149 -1.87 -10.85 27.31
N CYS A 150 -1.80 -11.42 26.11
CA CYS A 150 -2.85 -11.14 25.15
C CYS A 150 -3.30 -12.39 24.42
N THR A 151 -4.57 -12.36 24.05
CA THR A 151 -5.37 -13.55 23.80
C THR A 151 -5.99 -13.52 22.40
N LEU A 152 -6.83 -14.51 22.16
CA LEU A 152 -7.62 -14.63 20.94
C LEU A 152 -8.98 -15.15 21.37
N GLU A 153 -10.02 -14.36 21.10
CA GLU A 153 -11.37 -14.65 21.56
C GLU A 153 -12.21 -15.18 20.41
N ILE A 154 -12.90 -16.29 20.65
CA ILE A 154 -13.66 -17.01 19.64
C ILE A 154 -15.11 -17.02 20.09
N GLU A 155 -15.98 -16.44 19.27
CA GLU A 155 -17.36 -16.22 19.68
C GLU A 155 -18.30 -16.55 18.52
N SER A 156 -19.53 -16.91 18.86
CA SER A 156 -20.56 -17.15 17.87
C SER A 156 -21.30 -15.84 17.60
N TYR A 157 -21.51 -15.54 16.32
CA TYR A 157 -22.10 -14.26 15.95
C TYR A 157 -23.62 -14.34 15.93
N GLY A 158 -24.17 -15.21 15.10
CA GLY A 158 -25.60 -15.26 14.90
C GLY A 158 -26.36 -15.93 16.02
N TYR A 159 -25.78 -16.98 16.60
CA TYR A 159 -26.51 -17.86 17.50
C TYR A 159 -26.16 -17.53 18.94
N THR A 160 -27.19 -17.28 19.74
CA THR A 160 -27.01 -16.96 21.15
C THR A 160 -26.70 -18.25 21.90
N THR A 161 -26.65 -18.18 23.22
CA THR A 161 -26.20 -19.31 24.02
C THR A 161 -27.25 -20.41 24.15
N ASP A 162 -28.49 -20.15 23.76
CA ASP A 162 -29.50 -21.19 23.70
C ASP A 162 -29.61 -21.82 22.31
N ASP A 163 -28.64 -21.58 21.44
CA ASP A 163 -28.58 -22.21 20.13
C ASP A 163 -27.27 -22.92 19.84
N ILE A 164 -26.20 -22.64 20.58
CA ILE A 164 -24.91 -23.23 20.30
C ILE A 164 -24.10 -23.25 21.59
N GLU A 165 -23.19 -24.20 21.70
CA GLU A 165 -22.35 -24.34 22.90
C GLU A 165 -20.92 -24.63 22.48
N PHE A 166 -19.99 -23.80 22.91
CA PHE A 166 -18.59 -23.95 22.60
C PHE A 166 -17.87 -24.64 23.76
N TYR A 167 -16.94 -25.52 23.42
CA TYR A 167 -16.10 -26.14 24.43
C TYR A 167 -14.82 -26.60 23.76
N TRP A 168 -13.74 -26.66 24.53
CA TRP A 168 -12.49 -27.20 24.04
C TRP A 168 -12.52 -28.72 24.11
N ARG A 169 -12.00 -29.37 23.07
CA ARG A 169 -11.94 -30.83 23.02
C ARG A 169 -10.68 -31.29 23.73
N GLY A 170 -10.85 -31.86 24.93
CA GLY A 170 -9.75 -32.29 25.77
C GLY A 170 -9.51 -31.36 26.94
N ASP A 171 -9.78 -30.06 26.75
CA ASP A 171 -9.75 -29.06 27.81
C ASP A 171 -8.33 -28.71 28.24
N ASP A 172 -7.35 -29.49 27.81
CA ASP A 172 -5.95 -29.10 27.96
C ASP A 172 -5.08 -29.48 26.77
N ASN A 173 -5.54 -30.38 25.90
CA ASN A 173 -4.84 -30.71 24.67
C ASN A 173 -5.55 -30.13 23.45
N ALA A 174 -6.53 -29.26 23.66
CA ALA A 174 -7.22 -28.64 22.54
C ALA A 174 -6.29 -27.72 21.77
N VAL A 175 -5.33 -27.09 22.43
CA VAL A 175 -4.36 -26.23 21.79
C VAL A 175 -3.00 -26.89 21.87
N THR A 176 -2.39 -27.14 20.72
CA THR A 176 -1.10 -27.78 20.61
C THR A 176 -0.18 -26.92 19.76
N GLY A 177 1.11 -27.25 19.81
CA GLY A 177 2.10 -26.55 19.03
C GLY A 177 2.60 -25.27 19.66
N VAL A 178 2.30 -25.02 20.92
CA VAL A 178 2.77 -23.79 21.56
C VAL A 178 4.23 -23.92 21.98
N THR A 179 4.60 -25.08 22.55
CA THR A 179 5.97 -25.24 23.03
C THR A 179 6.98 -25.21 21.90
N LYS A 180 6.56 -25.41 20.66
CA LYS A 180 7.46 -25.36 19.52
C LYS A 180 7.60 -23.96 18.94
N ILE A 181 6.78 -23.01 19.39
CA ILE A 181 6.82 -21.66 18.85
C ILE A 181 8.07 -20.96 19.38
N GLU A 182 8.90 -20.48 18.46
CA GLU A 182 10.05 -19.66 18.79
C GLU A 182 9.81 -18.24 18.27
N LEU A 183 9.93 -17.27 19.17
CA LEU A 183 9.77 -15.89 18.77
C LEU A 183 11.11 -15.17 18.87
N PRO A 184 11.46 -14.33 17.90
CA PRO A 184 12.78 -13.71 17.93
C PRO A 184 13.00 -12.77 19.09
N GLN A 185 11.94 -12.24 19.68
CA GLN A 185 12.07 -11.24 20.74
C GLN A 185 11.42 -11.65 22.04
N PHE A 186 10.32 -12.39 22.00
CA PHE A 186 9.58 -12.76 23.20
C PHE A 186 9.83 -14.23 23.55
N SER A 187 9.15 -14.68 24.60
CA SER A 187 9.21 -16.08 25.02
C SER A 187 7.88 -16.42 25.67
N ILE A 188 7.21 -17.45 25.14
CA ILE A 188 5.91 -17.86 25.63
C ILE A 188 6.09 -18.49 27.02
N VAL A 189 5.62 -17.81 28.06
CA VAL A 189 5.70 -18.37 29.40
C VAL A 189 4.69 -19.50 29.57
N ASP A 190 3.42 -19.22 29.28
CA ASP A 190 2.37 -20.24 29.36
C ASP A 190 1.18 -19.78 28.53
N TYR A 191 0.10 -20.56 28.58
CA TYR A 191 -1.11 -20.21 27.87
C TYR A 191 -2.30 -20.78 28.61
N LYS A 192 -3.42 -20.07 28.56
CA LYS A 192 -4.63 -20.44 29.27
C LYS A 192 -5.80 -20.58 28.32
N LEU A 193 -6.71 -21.49 28.65
CA LEU A 193 -7.93 -21.75 27.89
C LEU A 193 -9.12 -21.42 28.77
N ILE A 194 -9.91 -20.42 28.38
CA ILE A 194 -11.02 -19.92 29.18
C ILE A 194 -12.32 -20.11 28.42
N THR A 195 -13.37 -20.52 29.13
CA THR A 195 -14.71 -20.68 28.56
C THR A 195 -15.69 -19.83 29.36
N LYS A 196 -16.40 -18.91 28.69
CA LYS A 196 -17.31 -18.02 29.39
C LYS A 196 -18.43 -17.61 28.44
N LYS A 197 -19.23 -16.63 28.87
CA LYS A 197 -20.33 -16.08 28.08
C LYS A 197 -20.26 -14.56 28.12
N VAL A 198 -20.53 -13.93 26.98
CA VAL A 198 -20.63 -12.48 26.92
C VAL A 198 -22.09 -12.10 26.75
N VAL A 199 -22.44 -10.90 27.20
CA VAL A 199 -23.80 -10.39 27.13
C VAL A 199 -23.79 -9.07 26.38
N PHE A 200 -24.44 -9.03 25.23
CA PHE A 200 -24.61 -7.82 24.44
C PHE A 200 -26.07 -7.40 24.48
N SER A 201 -26.39 -6.33 23.75
CA SER A 201 -27.75 -5.83 23.70
C SER A 201 -28.69 -6.77 22.97
N THR A 202 -28.17 -7.76 22.24
CA THR A 202 -28.99 -8.66 21.45
C THR A 202 -29.10 -10.06 22.03
N GLY A 203 -28.23 -10.43 22.95
CA GLY A 203 -28.32 -11.73 23.58
C GLY A 203 -27.02 -12.08 24.28
N SER A 204 -27.02 -13.28 24.86
CA SER A 204 -25.86 -13.82 25.55
C SER A 204 -25.22 -14.88 24.66
N TYR A 205 -23.96 -14.67 24.30
CA TYR A 205 -23.27 -15.51 23.34
C TYR A 205 -22.16 -16.30 24.02
N PRO A 206 -21.89 -17.52 23.55
CA PRO A 206 -20.79 -18.29 24.12
C PRO A 206 -19.45 -17.71 23.69
N ARG A 207 -18.41 -18.04 24.43
CA ARG A 207 -17.10 -17.50 24.08
C ARG A 207 -16.00 -18.38 24.65
N LEU A 208 -14.97 -18.59 23.85
CA LEU A 208 -13.73 -19.19 24.29
C LEU A 208 -12.62 -18.16 24.15
N SER A 209 -11.55 -18.36 24.91
CA SER A 209 -10.41 -17.45 24.90
C SER A 209 -9.14 -18.26 25.04
N LEU A 210 -8.19 -18.02 24.15
CA LEU A 210 -6.86 -18.62 24.21
C LEU A 210 -5.87 -17.50 24.48
N SER A 211 -5.30 -17.47 25.68
CA SER A 211 -4.51 -16.33 26.14
C SER A 211 -3.05 -16.73 26.29
N PHE A 212 -2.15 -15.98 25.65
CA PHE A 212 -0.73 -16.19 25.77
C PHE A 212 -0.12 -15.16 26.71
N LYS A 213 0.95 -15.55 27.40
CA LYS A 213 1.68 -14.67 28.30
C LYS A 213 3.12 -14.58 27.81
N LEU A 214 3.38 -13.64 26.91
CA LEU A 214 4.72 -13.44 26.39
C LEU A 214 5.56 -12.64 27.37
N LYS A 215 6.82 -13.02 27.51
CA LYS A 215 7.79 -12.29 28.32
C LYS A 215 8.93 -11.86 27.41
N ARG A 216 9.28 -10.59 27.46
CA ARG A 216 10.25 -10.05 26.51
C ARG A 216 11.68 -10.35 26.92
N ASN A 217 12.49 -10.70 25.92
CA ASN A 217 13.90 -10.98 26.19
C ASN A 217 14.63 -9.67 26.44
N ILE A 218 15.73 -9.74 27.18
CA ILE A 218 16.43 -8.55 27.63
C ILE A 218 17.84 -8.44 27.09
N GLY A 219 18.41 -9.49 26.49
CA GLY A 219 19.79 -9.43 26.07
C GLY A 219 20.03 -8.34 25.05
N TYR A 220 19.17 -8.27 24.04
CA TYR A 220 19.35 -7.28 22.99
C TYR A 220 19.33 -5.87 23.57
N PHE A 221 18.43 -5.61 24.51
CA PHE A 221 18.30 -4.27 25.06
C PHE A 221 19.53 -3.89 25.88
N ILE A 222 20.03 -4.80 26.71
CA ILE A 222 21.25 -4.54 27.45
C ILE A 222 22.39 -4.22 26.49
N LEU A 223 22.63 -5.10 25.52
CA LEU A 223 23.77 -4.91 24.64
C LEU A 223 23.61 -3.72 23.71
N GLN A 224 22.38 -3.25 23.48
CA GLN A 224 22.12 -2.24 22.46
C GLN A 224 21.94 -0.83 23.01
N THR A 225 21.26 -0.66 24.15
CA THR A 225 20.92 0.67 24.61
C THR A 225 21.15 0.96 26.08
N TYR A 226 21.46 -0.02 26.91
CA TYR A 226 21.85 0.28 28.29
C TYR A 226 23.34 0.49 28.42
N MET A 227 24.13 -0.36 27.77
CA MET A 227 25.59 -0.22 27.82
C MET A 227 26.06 1.12 27.28
N PRO A 228 25.60 1.62 26.13
CA PRO A 228 26.09 2.91 25.66
C PRO A 228 25.87 4.04 26.65
N SER A 229 24.73 4.02 27.35
CA SER A 229 24.47 5.05 28.35
C SER A 229 25.51 5.00 29.47
N ILE A 230 25.81 3.79 29.96
CA ILE A 230 26.77 3.66 31.06
C ILE A 230 28.16 4.09 30.60
N LEU A 231 28.54 3.72 29.38
CA LEU A 231 29.86 4.11 28.92
C LEU A 231 29.94 5.62 28.69
N ILE A 232 28.85 6.25 28.25
CA ILE A 232 28.88 7.69 28.07
C ILE A 232 28.93 8.42 29.41
N THR A 233 28.21 7.92 30.42
CA THR A 233 28.32 8.55 31.73
C THR A 233 29.72 8.40 32.31
N ILE A 234 30.35 7.24 32.12
CA ILE A 234 31.72 7.08 32.61
C ILE A 234 32.67 7.99 31.84
N LEU A 235 32.49 8.11 30.53
CA LEU A 235 33.28 9.05 29.75
C LEU A 235 33.05 10.48 30.22
N SER A 236 31.87 10.78 30.76
CA SER A 236 31.69 12.08 31.38
C SER A 236 32.46 12.19 32.69
N TRP A 237 32.44 11.14 33.51
CA TRP A 237 33.17 11.19 34.78
C TRP A 237 34.67 11.32 34.61
N VAL A 238 35.25 10.74 33.55
CA VAL A 238 36.71 10.83 33.39
C VAL A 238 37.17 12.28 33.46
N SER A 239 36.29 13.20 33.09
CA SER A 239 36.63 14.62 33.08
C SER A 239 37.02 15.14 34.46
N PHE A 240 36.81 14.36 35.53
CA PHE A 240 37.18 14.83 36.85
C PHE A 240 38.67 14.72 37.09
N TRP A 241 39.34 13.80 36.40
CA TRP A 241 40.79 13.66 36.51
C TRP A 241 41.54 14.73 35.73
N ILE A 242 40.92 15.30 34.70
CA ILE A 242 41.57 16.36 33.94
C ILE A 242 41.71 17.59 34.82
N ASN A 243 42.86 18.24 34.73
CA ASN A 243 43.12 19.43 35.52
C ASN A 243 42.23 20.58 35.07
N TYR A 244 41.97 21.49 36.00
CA TYR A 244 41.09 22.62 35.72
C TYR A 244 41.70 23.61 34.75
N ASP A 245 42.97 23.49 34.41
CA ASP A 245 43.59 24.44 33.49
C ASP A 245 43.16 24.21 32.04
N ALA A 246 42.89 22.96 31.66
CA ALA A 246 42.46 22.65 30.30
C ALA A 246 40.96 22.87 30.19
N SER A 247 40.56 24.00 29.63
CA SER A 247 39.14 24.32 29.49
C SER A 247 38.54 23.80 28.19
N ALA A 248 39.38 23.44 27.21
CA ALA A 248 38.88 22.94 25.95
C ALA A 248 38.70 21.42 25.94
N ALA A 249 39.22 20.73 26.95
CA ALA A 249 39.12 19.27 27.03
C ALA A 249 37.94 18.84 27.89
N ARG A 250 37.81 19.39 29.09
CA ARG A 250 36.68 19.02 29.94
C ARG A 250 35.36 19.49 29.35
N VAL A 251 35.33 20.71 28.82
CA VAL A 251 34.17 21.16 28.08
C VAL A 251 33.87 20.20 26.94
N ALA A 252 34.88 19.90 26.12
CA ALA A 252 34.70 18.99 25.01
C ALA A 252 34.00 17.72 25.49
N LEU A 253 34.64 17.01 26.43
CA LEU A 253 34.09 15.78 26.98
C LEU A 253 32.64 15.95 27.42
N GLY A 254 32.38 16.90 28.32
CA GLY A 254 31.03 17.03 28.86
C GLY A 254 30.00 17.32 27.80
N ILE A 255 30.30 18.28 26.91
CA ILE A 255 29.37 18.64 25.86
C ILE A 255 29.09 17.43 24.98
N THR A 256 30.15 16.72 24.60
CA THR A 256 29.98 15.57 23.72
C THR A 256 29.12 14.50 24.39
N THR A 257 29.35 14.26 25.68
CA THR A 257 28.56 13.28 26.40
C THR A 257 27.10 13.69 26.44
N VAL A 258 26.84 14.98 26.63
CA VAL A 258 25.46 15.47 26.61
C VAL A 258 24.83 15.18 25.25
N LEU A 259 25.51 15.60 24.19
CA LEU A 259 25.01 15.35 22.83
C LEU A 259 24.70 13.87 22.66
N THR A 260 25.64 13.03 23.08
CA THR A 260 25.49 11.59 22.86
C THR A 260 24.26 11.07 23.60
N MET A 261 24.09 11.44 24.86
CA MET A 261 22.91 11.02 25.60
C MET A 261 21.65 11.46 24.87
N THR A 262 21.62 12.70 24.38
CA THR A 262 20.44 13.21 23.70
C THR A 262 20.14 12.38 22.46
N THR A 263 21.16 12.11 21.64
CA THR A 263 20.93 11.37 20.41
C THR A 263 20.60 9.91 20.72
N ILE A 264 21.14 9.37 21.81
CA ILE A 264 20.79 8.02 22.21
C ILE A 264 19.31 7.95 22.49
N ASN A 265 18.79 8.92 23.25
CA ASN A 265 17.37 8.89 23.59
C ASN A 265 16.53 9.10 22.35
N THR A 266 17.00 9.95 21.44
CA THR A 266 16.27 10.19 20.20
C THR A 266 16.13 8.90 19.41
N HIS A 267 17.26 8.24 19.13
CA HIS A 267 17.22 7.03 18.33
C HIS A 267 16.40 5.95 19.04
N LEU A 268 16.54 5.84 20.35
CA LEU A 268 15.78 4.85 21.08
C LEU A 268 14.29 5.06 20.88
N ARG A 269 13.86 6.31 21.03
CA ARG A 269 12.42 6.67 20.92
C ARG A 269 11.93 6.50 19.49
N GLU A 270 12.86 6.50 18.51
CA GLU A 270 12.48 6.32 17.12
C GLU A 270 11.81 4.98 16.85
N THR A 271 12.06 3.97 17.68
CA THR A 271 11.60 2.60 17.42
C THR A 271 10.31 2.22 18.12
N LEU A 272 9.75 3.09 18.96
CA LEU A 272 8.58 2.77 19.76
C LEU A 272 7.41 3.66 19.36
N PRO A 273 6.19 3.31 19.75
CA PRO A 273 5.05 4.19 19.46
C PRO A 273 5.05 5.43 20.34
N LYS A 274 4.11 6.33 20.10
CA LYS A 274 4.05 7.60 20.82
C LYS A 274 3.12 7.48 22.03
N ILE A 275 3.59 6.77 23.04
CA ILE A 275 2.78 6.49 24.22
C ILE A 275 2.98 7.64 25.22
N PRO A 276 1.96 8.02 25.99
CA PRO A 276 2.12 9.18 26.87
C PRO A 276 2.98 8.91 28.09
N TYR A 277 2.91 7.70 28.64
CA TYR A 277 3.57 7.43 29.90
C TYR A 277 5.06 7.21 29.68
N VAL A 278 5.85 7.56 30.68
CA VAL A 278 7.29 7.34 30.62
C VAL A 278 7.57 5.87 30.86
N LYS A 279 8.33 5.26 29.96
CA LYS A 279 8.66 3.85 30.07
C LYS A 279 9.74 3.68 31.14
N ALA A 280 10.32 2.49 31.23
CA ALA A 280 11.40 2.28 32.18
C ALA A 280 12.73 2.74 31.57
N ILE A 281 12.96 2.42 30.30
CA ILE A 281 14.19 2.84 29.66
C ILE A 281 14.23 4.35 29.53
N ASP A 282 13.07 5.00 29.40
CA ASP A 282 13.05 6.46 29.40
C ASP A 282 13.45 7.01 30.76
N MET A 283 13.02 6.36 31.84
CA MET A 283 13.44 6.78 33.17
C MET A 283 14.94 6.62 33.35
N TYR A 284 15.48 5.50 32.88
CA TYR A 284 16.93 5.30 32.99
C TYR A 284 17.69 6.34 32.19
N LEU A 285 17.25 6.63 30.97
CA LEU A 285 17.95 7.62 30.16
C LEU A 285 17.84 9.00 30.77
N MET A 286 16.70 9.34 31.36
CA MET A 286 16.59 10.64 32.02
C MET A 286 17.52 10.72 33.22
N GLY A 287 17.64 9.64 33.98
CA GLY A 287 18.58 9.64 35.09
C GLY A 287 20.02 9.81 34.64
N CYS A 288 20.42 9.08 33.60
CA CYS A 288 21.78 9.22 33.08
C CYS A 288 22.04 10.61 32.54
N PHE A 289 21.03 11.23 31.93
CA PHE A 289 21.21 12.58 31.41
C PHE A 289 21.32 13.58 32.56
N VAL A 290 20.57 13.35 33.63
CA VAL A 290 20.69 14.21 34.80
C VAL A 290 22.08 14.09 35.40
N PHE A 291 22.63 12.87 35.44
CA PHE A 291 23.98 12.72 35.97
C PHE A 291 25.00 13.45 35.11
N VAL A 292 24.89 13.35 33.79
CA VAL A 292 25.82 14.06 32.92
C VAL A 292 25.69 15.57 33.14
N PHE A 293 24.44 16.04 33.19
CA PHE A 293 24.20 17.46 33.39
C PHE A 293 24.83 17.94 34.68
N MET A 294 24.60 17.20 35.77
CA MET A 294 25.18 17.59 37.06
C MET A 294 26.69 17.57 37.02
N ALA A 295 27.29 16.67 36.25
CA ALA A 295 28.75 16.63 36.19
C ALA A 295 29.27 17.88 35.50
N LEU A 296 28.56 18.34 34.48
CA LEU A 296 29.03 19.52 33.77
C LEU A 296 28.72 20.79 34.55
N LEU A 297 27.64 20.77 35.34
CA LEU A 297 27.36 21.91 36.19
C LEU A 297 28.42 22.00 37.28
N GLU A 298 28.90 20.86 37.74
CA GLU A 298 29.94 20.85 38.75
C GLU A 298 31.22 21.43 38.18
N TYR A 299 31.59 20.97 36.98
CA TYR A 299 32.79 21.51 36.33
C TYR A 299 32.68 23.02 36.20
N ALA A 300 31.51 23.50 35.79
CA ALA A 300 31.32 24.94 35.62
C ALA A 300 31.45 25.66 36.96
N LEU A 301 30.90 25.06 38.02
CA LEU A 301 30.96 25.69 39.33
C LEU A 301 32.41 25.78 39.79
N VAL A 302 33.20 24.75 39.50
CA VAL A 302 34.61 24.77 39.87
C VAL A 302 35.29 25.90 39.13
N ASN A 303 34.95 26.10 37.85
CA ASN A 303 35.58 27.20 37.13
C ASN A 303 35.09 28.53 37.68
N TYR A 304 33.89 28.56 38.24
CA TYR A 304 33.36 29.80 38.81
C TYR A 304 34.08 30.18 40.10
N ILE A 305 34.53 29.20 40.87
CA ILE A 305 35.20 29.52 42.13
C ILE A 305 36.66 29.09 42.04
N PHE A 306 37.22 29.14 40.84
CA PHE A 306 38.61 28.77 40.64
C PHE A 306 39.56 29.89 41.04
N PHE A 307 39.11 31.15 40.96
CA PHE A 307 39.91 32.29 41.36
C PHE A 307 39.52 32.80 42.75
N SER A 308 38.23 32.93 43.01
CA SER A 308 37.77 33.44 44.29
C SER A 308 38.33 32.61 45.45
N GLN A 309 38.03 31.32 45.48
CA GLN A 309 38.49 30.42 46.53
C GLN A 309 38.96 29.12 45.91
N PRO A 310 40.18 29.10 45.34
CA PRO A 310 40.74 27.84 44.83
C PRO A 310 40.83 26.75 45.90
N ALA A 311 40.68 27.11 47.18
CA ALA A 311 40.64 26.10 48.25
C ALA A 311 39.73 24.94 47.89
N ARG A 312 38.48 25.24 47.53
CA ARG A 312 37.50 24.20 47.26
C ARG A 312 37.57 23.67 45.84
N ALA A 313 38.50 24.16 45.03
CA ALA A 313 38.68 23.62 43.68
C ALA A 313 39.26 22.21 43.72
N ALA A 314 39.70 21.75 44.88
CA ALA A 314 40.09 20.36 45.07
C ALA A 314 39.10 19.61 45.95
N ALA A 315 38.50 20.29 46.93
CA ALA A 315 37.52 19.65 47.79
C ALA A 315 36.35 19.15 46.95
N ILE A 316 35.84 20.00 46.07
CA ILE A 316 34.67 19.61 45.28
C ILE A 316 35.06 18.59 44.22
N ASP A 317 36.25 18.73 43.64
CA ASP A 317 36.70 17.72 42.68
C ASP A 317 36.79 16.36 43.34
N ARG A 318 37.19 16.31 44.61
CA ARG A 318 37.34 15.04 45.28
C ARG A 318 35.98 14.49 45.65
N TRP A 319 35.10 15.34 46.19
CA TRP A 319 33.74 14.94 46.58
C TRP A 319 32.96 14.49 45.35
N SER A 320 33.26 15.07 44.18
CA SER A 320 32.55 14.75 42.90
C SER A 320 33.27 13.62 42.17
N ARG A 321 34.39 13.13 42.71
CA ARG A 321 35.12 11.98 42.14
C ARG A 321 34.63 10.73 42.87
N ILE A 322 33.81 10.89 43.91
CA ILE A 322 33.25 9.75 44.70
C ILE A 322 31.73 9.82 44.69
N PHE A 323 31.14 11.01 44.83
CA PHE A 323 29.66 11.19 44.90
C PHE A 323 29.01 10.77 43.59
N PHE A 324 29.65 11.03 42.44
CA PHE A 324 29.06 10.71 41.11
C PHE A 324 29.09 9.20 40.90
N PRO A 325 30.23 8.50 41.07
CA PRO A 325 30.24 7.03 40.97
C PRO A 325 29.40 6.30 42.02
N VAL A 326 29.28 6.82 43.25
CA VAL A 326 28.57 6.12 44.36
C VAL A 326 27.05 6.26 44.20
N VAL A 327 26.54 7.47 43.99
CA VAL A 327 25.11 7.72 43.84
C VAL A 327 24.61 7.13 42.54
N PHE A 328 25.50 7.00 41.55
CA PHE A 328 25.13 6.31 40.32
C PHE A 328 24.77 4.87 40.63
N SER A 329 25.61 4.20 41.42
CA SER A 329 25.34 2.82 41.77
C SER A 329 24.05 2.71 42.58
N PHE A 330 23.81 3.68 43.46
CA PHE A 330 22.58 3.69 44.24
C PHE A 330 21.37 3.76 43.33
N PHE A 331 21.38 4.74 42.40
CA PHE A 331 20.28 4.87 41.45
C PHE A 331 20.11 3.59 40.65
N ASN A 332 21.22 3.00 40.20
CA ASN A 332 21.15 1.80 39.40
C ASN A 332 20.46 0.69 40.17
N ILE A 333 20.78 0.57 41.46
CA ILE A 333 20.21 -0.50 42.28
C ILE A 333 18.72 -0.25 42.47
N VAL A 334 18.36 0.95 42.91
CA VAL A 334 16.93 1.22 43.14
C VAL A 334 16.16 0.98 41.86
N TYR A 335 16.77 1.25 40.70
CA TYR A 335 16.07 1.10 39.44
C TYR A 335 15.86 -0.38 39.13
N TRP A 336 16.94 -1.15 39.19
CA TRP A 336 16.83 -2.55 38.83
C TRP A 336 15.83 -3.25 39.75
N LEU A 337 15.90 -2.94 41.05
CA LEU A 337 15.00 -3.62 41.99
C LEU A 337 13.57 -3.17 41.78
N TYR A 338 13.36 -1.90 41.46
CA TYR A 338 12.01 -1.42 41.15
C TYR A 338 11.41 -2.19 39.99
N TYR A 339 12.15 -2.31 38.90
CA TYR A 339 11.61 -2.92 37.69
C TYR A 339 11.83 -4.42 37.62
N VAL A 340 12.40 -5.04 38.64
CA VAL A 340 12.68 -6.47 38.61
C VAL A 340 12.31 -7.09 39.95
N ASN B 11 -39.42 -30.98 13.20
CA ASN B 11 -40.07 -29.76 12.76
C ASN B 11 -39.20 -29.02 11.74
N THR B 12 -38.18 -29.69 11.21
CA THR B 12 -37.38 -29.06 10.18
C THR B 12 -38.19 -28.89 8.90
N THR B 13 -39.11 -29.83 8.63
CA THR B 13 -39.93 -29.69 7.44
C THR B 13 -40.80 -28.45 7.54
N VAL B 14 -41.44 -28.25 8.71
CA VAL B 14 -42.33 -27.11 8.87
C VAL B 14 -41.54 -25.81 8.82
N PHE B 15 -40.32 -25.82 9.36
CA PHE B 15 -39.53 -24.58 9.30
C PHE B 15 -39.08 -24.31 7.88
N THR B 16 -38.76 -25.34 7.12
CA THR B 16 -38.36 -25.11 5.74
C THR B 16 -39.56 -24.64 4.93
N ARG B 17 -40.76 -25.12 5.25
CA ARG B 17 -41.92 -24.70 4.49
C ARG B 17 -42.31 -23.27 4.86
N ILE B 18 -41.96 -22.84 6.07
CA ILE B 18 -42.20 -21.45 6.45
C ILE B 18 -41.23 -20.56 5.69
N LEU B 19 -39.95 -20.94 5.69
CA LEU B 19 -38.96 -20.11 5.02
C LEU B 19 -39.19 -20.08 3.51
N ASP B 20 -39.74 -21.16 2.95
CA ASP B 20 -40.03 -21.18 1.52
C ASP B 20 -41.26 -20.34 1.18
N ARG B 21 -42.31 -20.42 2.01
CA ARG B 21 -43.45 -19.54 1.81
C ARG B 21 -43.08 -18.07 2.05
N LEU B 22 -42.01 -17.81 2.79
CA LEU B 22 -41.67 -16.44 3.13
C LEU B 22 -41.08 -15.69 1.94
N LEU B 23 -40.29 -16.38 1.11
CA LEU B 23 -39.69 -15.78 -0.07
C LEU B 23 -40.42 -16.15 -1.36
N ASP B 24 -41.66 -16.58 -1.26
CA ASP B 24 -42.46 -16.93 -2.42
C ASP B 24 -43.10 -15.66 -2.97
N GLY B 25 -42.59 -15.17 -4.11
CA GLY B 25 -43.07 -13.93 -4.67
C GLY B 25 -42.41 -12.70 -4.09
N TYR B 26 -41.26 -12.85 -3.45
CA TYR B 26 -40.53 -11.73 -2.88
C TYR B 26 -39.61 -11.11 -3.92
N ASP B 27 -39.69 -9.79 -4.04
CA ASP B 27 -38.80 -9.02 -4.92
C ASP B 27 -37.85 -8.21 -4.04
N ASN B 28 -36.58 -8.60 -4.04
CA ASN B 28 -35.58 -7.90 -3.23
C ASN B 28 -35.01 -6.69 -3.93
N ARG B 29 -35.72 -6.15 -4.92
CA ARG B 29 -35.32 -4.93 -5.58
C ARG B 29 -36.21 -3.76 -5.22
N LEU B 30 -37.23 -3.97 -4.42
CA LEU B 30 -38.17 -2.93 -4.03
C LEU B 30 -38.18 -2.82 -2.52
N ARG B 31 -37.98 -1.62 -2.01
CA ARG B 31 -37.97 -1.43 -0.58
C ARG B 31 -39.39 -1.62 -0.04
N PRO B 32 -39.53 -1.94 1.24
CA PRO B 32 -40.88 -2.10 1.81
C PRO B 32 -41.65 -0.78 1.74
N GLY B 33 -42.83 -0.85 1.15
CA GLY B 33 -43.64 0.34 0.93
C GLY B 33 -42.98 1.26 -0.09
N LEU B 34 -42.88 0.80 -1.34
CA LEU B 34 -42.14 1.56 -2.34
C LEU B 34 -42.84 2.85 -2.73
N GLY B 35 -44.14 2.79 -2.97
CA GLY B 35 -44.86 3.97 -3.38
C GLY B 35 -45.92 4.42 -2.38
N GLU B 36 -46.09 3.65 -1.30
CA GLU B 36 -47.18 3.87 -0.37
C GLU B 36 -46.73 4.36 1.00
N ARG B 37 -45.43 4.46 1.25
CA ARG B 37 -44.94 4.83 2.57
C ARG B 37 -43.48 5.22 2.46
N VAL B 38 -42.88 5.56 3.60
CA VAL B 38 -41.46 5.86 3.70
C VAL B 38 -40.85 4.88 4.70
N THR B 39 -39.75 4.24 4.30
CA THR B 39 -39.12 3.27 5.17
C THR B 39 -38.43 3.98 6.32
N GLU B 40 -38.43 3.33 7.49
CA GLU B 40 -37.92 3.91 8.73
C GLU B 40 -36.88 2.96 9.30
N VAL B 41 -35.61 3.22 9.00
CA VAL B 41 -34.52 2.37 9.45
C VAL B 41 -34.03 2.89 10.79
N LYS B 42 -34.16 2.07 11.83
CA LYS B 42 -33.71 2.41 13.17
C LYS B 42 -32.29 1.88 13.34
N THR B 43 -31.35 2.75 13.69
CA THR B 43 -29.95 2.42 13.69
C THR B 43 -29.41 2.38 15.11
N ASP B 44 -28.30 1.64 15.28
CA ASP B 44 -27.64 1.53 16.56
C ASP B 44 -26.20 1.13 16.31
N ILE B 45 -25.31 1.55 17.22
CA ILE B 45 -23.88 1.33 17.07
C ILE B 45 -23.32 0.89 18.41
N PHE B 46 -22.47 -0.14 18.39
CA PHE B 46 -21.78 -0.62 19.59
C PHE B 46 -20.29 -0.69 19.26
N VAL B 47 -19.56 0.36 19.64
CA VAL B 47 -18.14 0.46 19.32
C VAL B 47 -17.39 -0.54 20.18
N THR B 48 -16.91 -1.64 19.57
CA THR B 48 -16.13 -2.61 20.32
C THR B 48 -14.69 -2.16 20.54
N SER B 49 -14.17 -1.30 19.69
CA SER B 49 -12.79 -0.83 19.83
C SER B 49 -12.62 0.44 19.00
N PHE B 50 -12.19 1.52 19.65
CA PHE B 50 -11.87 2.76 18.95
C PHE B 50 -10.41 2.71 18.56
N GLY B 51 -10.16 2.50 17.26
CA GLY B 51 -8.84 2.19 16.79
C GLY B 51 -7.89 3.36 16.90
N PRO B 52 -6.66 3.16 16.43
CA PRO B 52 -5.62 4.18 16.59
C PRO B 52 -5.85 5.34 15.63
N VAL B 53 -5.82 6.54 16.18
CA VAL B 53 -6.00 7.76 15.39
C VAL B 53 -4.68 8.12 14.73
N SER B 54 -4.59 7.97 13.41
CA SER B 54 -3.39 8.35 12.68
C SER B 54 -3.40 9.85 12.44
N ASP B 55 -2.34 10.52 12.89
CA ASP B 55 -2.27 11.98 12.75
C ASP B 55 -1.81 12.40 11.36
N HIS B 56 -0.98 11.60 10.71
CA HIS B 56 -0.45 12.00 9.41
C HIS B 56 -1.53 11.93 8.33
N ASP B 57 -2.28 10.84 8.29
CA ASP B 57 -3.34 10.68 7.30
C ASP B 57 -4.62 11.40 7.69
N MET B 58 -4.68 11.98 8.89
CA MET B 58 -5.90 12.63 9.37
C MET B 58 -7.08 11.68 9.27
N GLU B 59 -6.86 10.44 9.71
CA GLU B 59 -7.86 9.40 9.67
C GLU B 59 -7.91 8.71 11.04
N TYR B 60 -8.94 7.89 11.23
CA TYR B 60 -9.05 7.13 12.46
C TYR B 60 -9.83 5.85 12.19
N THR B 61 -9.39 4.77 12.82
CA THR B 61 -10.04 3.47 12.67
C THR B 61 -11.02 3.25 13.81
N ILE B 62 -12.09 2.52 13.50
CA ILE B 62 -13.11 2.18 14.48
C ILE B 62 -13.66 0.81 14.11
N ASP B 63 -14.17 0.08 15.10
CA ASP B 63 -14.63 -1.28 14.92
C ASP B 63 -15.99 -1.40 15.61
N VAL B 64 -17.06 -1.55 14.82
CA VAL B 64 -18.41 -1.39 15.33
C VAL B 64 -19.24 -2.65 15.04
N PHE B 65 -20.37 -2.71 15.74
CA PHE B 65 -21.47 -3.65 15.52
C PHE B 65 -22.64 -2.81 15.02
N PHE B 66 -22.71 -2.62 13.71
CA PHE B 66 -23.73 -1.77 13.11
C PHE B 66 -25.06 -2.53 13.10
N ARG B 67 -26.00 -2.11 13.94
CA ARG B 67 -27.31 -2.72 14.01
C ARG B 67 -28.32 -1.84 13.28
N GLN B 68 -29.16 -2.46 12.44
CA GLN B 68 -30.24 -1.77 11.75
C GLN B 68 -31.52 -2.55 11.92
N SER B 69 -32.65 -1.87 11.82
CA SER B 69 -33.93 -2.53 11.98
C SER B 69 -35.00 -1.76 11.24
N TRP B 70 -35.73 -2.45 10.36
CA TRP B 70 -36.85 -1.80 9.67
C TRP B 70 -38.04 -2.74 9.76
N LYS B 71 -39.13 -2.43 9.07
CA LYS B 71 -40.34 -3.24 9.14
C LYS B 71 -40.79 -3.57 7.72
N ASP B 72 -40.75 -4.85 7.37
CA ASP B 72 -41.14 -5.34 6.06
C ASP B 72 -42.41 -6.18 6.21
N GLU B 73 -43.52 -5.65 5.72
CA GLU B 73 -44.80 -6.34 5.87
C GLU B 73 -44.90 -7.59 5.01
N ARG B 74 -44.01 -7.75 4.02
CA ARG B 74 -44.00 -8.93 3.18
C ARG B 74 -43.37 -10.13 3.86
N LEU B 75 -42.88 -9.98 5.09
CA LEU B 75 -42.20 -11.04 5.81
C LEU B 75 -42.97 -11.44 7.07
N LYS B 76 -44.29 -11.25 7.06
CA LYS B 76 -45.10 -11.71 8.16
C LYS B 76 -45.24 -13.23 8.12
N PHE B 77 -45.11 -13.86 9.29
CA PHE B 77 -45.23 -15.30 9.38
C PHE B 77 -45.79 -15.68 10.74
N LYS B 78 -46.58 -16.76 10.76
CA LYS B 78 -47.11 -17.33 12.00
C LYS B 78 -46.66 -18.78 12.08
N GLY B 79 -45.93 -19.10 13.15
CA GLY B 79 -45.41 -20.43 13.33
C GLY B 79 -45.16 -20.76 14.78
N PRO B 80 -44.46 -21.88 15.04
CA PRO B 80 -44.20 -22.26 16.43
C PRO B 80 -43.30 -21.29 17.15
N MET B 81 -42.38 -20.63 16.46
CA MET B 81 -41.46 -19.68 17.07
C MET B 81 -41.89 -18.25 16.78
N THR B 82 -41.50 -17.33 17.66
CA THR B 82 -41.79 -15.92 17.46
C THR B 82 -40.78 -15.26 16.53
N VAL B 83 -39.50 -15.31 16.89
CA VAL B 83 -38.44 -14.74 16.08
C VAL B 83 -37.72 -15.87 15.35
N LEU B 84 -37.23 -15.55 14.16
CA LEU B 84 -36.43 -16.47 13.36
C LEU B 84 -35.01 -15.91 13.30
N ARG B 85 -34.09 -16.54 14.04
CA ARG B 85 -32.67 -16.18 14.01
C ARG B 85 -32.01 -16.91 12.85
N LEU B 86 -32.13 -16.34 11.67
CA LEU B 86 -31.71 -17.03 10.46
C LEU B 86 -30.22 -16.79 10.18
N ASN B 87 -29.71 -17.50 9.19
CA ASN B 87 -28.31 -17.41 8.83
C ASN B 87 -28.01 -16.04 8.24
N ASN B 88 -26.74 -15.81 7.91
CA ASN B 88 -26.33 -14.56 7.27
C ASN B 88 -26.47 -14.62 5.75
N LEU B 89 -26.77 -15.78 5.18
CA LEU B 89 -26.98 -15.89 3.74
C LEU B 89 -28.43 -15.64 3.35
N MET B 90 -29.36 -15.78 4.28
CA MET B 90 -30.74 -15.41 4.02
C MET B 90 -30.88 -13.90 3.81
N ALA B 91 -30.01 -13.11 4.44
CA ALA B 91 -30.06 -11.67 4.30
C ALA B 91 -29.67 -11.19 2.91
N SER B 92 -29.19 -12.07 2.04
CA SER B 92 -28.89 -11.70 0.67
C SER B 92 -30.05 -11.94 -0.27
N LYS B 93 -31.16 -12.48 0.22
CA LYS B 93 -32.34 -12.72 -0.59
C LYS B 93 -33.49 -11.79 -0.26
N ILE B 94 -33.34 -10.90 0.73
CA ILE B 94 -34.36 -9.92 1.07
C ILE B 94 -33.80 -8.54 0.83
N TRP B 95 -34.63 -7.51 1.01
CA TRP B 95 -34.18 -6.14 0.84
C TRP B 95 -33.50 -5.67 2.13
N THR B 96 -32.33 -5.07 1.99
CA THR B 96 -31.58 -4.56 3.12
C THR B 96 -31.07 -3.18 2.76
N PRO B 97 -31.18 -2.20 3.66
CA PRO B 97 -30.82 -0.83 3.30
C PRO B 97 -29.34 -0.71 2.99
N ASP B 98 -29.02 0.18 2.06
CA ASP B 98 -27.65 0.33 1.56
C ASP B 98 -26.95 1.47 2.27
N THR B 99 -26.78 1.31 3.59
CA THR B 99 -26.12 2.33 4.38
C THR B 99 -24.64 2.39 4.02
N PHE B 100 -24.14 3.62 3.88
CA PHE B 100 -22.72 3.84 3.64
C PHE B 100 -22.25 5.02 4.47
N PHE B 101 -20.96 5.02 4.80
CA PHE B 101 -20.37 6.03 5.65
C PHE B 101 -19.83 7.18 4.79
N HIS B 102 -20.42 8.36 4.96
CA HIS B 102 -20.11 9.49 4.08
C HIS B 102 -18.64 9.86 4.10
N ASN B 103 -17.92 9.54 5.17
CA ASN B 103 -16.53 9.92 5.31
C ASN B 103 -15.68 8.72 5.62
N GLY B 104 -15.99 7.58 5.01
CA GLY B 104 -15.17 6.40 5.14
C GLY B 104 -14.16 6.31 4.02
N LYS B 105 -12.98 5.78 4.35
CA LYS B 105 -11.90 5.63 3.38
C LYS B 105 -11.81 4.21 2.85
N LYS B 106 -11.62 3.24 3.74
CA LYS B 106 -11.54 1.83 3.34
C LYS B 106 -12.04 0.98 4.51
N SER B 107 -13.33 0.67 4.48
CA SER B 107 -13.95 -0.13 5.52
C SER B 107 -14.12 -1.57 5.04
N VAL B 108 -13.99 -2.50 5.97
CA VAL B 108 -14.11 -3.92 5.65
C VAL B 108 -15.27 -4.50 6.43
N ALA B 109 -15.92 -5.49 5.83
CA ALA B 109 -17.02 -6.22 6.44
C ALA B 109 -16.51 -7.62 6.72
N HIS B 110 -16.08 -7.85 7.95
CA HIS B 110 -15.44 -9.10 8.32
C HIS B 110 -16.30 -10.30 7.94
N ASN B 111 -15.67 -11.29 7.33
CA ASN B 111 -16.33 -12.55 6.99
C ASN B 111 -15.46 -13.72 7.41
N MET B 112 -14.95 -13.67 8.63
CA MET B 112 -14.16 -14.74 9.23
C MET B 112 -14.93 -15.29 10.42
N THR B 113 -15.22 -16.59 10.43
CA THR B 113 -14.95 -17.53 9.36
C THR B 113 -16.04 -17.48 8.30
N MET B 114 -17.28 -17.37 8.76
CA MET B 114 -18.44 -17.20 7.88
C MET B 114 -18.76 -15.71 7.92
N PRO B 115 -19.51 -15.14 6.96
CA PRO B 115 -19.81 -13.70 6.94
C PRO B 115 -20.35 -13.26 8.29
N ASN B 116 -19.75 -12.21 8.85
CA ASN B 116 -20.14 -11.76 10.18
C ASN B 116 -21.38 -10.91 10.00
N LYS B 117 -22.53 -11.55 10.13
CA LYS B 117 -23.81 -10.87 9.99
C LYS B 117 -24.83 -11.62 10.81
N LEU B 118 -26.01 -11.01 10.92
CA LEU B 118 -27.05 -11.58 11.75
C LEU B 118 -28.38 -11.02 11.27
N LEU B 119 -29.37 -11.89 11.17
CA LEU B 119 -30.68 -11.50 10.67
C LEU B 119 -31.72 -12.20 11.53
N ARG B 120 -32.59 -11.42 12.16
CA ARG B 120 -33.67 -11.93 13.00
C ARG B 120 -34.98 -11.38 12.46
N ILE B 121 -35.85 -12.28 12.00
CA ILE B 121 -37.16 -11.91 11.48
C ILE B 121 -38.19 -12.13 12.57
N THR B 122 -38.67 -11.05 13.17
CA THR B 122 -39.78 -11.15 14.11
C THR B 122 -41.06 -11.54 13.38
N GLU B 123 -42.02 -12.06 14.15
CA GLU B 123 -43.24 -12.61 13.55
C GLU B 123 -44.15 -11.55 12.96
N ASP B 124 -44.00 -10.29 13.38
CA ASP B 124 -44.83 -9.21 12.85
C ASP B 124 -44.16 -8.48 11.70
N GLY B 125 -43.06 -9.00 11.17
CA GLY B 125 -42.39 -8.41 10.03
C GLY B 125 -41.17 -7.59 10.37
N THR B 126 -40.96 -7.28 11.65
CA THR B 126 -39.83 -6.44 12.03
C THR B 126 -38.52 -7.21 11.86
N LEU B 127 -37.58 -6.62 11.13
CA LEU B 127 -36.29 -7.24 10.88
C LEU B 127 -35.23 -6.61 11.76
N LEU B 128 -34.24 -7.42 12.14
CA LEU B 128 -33.04 -6.93 12.80
C LEU B 128 -31.85 -7.45 12.05
N TYR B 129 -30.98 -6.55 11.60
CA TYR B 129 -29.88 -6.87 10.71
C TYR B 129 -28.62 -6.26 11.30
N THR B 130 -27.70 -7.11 11.77
CA THR B 130 -26.51 -6.66 12.47
C THR B 130 -25.28 -7.08 11.69
N MET B 131 -24.33 -6.16 11.55
CA MET B 131 -23.06 -6.39 10.90
C MET B 131 -21.93 -6.07 11.85
N ARG B 132 -20.78 -6.70 11.64
CA ARG B 132 -19.56 -6.35 12.35
C ARG B 132 -18.56 -5.82 11.33
N LEU B 133 -18.12 -4.57 11.52
CA LEU B 133 -17.32 -3.97 10.46
C LEU B 133 -16.35 -2.94 11.02
N THR B 134 -15.18 -2.88 10.41
CA THR B 134 -14.15 -1.91 10.74
C THR B 134 -14.19 -0.78 9.72
N VAL B 135 -14.39 0.44 10.20
CA VAL B 135 -14.49 1.63 9.37
C VAL B 135 -13.24 2.47 9.58
N ARG B 136 -12.56 2.81 8.49
CA ARG B 136 -11.39 3.69 8.55
C ARG B 136 -11.82 5.06 8.05
N ALA B 137 -12.35 5.86 8.96
CA ALA B 137 -12.99 7.11 8.57
C ALA B 137 -11.99 8.26 8.57
N GLU B 138 -12.43 9.39 8.02
CA GLU B 138 -11.63 10.60 7.98
C GLU B 138 -11.92 11.47 9.19
N CYS B 139 -10.94 12.30 9.55
CA CYS B 139 -11.07 13.20 10.70
C CYS B 139 -10.15 14.38 10.48
N PRO B 140 -10.61 15.40 9.77
CA PRO B 140 -9.75 16.57 9.54
C PRO B 140 -9.44 17.26 10.86
N MET B 141 -8.17 17.56 11.06
CA MET B 141 -7.69 18.12 12.32
C MET B 141 -7.05 19.49 12.08
N HIS B 142 -7.27 20.39 13.02
CA HIS B 142 -6.61 21.70 13.04
C HIS B 142 -5.56 21.62 14.14
N LEU B 143 -4.28 21.65 13.74
CA LEU B 143 -3.18 21.37 14.64
C LEU B 143 -2.46 22.65 15.05
N GLU B 144 -3.18 23.73 15.29
CA GLU B 144 -2.55 24.95 15.76
C GLU B 144 -2.19 24.87 17.24
N ASP B 145 -2.86 24.00 18.00
CA ASP B 145 -2.57 23.82 19.41
C ASP B 145 -1.76 22.55 19.68
N PHE B 146 -1.11 22.01 18.65
CA PHE B 146 -0.32 20.81 18.85
C PHE B 146 0.82 21.09 19.82
N PRO B 147 1.10 20.19 20.77
CA PRO B 147 0.44 18.92 21.07
C PRO B 147 -0.58 19.05 22.19
N MET B 148 -1.20 20.21 22.32
CA MET B 148 -2.21 20.46 23.34
C MET B 148 -3.55 20.71 22.70
N ASP B 149 -3.89 19.93 21.68
CA ASP B 149 -5.11 20.12 20.92
C ASP B 149 -6.16 19.09 21.31
N ALA B 150 -7.39 19.35 20.89
CA ALA B 150 -8.52 18.45 21.11
C ALA B 150 -9.34 18.41 19.82
N HIS B 151 -9.77 17.22 19.45
CA HIS B 151 -10.46 17.01 18.19
C HIS B 151 -11.85 16.44 18.42
N ALA B 152 -12.65 16.47 17.36
CA ALA B 152 -13.98 15.86 17.35
C ALA B 152 -14.07 15.08 16.04
N CYS B 153 -13.70 13.81 16.08
CA CYS B 153 -13.66 13.01 14.86
C CYS B 153 -15.06 12.53 14.51
N PRO B 154 -15.60 12.90 13.35
CA PRO B 154 -16.97 12.52 13.01
C PRO B 154 -17.06 11.14 12.37
N LEU B 155 -18.26 10.58 12.44
CA LEU B 155 -18.59 9.32 11.73
C LEU B 155 -19.98 9.51 11.15
N LYS B 156 -20.04 10.05 9.93
CA LYS B 156 -21.30 10.28 9.26
C LYS B 156 -21.66 9.08 8.40
N PHE B 157 -22.92 8.68 8.45
CA PHE B 157 -23.39 7.58 7.63
C PHE B 157 -24.84 7.86 7.24
N GLY B 158 -25.17 7.53 6.00
CA GLY B 158 -26.52 7.71 5.51
C GLY B 158 -26.83 6.65 4.48
N SER B 159 -27.83 6.88 3.66
CA SER B 159 -28.19 5.93 2.63
C SER B 159 -27.60 6.36 1.28
N TYR B 160 -27.43 5.39 0.41
CA TYR B 160 -27.05 5.61 -0.97
C TYR B 160 -28.25 5.31 -1.85
N ALA B 161 -28.58 6.22 -2.75
CA ALA B 161 -29.62 6.09 -3.76
C ALA B 161 -31.04 6.29 -3.23
N TYR B 162 -31.25 6.42 -1.91
CA TYR B 162 -32.59 6.61 -1.36
C TYR B 162 -32.64 7.96 -0.68
N THR B 163 -33.44 8.87 -1.23
CA THR B 163 -33.47 10.23 -0.72
C THR B 163 -34.28 10.27 0.57
N ARG B 164 -34.61 11.47 1.04
CA ARG B 164 -35.36 11.60 2.28
C ARG B 164 -36.82 11.20 2.10
N ALA B 165 -37.33 11.24 0.87
CA ALA B 165 -38.72 10.86 0.65
C ALA B 165 -38.93 9.36 0.73
N GLU B 166 -37.85 8.57 0.63
CA GLU B 166 -37.95 7.12 0.59
C GLU B 166 -37.45 6.45 1.85
N VAL B 167 -36.23 6.75 2.30
CA VAL B 167 -35.65 6.10 3.47
C VAL B 167 -35.18 7.18 4.44
N VAL B 168 -35.71 7.14 5.67
CA VAL B 168 -35.29 8.02 6.74
C VAL B 168 -34.69 7.17 7.85
N TYR B 169 -33.62 7.67 8.47
CA TYR B 169 -32.93 6.97 9.53
C TYR B 169 -33.34 7.54 10.88
N GLU B 170 -33.21 6.72 11.91
CA GLU B 170 -33.44 7.16 13.27
C GLU B 170 -32.61 6.31 14.22
N TRP B 171 -32.36 6.84 15.41
CA TRP B 171 -31.71 6.07 16.45
C TRP B 171 -32.75 5.23 17.17
N THR B 172 -32.37 4.02 17.55
CA THR B 172 -33.35 3.11 18.12
C THR B 172 -33.67 3.48 19.57
N ARG B 173 -32.64 3.72 20.38
CA ARG B 173 -32.83 4.20 21.73
C ARG B 173 -32.75 5.73 21.74
N GLU B 174 -32.78 6.32 22.92
CA GLU B 174 -32.59 7.76 23.01
C GLU B 174 -31.29 8.14 22.32
N PRO B 175 -31.25 9.23 21.56
CA PRO B 175 -30.02 9.57 20.84
C PRO B 175 -28.79 9.63 21.73
N ALA B 176 -28.96 9.90 23.03
CA ALA B 176 -27.80 9.91 23.91
C ALA B 176 -27.30 8.51 24.22
N ARG B 177 -28.20 7.52 24.23
CA ARG B 177 -27.85 6.16 24.61
C ARG B 177 -27.75 5.22 23.40
N SER B 178 -27.54 5.74 22.21
CA SER B 178 -27.48 4.89 21.02
C SER B 178 -26.06 4.41 20.74
N VAL B 179 -25.13 5.33 20.50
CA VAL B 179 -23.74 4.98 20.23
C VAL B 179 -23.09 4.62 21.55
N VAL B 180 -22.94 3.33 21.83
CA VAL B 180 -22.30 2.86 23.05
C VAL B 180 -20.87 2.47 22.73
N VAL B 181 -19.99 2.63 23.71
CA VAL B 181 -18.58 2.24 23.59
C VAL B 181 -18.28 1.20 24.66
N ALA B 182 -17.61 0.13 24.26
CA ALA B 182 -17.21 -0.87 25.24
C ALA B 182 -16.22 -0.26 26.23
N GLU B 183 -16.15 -0.88 27.41
CA GLU B 183 -15.26 -0.37 28.45
C GLU B 183 -13.81 -0.53 28.07
N ASP B 184 -13.37 -1.78 27.85
CA ASP B 184 -12.01 -2.05 27.43
C ASP B 184 -11.78 -1.80 25.95
N GLY B 185 -12.76 -1.24 25.25
CA GLY B 185 -12.63 -0.98 23.83
C GLY B 185 -11.98 0.35 23.54
N SER B 186 -10.66 0.42 23.72
CA SER B 186 -9.92 1.64 23.42
C SER B 186 -8.50 1.26 23.06
N ARG B 187 -8.16 1.44 21.78
CA ARG B 187 -6.81 1.24 21.29
C ARG B 187 -6.08 2.56 21.08
N LEU B 188 -6.51 3.62 21.77
CA LEU B 188 -5.90 4.93 21.61
C LEU B 188 -4.61 4.98 22.39
N ASN B 189 -3.48 4.95 21.68
CA ASN B 189 -2.19 5.04 22.36
C ASN B 189 -1.95 6.47 22.83
N GLN B 190 -2.18 7.44 21.96
CA GLN B 190 -1.78 8.83 22.19
C GLN B 190 -2.92 9.71 22.66
N TYR B 191 -4.15 9.46 22.21
CA TYR B 191 -5.28 10.31 22.52
C TYR B 191 -6.01 9.80 23.76
N ASP B 192 -7.15 10.42 24.06
CA ASP B 192 -7.95 10.07 25.22
C ASP B 192 -9.41 10.34 24.88
N LEU B 193 -10.20 9.29 24.75
CA LEU B 193 -11.59 9.46 24.33
C LEU B 193 -12.41 10.07 25.45
N LEU B 194 -13.04 11.20 25.18
CA LEU B 194 -13.84 11.90 26.19
C LEU B 194 -15.29 11.45 26.16
N GLY B 195 -15.94 11.49 25.00
CA GLY B 195 -17.31 11.07 24.91
C GLY B 195 -17.82 11.20 23.48
N GLN B 196 -18.97 10.58 23.25
CA GLN B 196 -19.63 10.61 21.96
C GLN B 196 -20.68 11.71 21.93
N THR B 197 -21.11 12.04 20.71
CA THR B 197 -22.13 13.07 20.53
C THR B 197 -22.79 12.83 19.18
N VAL B 198 -24.04 12.39 19.19
CA VAL B 198 -24.73 12.04 17.97
C VAL B 198 -25.59 13.21 17.52
N ASP B 199 -26.05 13.16 16.28
CA ASP B 199 -26.88 14.20 15.70
C ASP B 199 -27.45 13.66 14.40
N SER B 200 -28.58 14.23 13.99
CA SER B 200 -29.20 13.87 12.71
C SER B 200 -29.39 15.13 11.88
N GLY B 201 -29.16 15.01 10.57
CA GLY B 201 -29.30 16.14 9.69
C GLY B 201 -29.74 15.69 8.30
N ILE B 202 -29.80 16.65 7.39
CA ILE B 202 -30.28 16.42 6.04
C ILE B 202 -29.32 17.13 5.09
N VAL B 203 -28.61 16.36 4.29
CA VAL B 203 -27.64 16.91 3.36
C VAL B 203 -28.24 16.89 1.96
N GLN B 204 -27.70 17.71 1.07
CA GLN B 204 -28.18 17.82 -0.29
C GLN B 204 -27.04 17.54 -1.25
N SER B 205 -27.21 16.53 -2.09
CA SER B 205 -26.24 16.16 -3.10
C SER B 205 -26.79 16.52 -4.46
N SER B 206 -26.05 16.16 -5.51
CA SER B 206 -26.49 16.42 -6.87
C SER B 206 -27.63 15.51 -7.28
N THR B 207 -27.91 14.45 -6.52
CA THR B 207 -28.93 13.49 -6.86
C THR B 207 -30.22 13.67 -6.08
N GLY B 208 -30.16 14.23 -4.87
CA GLY B 208 -31.35 14.41 -4.08
C GLY B 208 -31.08 14.98 -2.71
N GLU B 209 -31.95 14.68 -1.75
CA GLU B 209 -31.87 15.20 -0.40
C GLU B 209 -31.88 14.00 0.55
N TYR B 210 -30.75 13.76 1.20
CA TYR B 210 -30.56 12.55 1.99
C TYR B 210 -30.51 12.87 3.48
N VAL B 211 -30.67 11.83 4.28
CA VAL B 211 -30.62 11.92 5.73
C VAL B 211 -29.27 11.40 6.19
N VAL B 212 -28.60 12.16 7.04
CA VAL B 212 -27.24 11.86 7.45
C VAL B 212 -27.22 11.77 8.97
N MET B 213 -26.78 10.63 9.49
CA MET B 213 -26.63 10.41 10.91
C MET B 213 -25.17 10.64 11.27
N THR B 214 -24.89 11.64 12.10
CA THR B 214 -23.55 12.04 12.45
C THR B 214 -23.24 11.60 13.87
N THR B 215 -21.99 11.19 14.08
CA THR B 215 -21.50 10.84 15.41
C THR B 215 -20.12 11.43 15.55
N HIS B 216 -19.91 12.22 16.60
CA HIS B 216 -18.63 12.83 16.89
C HIS B 216 -18.03 12.13 18.10
N PHE B 217 -16.74 11.83 18.01
CA PHE B 217 -15.99 11.29 19.14
C PHE B 217 -14.99 12.35 19.57
N HIS B 218 -15.14 12.84 20.80
CA HIS B 218 -14.29 13.92 21.29
C HIS B 218 -13.00 13.33 21.85
N LEU B 219 -11.88 13.69 21.25
CA LEU B 219 -10.57 13.21 21.63
C LEU B 219 -9.73 14.35 22.20
N LYS B 220 -8.82 14.01 23.09
CA LYS B 220 -7.97 14.97 23.77
C LYS B 220 -6.57 14.37 23.86
N ARG B 221 -5.61 14.98 23.18
CA ARG B 221 -4.28 14.40 23.13
C ARG B 221 -3.59 14.47 24.49
N LYS B 222 -2.77 13.47 24.76
CA LYS B 222 -1.98 13.42 25.98
C LYS B 222 -0.59 13.99 25.72
N ILE B 223 -0.20 14.96 26.55
CA ILE B 223 1.06 15.68 26.37
C ILE B 223 2.26 14.97 26.98
N GLY B 224 2.06 13.82 27.62
CA GLY B 224 3.15 13.22 28.38
C GLY B 224 4.37 12.92 27.54
N TYR B 225 4.16 12.32 26.36
CA TYR B 225 5.24 11.91 25.44
C TYR B 225 6.00 13.10 24.90
N PHE B 226 5.30 14.15 24.47
CA PHE B 226 5.94 15.30 23.86
C PHE B 226 6.72 16.11 24.88
N VAL B 227 6.26 16.15 26.13
CA VAL B 227 7.05 16.82 27.15
C VAL B 227 8.46 16.26 27.17
N ILE B 228 8.57 14.97 27.49
CA ILE B 228 9.89 14.37 27.70
C ILE B 228 10.69 14.34 26.40
N GLN B 229 10.04 14.25 25.24
CA GLN B 229 10.83 14.19 24.01
C GLN B 229 11.26 15.54 23.47
N THR B 230 10.48 16.60 23.67
CA THR B 230 10.84 17.91 23.13
C THR B 230 11.05 18.97 24.19
N TYR B 231 10.10 19.15 25.11
CA TYR B 231 10.18 20.31 26.01
C TYR B 231 11.29 20.14 27.03
N LEU B 232 11.54 18.93 27.52
CA LEU B 232 12.60 18.72 28.50
C LEU B 232 13.96 18.90 27.86
N PRO B 233 14.19 18.35 26.66
CA PRO B 233 15.48 18.61 26.00
C PRO B 233 15.64 20.07 25.56
N CYS B 234 14.58 20.73 25.13
CA CYS B 234 14.71 22.13 24.77
C CYS B 234 15.08 22.97 25.99
N ILE B 235 14.40 22.76 27.11
CA ILE B 235 14.73 23.52 28.32
C ILE B 235 16.14 23.18 28.78
N MET B 236 16.53 21.91 28.71
CA MET B 236 17.87 21.57 29.19
C MET B 236 18.94 22.10 28.26
N THR B 237 18.60 22.31 26.98
CA THR B 237 19.54 22.95 26.06
C THR B 237 19.63 24.44 26.37
N VAL B 238 18.50 25.07 26.68
CA VAL B 238 18.55 26.49 27.02
C VAL B 238 19.42 26.68 28.26
N ILE B 239 19.23 25.82 29.26
CA ILE B 239 20.03 25.92 30.48
C ILE B 239 21.51 25.68 30.16
N LEU B 240 21.78 24.70 29.29
CA LEU B 240 23.17 24.41 28.93
C LEU B 240 23.78 25.60 28.22
N SER B 241 22.99 26.31 27.41
CA SER B 241 23.53 27.48 26.74
C SER B 241 23.72 28.63 27.74
N GLN B 242 22.92 28.65 28.81
CA GLN B 242 23.04 29.72 29.80
C GLN B 242 24.15 29.48 30.82
N VAL B 243 24.63 28.24 30.96
CA VAL B 243 25.76 28.00 31.85
C VAL B 243 27.00 28.71 31.33
N SER B 244 27.16 28.76 30.01
CA SER B 244 28.34 29.34 29.40
C SER B 244 28.69 30.71 29.96
N PHE B 245 27.68 31.48 30.37
CA PHE B 245 27.98 32.83 30.88
C PHE B 245 28.92 32.75 32.07
N TRP B 246 28.69 31.77 32.95
CA TRP B 246 29.41 31.60 34.21
C TRP B 246 30.79 30.97 34.04
N LEU B 247 31.13 30.51 32.84
CA LEU B 247 32.49 30.08 32.53
C LEU B 247 33.47 31.25 32.47
N ASN B 248 34.72 30.95 32.81
CA ASN B 248 35.80 31.93 32.74
C ASN B 248 35.72 32.75 31.48
N ARG B 249 35.92 34.05 31.63
CA ARG B 249 35.88 34.99 30.52
C ARG B 249 37.08 34.86 29.60
N GLU B 250 38.17 34.23 30.07
CA GLU B 250 39.35 34.04 29.26
C GLU B 250 39.36 32.74 28.45
N SER B 251 38.48 31.79 28.80
CA SER B 251 38.41 30.47 28.13
C SER B 251 37.64 30.60 26.83
N VAL B 252 38.24 31.18 25.80
CA VAL B 252 37.57 31.39 24.49
C VAL B 252 37.17 30.03 23.92
N PRO B 253 38.08 29.04 23.78
CA PRO B 253 37.73 27.78 23.12
C PRO B 253 36.51 27.06 23.72
N ALA B 254 36.28 27.16 25.04
CA ALA B 254 35.18 26.45 25.73
C ALA B 254 33.82 27.08 25.42
N ARG B 255 33.67 28.40 25.60
CA ARG B 255 32.44 29.16 25.35
C ARG B 255 32.03 29.10 23.88
N THR B 256 32.99 28.95 22.98
CA THR B 256 32.62 28.84 21.57
C THR B 256 32.07 27.46 21.27
N VAL B 257 32.67 26.42 21.84
CA VAL B 257 32.15 25.08 21.65
C VAL B 257 30.74 25.01 22.24
N PHE B 258 30.55 25.58 23.43
CA PHE B 258 29.22 25.67 24.02
C PHE B 258 28.23 26.25 23.03
N GLY B 259 28.54 27.44 22.48
CA GLY B 259 27.60 28.09 21.59
C GLY B 259 27.30 27.24 20.36
N VAL B 260 28.35 26.78 19.69
CA VAL B 260 28.16 26.10 18.41
C VAL B 260 27.40 24.81 18.62
N THR B 261 27.69 24.11 19.72
CA THR B 261 26.97 22.87 19.97
C THR B 261 25.52 23.18 20.28
N THR B 262 25.26 23.92 21.36
CA THR B 262 23.89 24.20 21.72
C THR B 262 23.06 24.61 20.50
N VAL B 263 23.69 25.27 19.51
CA VAL B 263 22.95 25.60 18.30
C VAL B 263 22.75 24.36 17.43
N LEU B 264 23.79 23.54 17.25
CA LEU B 264 23.63 22.34 16.44
C LEU B 264 22.57 21.43 17.05
N THR B 265 22.61 21.27 18.37
CA THR B 265 21.63 20.47 19.07
C THR B 265 20.22 21.01 18.86
N MET B 266 20.04 22.33 19.02
CA MET B 266 18.73 22.90 18.81
C MET B 266 18.26 22.69 17.38
N THR B 267 19.16 22.70 16.41
CA THR B 267 18.77 22.47 15.02
C THR B 267 18.35 21.03 14.80
N THR B 268 19.15 20.08 15.29
CA THR B 268 18.82 18.69 15.05
C THR B 268 17.61 18.29 15.85
N LEU B 269 17.29 19.03 16.90
CA LEU B 269 16.12 18.76 17.70
C LEU B 269 14.90 19.47 17.13
N SER B 270 15.12 20.53 16.35
CA SER B 270 14.03 21.25 15.72
C SER B 270 13.62 20.54 14.44
N ILE B 271 14.48 19.66 13.95
CA ILE B 271 14.14 18.86 12.77
C ILE B 271 13.62 17.52 13.29
N SER B 272 14.17 17.03 14.41
CA SER B 272 13.70 15.77 14.96
C SER B 272 12.29 15.89 15.49
N ALA B 273 12.02 16.91 16.31
CA ALA B 273 10.67 17.11 16.81
C ALA B 273 9.72 17.44 15.67
N ARG B 274 10.20 18.16 14.65
CA ARG B 274 9.34 18.47 13.52
C ARG B 274 9.01 17.23 12.72
N ASN B 275 9.85 16.19 12.82
CA ASN B 275 9.63 14.96 12.08
C ASN B 275 8.41 14.18 12.57
N SER B 276 7.67 14.69 13.55
CA SER B 276 6.53 13.98 14.11
C SER B 276 5.20 14.35 13.46
N LEU B 277 5.03 15.61 13.11
CA LEU B 277 3.72 16.08 12.66
C LEU B 277 3.63 16.05 11.13
N PRO B 278 2.42 15.89 10.59
CA PRO B 278 2.24 16.03 9.13
C PRO B 278 2.71 17.38 8.61
N LYS B 279 2.66 17.53 7.28
CA LYS B 279 3.14 18.73 6.61
C LYS B 279 2.04 19.79 6.55
N VAL B 280 1.80 20.43 7.70
CA VAL B 280 0.81 21.50 7.74
C VAL B 280 1.51 22.81 7.40
N ALA B 281 0.71 23.79 6.98
CA ALA B 281 1.24 25.05 6.48
C ALA B 281 1.19 26.17 7.50
N TYR B 282 0.92 25.86 8.76
CA TYR B 282 0.94 26.84 9.83
C TYR B 282 1.91 26.40 10.92
N ALA B 283 2.10 27.28 11.89
CA ALA B 283 3.05 27.04 12.98
C ALA B 283 2.27 26.59 14.21
N THR B 284 2.63 25.43 14.73
CA THR B 284 1.97 24.87 15.90
C THR B 284 2.48 25.57 17.16
N ALA B 285 2.10 25.04 18.33
CA ALA B 285 2.59 25.60 19.58
C ALA B 285 3.99 25.10 19.88
N MET B 286 4.24 23.81 19.66
CA MET B 286 5.58 23.29 19.87
C MET B 286 6.58 24.01 18.98
N ASP B 287 6.16 24.46 17.81
CA ASP B 287 7.08 25.16 16.91
C ASP B 287 7.37 26.57 17.41
N TRP B 288 6.42 27.17 18.13
CA TRP B 288 6.70 28.46 18.77
C TRP B 288 7.64 28.28 19.93
N PHE B 289 7.43 27.24 20.73
CA PHE B 289 8.34 26.98 21.83
C PHE B 289 9.76 26.74 21.31
N ILE B 290 9.89 25.95 20.25
CA ILE B 290 11.20 25.66 19.70
C ILE B 290 11.83 26.92 19.13
N ALA B 291 11.04 27.78 18.48
CA ALA B 291 11.59 29.02 17.94
C ALA B 291 12.09 29.93 19.06
N VAL B 292 11.35 30.00 20.17
CA VAL B 292 11.78 30.87 21.26
C VAL B 292 13.04 30.32 21.91
N CYS B 293 13.12 29.00 22.07
CA CYS B 293 14.34 28.43 22.63
C CYS B 293 15.53 28.67 21.71
N TYR B 294 15.30 28.56 20.40
CA TYR B 294 16.37 28.78 19.44
C TYR B 294 16.84 30.23 19.51
N ALA B 295 15.89 31.15 19.75
CA ALA B 295 16.24 32.55 19.93
C ALA B 295 17.12 32.73 21.16
N PHE B 296 16.65 32.22 22.31
CA PHE B 296 17.44 32.32 23.53
C PHE B 296 18.87 31.82 23.29
N VAL B 297 19.00 30.66 22.64
CA VAL B 297 20.33 30.10 22.41
C VAL B 297 21.18 31.07 21.61
N PHE B 298 20.61 31.60 20.51
CA PHE B 298 21.39 32.48 19.66
C PHE B 298 21.64 33.84 20.31
N SER B 299 20.90 34.17 21.37
CA SER B 299 21.19 35.39 22.11
C SER B 299 22.32 35.15 23.08
N ALA B 300 22.36 33.98 23.70
CA ALA B 300 23.49 33.68 24.58
C ALA B 300 24.78 33.63 23.75
N LEU B 301 24.69 33.06 22.55
CA LEU B 301 25.85 33.05 21.67
C LEU B 301 26.25 34.47 21.30
N ILE B 302 25.32 35.24 20.71
CA ILE B 302 25.62 36.62 20.31
C ILE B 302 26.17 37.40 21.49
N GLU B 303 25.93 36.93 22.71
CA GLU B 303 26.32 37.70 23.88
C GLU B 303 27.73 37.35 24.28
N PHE B 304 28.09 36.08 24.11
CA PHE B 304 29.49 35.71 24.30
C PHE B 304 30.34 36.36 23.23
N ALA B 305 29.83 36.42 21.99
CA ALA B 305 30.56 37.06 20.92
C ALA B 305 30.75 38.55 21.21
N THR B 306 29.71 39.22 21.72
CA THR B 306 29.86 40.62 22.06
C THR B 306 30.89 40.81 23.17
N VAL B 307 30.84 39.97 24.21
CA VAL B 307 31.80 40.08 25.28
C VAL B 307 33.22 39.90 24.75
N ASN B 308 33.42 38.90 23.88
CA ASN B 308 34.74 38.65 23.34
C ASN B 308 35.19 39.72 22.36
N TYR B 309 34.26 40.49 21.79
CA TYR B 309 34.67 41.62 20.96
C TYR B 309 34.92 42.89 21.75
N PHE B 310 34.36 42.98 22.95
CA PHE B 310 34.55 44.14 23.81
C PHE B 310 35.68 43.96 24.80
N THR B 311 36.15 42.73 25.00
CA THR B 311 37.25 42.50 25.90
C THR B 311 38.55 42.97 25.23
N LYS B 312 39.51 43.34 26.06
CA LYS B 312 40.80 43.90 25.66
C LYS B 312 40.66 45.34 25.17
N SER B 313 39.50 45.96 25.40
CA SER B 313 39.27 47.33 24.99
C SER B 313 38.53 48.08 26.09
N GLN B 314 37.32 47.62 26.41
CA GLN B 314 36.61 48.00 27.62
C GLN B 314 36.23 46.73 28.36
N PRO B 315 37.11 46.24 29.24
CA PRO B 315 36.73 45.09 30.08
C PRO B 315 35.66 45.43 31.11
N ALA B 316 35.46 46.71 31.42
CA ALA B 316 34.37 47.10 32.31
C ALA B 316 33.02 46.86 31.64
N ARG B 317 32.88 47.27 30.38
CA ARG B 317 31.62 47.06 29.68
C ARG B 317 31.33 45.57 29.51
N ALA B 318 32.36 44.79 29.24
CA ALA B 318 32.20 43.35 29.12
C ALA B 318 31.74 42.75 30.43
N ALA B 319 32.40 43.12 31.54
CA ALA B 319 32.01 42.60 32.84
C ALA B 319 30.58 42.99 33.19
N LYS B 320 30.19 44.23 32.85
CA LYS B 320 28.85 44.68 33.16
C LYS B 320 27.80 43.88 32.39
N ILE B 321 28.01 43.72 31.08
CA ILE B 321 27.01 43.00 30.31
C ILE B 321 26.96 41.53 30.69
N ASP B 322 28.09 40.92 31.04
CA ASP B 322 28.04 39.53 31.48
C ASP B 322 27.29 39.41 32.80
N ARG B 323 27.63 40.26 33.78
CA ARG B 323 26.96 40.23 35.07
C ARG B 323 25.49 40.55 34.95
N LEU B 324 25.07 41.16 33.84
CA LEU B 324 23.67 41.48 33.65
C LEU B 324 22.95 40.31 32.98
N SER B 325 23.45 39.90 31.81
CA SER B 325 22.86 38.75 31.12
C SER B 325 22.65 37.57 32.06
N ARG B 326 23.62 37.32 32.96
CA ARG B 326 23.51 36.18 33.86
C ARG B 326 22.20 36.16 34.64
N ILE B 327 21.55 37.31 34.80
CA ILE B 327 20.28 37.41 35.49
C ILE B 327 19.14 37.62 34.50
N ALA B 328 19.36 38.50 33.52
CA ALA B 328 18.30 38.82 32.57
C ALA B 328 17.77 37.55 31.91
N PHE B 329 18.66 36.72 31.36
CA PHE B 329 18.20 35.56 30.59
C PHE B 329 17.29 34.64 31.41
N PRO B 330 17.69 34.15 32.57
CA PRO B 330 16.78 33.29 33.36
C PRO B 330 15.41 33.87 33.63
N LEU B 331 15.31 35.15 33.96
CA LEU B 331 14.00 35.69 34.31
C LEU B 331 13.11 35.78 33.08
N LEU B 332 13.69 36.09 31.92
CA LEU B 332 12.86 36.22 30.74
C LEU B 332 12.44 34.85 30.25
N PHE B 333 13.25 33.82 30.51
CA PHE B 333 12.85 32.49 30.08
C PHE B 333 11.84 31.90 31.05
N GLY B 334 11.92 32.27 32.33
CA GLY B 334 10.92 31.83 33.27
C GLY B 334 9.56 32.46 33.00
N ILE B 335 9.53 33.76 32.72
CA ILE B 335 8.25 34.37 32.44
C ILE B 335 7.72 33.91 31.10
N PHE B 336 8.59 33.59 30.14
CA PHE B 336 8.11 33.05 28.88
C PHE B 336 7.47 31.68 29.09
N ASN B 337 8.11 30.81 29.86
CA ASN B 337 7.50 29.51 30.15
C ASN B 337 6.16 29.68 30.85
N LEU B 338 6.10 30.57 31.85
CA LEU B 338 4.85 30.79 32.55
C LEU B 338 3.76 31.22 31.58
N VAL B 339 4.03 32.24 30.77
CA VAL B 339 3.02 32.75 29.84
C VAL B 339 2.60 31.65 28.87
N TYR B 340 3.56 30.91 28.32
CA TYR B 340 3.27 29.92 27.30
C TYR B 340 2.37 28.82 27.86
N TRP B 341 2.78 28.22 28.97
CA TRP B 341 1.97 27.15 29.53
C TRP B 341 0.62 27.67 30.00
N ALA B 342 0.55 28.90 30.49
CA ALA B 342 -0.74 29.43 30.92
C ALA B 342 -1.67 29.65 29.75
N THR B 343 -1.15 30.12 28.62
CA THR B 343 -2.01 30.40 27.47
C THR B 343 -2.36 29.15 26.68
N TYR B 344 -1.60 28.07 26.82
CA TYR B 344 -1.89 26.87 26.06
C TYR B 344 -2.48 25.73 26.89
N LEU B 345 -2.53 25.87 28.22
CA LEU B 345 -3.23 24.90 29.05
C LEU B 345 -4.64 25.32 29.41
N ASN B 346 -5.02 26.57 29.16
CA ASN B 346 -6.36 27.04 29.48
C ASN B 346 -7.36 26.75 28.37
N ARG B 347 -6.92 26.69 27.12
CA ARG B 347 -7.81 26.43 26.01
C ARG B 347 -8.39 25.02 26.12
N SER C 7 -52.08 -4.47 -5.91
CA SER C 7 -51.42 -3.48 -5.07
C SER C 7 -50.36 -2.73 -5.85
N ASN C 8 -49.93 -1.58 -5.32
CA ASN C 8 -48.91 -0.79 -5.99
C ASN C 8 -47.59 -1.55 -6.05
N MET C 9 -47.26 -2.29 -4.98
CA MET C 9 -46.01 -3.03 -4.95
C MET C 9 -46.01 -4.13 -6.00
N SER C 10 -47.13 -4.86 -6.13
CA SER C 10 -47.21 -5.90 -7.14
C SER C 10 -47.19 -5.31 -8.53
N LEU C 11 -47.81 -4.15 -8.72
CA LEU C 11 -47.77 -3.49 -10.02
C LEU C 11 -46.34 -3.14 -10.40
N VAL C 12 -45.58 -2.58 -9.46
CA VAL C 12 -44.20 -2.23 -9.76
C VAL C 12 -43.37 -3.48 -10.03
N LYS C 13 -43.60 -4.54 -9.25
CA LYS C 13 -42.83 -5.76 -9.48
C LYS C 13 -43.13 -6.34 -10.86
N GLU C 14 -44.40 -6.31 -11.27
CA GLU C 14 -44.74 -6.78 -12.61
C GLU C 14 -44.06 -5.94 -13.67
N THR C 15 -44.05 -4.62 -13.48
CA THR C 15 -43.39 -3.74 -14.43
C THR C 15 -41.91 -4.06 -14.55
N VAL C 16 -41.23 -4.25 -13.43
CA VAL C 16 -39.80 -4.51 -13.47
C VAL C 16 -39.53 -5.86 -14.11
N ASP C 17 -40.31 -6.87 -13.77
CA ASP C 17 -40.13 -8.19 -14.39
C ASP C 17 -40.36 -8.12 -15.89
N ARG C 18 -41.32 -7.31 -16.32
CA ARG C 18 -41.53 -7.15 -17.76
C ARG C 18 -40.34 -6.46 -18.41
N LEU C 19 -39.77 -5.46 -17.73
CA LEU C 19 -38.62 -4.76 -18.29
C LEU C 19 -37.45 -5.70 -18.48
N LEU C 20 -37.09 -6.44 -17.43
CA LEU C 20 -35.90 -7.29 -17.49
C LEU C 20 -36.12 -8.58 -18.26
N LYS C 21 -37.35 -8.88 -18.67
CA LYS C 21 -37.61 -10.08 -19.46
C LYS C 21 -37.29 -9.80 -20.92
N GLY C 22 -36.58 -10.72 -21.55
CA GLY C 22 -36.16 -10.51 -22.93
C GLY C 22 -35.17 -9.38 -23.08
N TYR C 23 -34.31 -9.18 -22.09
CA TYR C 23 -33.32 -8.11 -22.10
C TYR C 23 -31.96 -8.71 -22.39
N ASP C 24 -31.31 -8.21 -23.44
CA ASP C 24 -29.99 -8.69 -23.84
C ASP C 24 -28.94 -7.72 -23.31
N ILE C 25 -28.15 -8.18 -22.35
CA ILE C 25 -27.13 -7.33 -21.76
C ILE C 25 -25.92 -7.18 -22.67
N ARG C 26 -25.71 -8.11 -23.60
CA ARG C 26 -24.55 -8.02 -24.49
C ARG C 26 -24.65 -6.85 -25.46
N LEU C 27 -25.83 -6.32 -25.69
CA LEU C 27 -26.06 -5.29 -26.70
C LEU C 27 -26.35 -3.96 -26.01
N ARG C 28 -25.61 -2.94 -26.41
CA ARG C 28 -25.84 -1.60 -25.91
C ARG C 28 -27.15 -1.06 -26.48
N PRO C 29 -27.70 0.00 -25.88
CA PRO C 29 -28.88 0.63 -26.48
C PRO C 29 -28.57 1.11 -27.88
N ASP C 30 -29.50 0.87 -28.81
CA ASP C 30 -29.31 1.19 -30.21
C ASP C 30 -28.07 0.49 -30.76
N PHE C 31 -28.12 -0.84 -30.76
CA PHE C 31 -26.95 -1.61 -31.18
C PHE C 31 -26.66 -1.49 -32.66
N GLY C 32 -27.66 -1.15 -33.48
CA GLY C 32 -27.44 -1.04 -34.90
C GLY C 32 -27.74 0.35 -35.43
N GLY C 33 -27.67 1.36 -34.58
CA GLY C 33 -28.03 2.70 -34.96
C GLY C 33 -27.02 3.73 -34.49
N PRO C 34 -27.49 4.91 -34.12
CA PRO C 34 -26.57 5.98 -33.75
C PRO C 34 -25.94 5.70 -32.40
N PRO C 35 -24.86 6.40 -32.05
CA PRO C 35 -24.24 6.19 -30.75
C PRO C 35 -25.11 6.70 -29.63
N VAL C 36 -24.91 6.12 -28.46
CA VAL C 36 -25.65 6.52 -27.26
C VAL C 36 -24.85 7.61 -26.56
N ALA C 37 -25.56 8.56 -25.96
CA ALA C 37 -24.95 9.71 -25.31
C ALA C 37 -24.94 9.48 -23.80
N VAL C 38 -23.75 9.48 -23.22
CA VAL C 38 -23.57 9.19 -21.80
C VAL C 38 -23.10 10.46 -21.13
N GLY C 39 -23.94 11.04 -20.28
CA GLY C 39 -23.61 12.28 -19.58
C GLY C 39 -22.99 11.99 -18.24
N MET C 40 -21.85 12.63 -17.97
CA MET C 40 -21.05 12.37 -16.78
C MET C 40 -21.21 13.47 -15.75
N ASN C 41 -21.20 13.08 -14.48
CA ASN C 41 -21.11 13.99 -13.35
C ASN C 41 -20.09 13.45 -12.37
N ILE C 42 -19.42 14.34 -11.66
CA ILE C 42 -18.45 13.94 -10.66
C ILE C 42 -18.65 14.83 -9.44
N ASP C 43 -18.79 14.23 -8.28
CA ASP C 43 -18.91 14.98 -7.03
C ASP C 43 -17.70 14.57 -6.19
N ILE C 44 -16.61 15.32 -6.32
CA ILE C 44 -15.36 14.98 -5.67
C ILE C 44 -15.51 15.12 -4.16
N ALA C 45 -15.37 14.01 -3.43
CA ALA C 45 -15.48 14.03 -1.99
C ALA C 45 -14.19 14.52 -1.35
N SER C 46 -13.04 14.00 -1.78
CA SER C 46 -11.78 14.42 -1.21
C SER C 46 -10.63 14.00 -2.10
N ILE C 47 -9.52 14.73 -1.99
CA ILE C 47 -8.24 14.38 -2.60
C ILE C 47 -7.28 14.07 -1.46
N ASP C 48 -6.99 12.79 -1.25
CA ASP C 48 -6.37 12.38 0.00
C ASP C 48 -4.89 12.77 0.07
N MET C 49 -4.08 12.19 -0.81
CA MET C 49 -2.63 12.38 -0.71
C MET C 49 -2.05 12.59 -2.10
N VAL C 50 -1.13 13.55 -2.19
CA VAL C 50 -0.46 13.89 -3.45
C VAL C 50 1.01 13.56 -3.25
N SER C 51 1.40 12.36 -3.66
CA SER C 51 2.72 11.83 -3.35
C SER C 51 3.71 12.18 -4.46
N GLU C 52 4.85 12.74 -4.06
CA GLU C 52 5.92 13.04 -5.00
C GLU C 52 6.82 11.85 -5.25
N VAL C 53 6.76 10.82 -4.41
CA VAL C 53 7.65 9.68 -4.55
C VAL C 53 7.04 8.63 -5.48
N ASN C 54 5.72 8.53 -5.53
CA ASN C 54 5.03 7.66 -6.46
C ASN C 54 4.44 8.41 -7.64
N MET C 55 4.48 9.73 -7.62
CA MET C 55 3.94 10.54 -8.72
C MET C 55 2.47 10.21 -8.98
N ASP C 56 1.71 10.03 -7.90
CA ASP C 56 0.30 9.71 -7.99
C ASP C 56 -0.47 10.60 -7.03
N TYR C 57 -1.79 10.49 -7.07
CA TYR C 57 -2.66 11.18 -6.13
C TYR C 57 -3.98 10.43 -6.06
N THR C 58 -4.49 10.28 -4.84
CA THR C 58 -5.70 9.52 -4.58
C THR C 58 -6.88 10.46 -4.41
N LEU C 59 -7.94 10.22 -5.17
CA LEU C 59 -9.16 11.00 -5.04
C LEU C 59 -10.37 10.09 -4.95
N THR C 60 -11.29 10.46 -4.07
CA THR C 60 -12.54 9.76 -3.86
C THR C 60 -13.65 10.61 -4.46
N MET C 61 -14.48 10.01 -5.30
CA MET C 61 -15.49 10.75 -6.03
C MET C 61 -16.80 10.00 -6.08
N TYR C 62 -17.87 10.73 -6.36
CA TYR C 62 -19.19 10.17 -6.66
C TYR C 62 -19.34 10.32 -8.16
N PHE C 63 -18.96 9.27 -8.88
CA PHE C 63 -18.94 9.25 -10.34
C PHE C 63 -20.31 8.80 -10.85
N GLN C 64 -21.03 9.68 -11.53
CA GLN C 64 -22.39 9.37 -11.98
C GLN C 64 -22.47 9.44 -13.49
N GLN C 65 -23.16 8.49 -14.10
CA GLN C 65 -23.38 8.47 -15.54
C GLN C 65 -24.88 8.38 -15.80
N ALA C 66 -25.30 8.98 -16.91
CA ALA C 66 -26.71 9.05 -17.25
C ALA C 66 -26.87 8.82 -18.74
N TRP C 67 -27.54 7.73 -19.12
CA TRP C 67 -27.82 7.49 -20.53
C TRP C 67 -29.31 7.26 -20.70
N ARG C 68 -29.72 6.93 -21.93
CA ARG C 68 -31.13 6.72 -22.25
C ARG C 68 -31.29 5.37 -22.93
N ASP C 69 -31.82 4.40 -22.18
CA ASP C 69 -32.11 3.07 -22.71
C ASP C 69 -33.60 2.98 -23.01
N LYS C 70 -33.93 2.79 -24.28
CA LYS C 70 -35.34 2.74 -24.66
C LYS C 70 -36.01 1.45 -24.19
N ARG C 71 -35.23 0.40 -23.93
CA ARG C 71 -35.83 -0.86 -23.49
C ARG C 71 -36.29 -0.79 -22.04
N LEU C 72 -35.70 0.08 -21.24
CA LEU C 72 -36.13 0.27 -19.85
C LEU C 72 -37.09 1.46 -19.74
N SER C 73 -38.15 1.42 -20.53
CA SER C 73 -39.14 2.49 -20.56
C SER C 73 -40.49 1.93 -20.16
N TYR C 74 -41.11 2.55 -19.17
CA TYR C 74 -42.39 2.09 -18.64
C TYR C 74 -43.34 3.28 -18.55
N ASN C 75 -44.62 3.02 -18.78
CA ASN C 75 -45.66 4.04 -18.81
C ASN C 75 -46.88 3.56 -18.05
N VAL C 76 -46.65 2.86 -16.95
CA VAL C 76 -47.71 2.39 -16.08
C VAL C 76 -47.71 3.15 -14.75
N ILE C 77 -46.55 3.26 -14.12
CA ILE C 77 -46.42 3.96 -12.85
C ILE C 77 -45.80 5.32 -13.11
N PRO C 78 -46.18 6.37 -12.39
CA PRO C 78 -45.64 7.72 -12.67
C PRO C 78 -44.45 8.14 -11.80
N LEU C 79 -43.87 7.24 -11.01
CA LEU C 79 -42.80 7.59 -10.09
C LEU C 79 -41.45 7.14 -10.65
N ASN C 80 -40.40 7.87 -10.28
CA ASN C 80 -39.04 7.55 -10.68
C ASN C 80 -38.55 6.39 -9.85
N LEU C 81 -38.50 5.20 -10.45
CA LEU C 81 -38.13 4.01 -9.71
C LEU C 81 -36.68 4.09 -9.23
N THR C 82 -36.46 3.63 -8.00
CA THR C 82 -35.11 3.46 -7.45
C THR C 82 -35.01 2.01 -7.03
N LEU C 83 -34.20 1.24 -7.76
CA LEU C 83 -34.07 -0.18 -7.52
C LEU C 83 -32.85 -0.47 -6.64
N ASP C 84 -32.78 -1.69 -6.14
CA ASP C 84 -31.63 -2.11 -5.37
C ASP C 84 -30.38 -2.02 -6.24
N ASN C 85 -29.23 -1.85 -5.59
CA ASN C 85 -27.99 -1.72 -6.34
C ASN C 85 -27.54 -3.01 -6.98
N ARG C 86 -28.26 -4.10 -6.79
CA ARG C 86 -27.87 -5.37 -7.37
C ARG C 86 -28.51 -5.63 -8.73
N VAL C 87 -29.48 -4.81 -9.13
CA VAL C 87 -30.06 -4.94 -10.47
C VAL C 87 -29.15 -4.38 -11.54
N ALA C 88 -28.12 -3.62 -11.16
CA ALA C 88 -27.18 -3.10 -12.14
C ALA C 88 -26.37 -4.20 -12.80
N ASP C 89 -26.35 -5.40 -12.23
CA ASP C 89 -25.71 -6.54 -12.86
C ASP C 89 -26.56 -7.16 -13.95
N GLN C 90 -27.74 -6.62 -14.22
CA GLN C 90 -28.64 -7.16 -15.22
C GLN C 90 -29.01 -6.14 -16.28
N LEU C 91 -28.49 -4.91 -16.18
CA LEU C 91 -28.66 -3.89 -17.19
C LEU C 91 -27.36 -3.75 -17.96
N TRP C 92 -27.37 -2.89 -18.97
CA TRP C 92 -26.18 -2.52 -19.70
C TRP C 92 -25.65 -1.20 -19.14
N VAL C 93 -24.38 -1.17 -18.79
CA VAL C 93 -23.76 0.04 -18.28
C VAL C 93 -22.49 0.31 -19.10
N PRO C 94 -22.19 1.56 -19.43
CA PRO C 94 -21.08 1.82 -20.33
C PRO C 94 -19.75 1.40 -19.74
N ASP C 95 -18.84 1.00 -20.62
CA ASP C 95 -17.55 0.44 -20.22
C ASP C 95 -16.53 1.54 -19.98
N THR C 96 -16.83 2.39 -19.00
CA THR C 96 -15.98 3.53 -18.70
C THR C 96 -14.80 3.10 -17.84
N TYR C 97 -13.61 3.60 -18.17
CA TYR C 97 -12.41 3.31 -17.42
C TYR C 97 -11.54 4.56 -17.38
N PHE C 98 -10.80 4.70 -16.30
CA PHE C 98 -9.86 5.80 -16.15
C PHE C 98 -8.50 5.37 -16.67
N LEU C 99 -7.97 6.11 -17.65
CA LEU C 99 -6.78 5.63 -18.33
C LEU C 99 -5.55 5.69 -17.44
N ASN C 100 -5.46 6.67 -16.56
CA ASN C 100 -4.25 6.90 -15.78
C ASN C 100 -4.44 6.52 -14.31
N ASP C 101 -5.25 5.51 -14.03
CA ASP C 101 -5.40 5.03 -12.67
C ASP C 101 -4.47 3.86 -12.45
N LYS C 102 -4.11 3.65 -11.20
CA LYS C 102 -3.21 2.57 -10.80
C LYS C 102 -3.87 1.58 -9.87
N LYS C 103 -4.71 2.05 -8.95
CA LYS C 103 -5.39 1.17 -8.01
C LYS C 103 -6.68 1.86 -7.59
N SER C 104 -7.82 1.26 -7.93
CA SER C 104 -9.11 1.87 -7.64
C SER C 104 -10.11 0.79 -7.24
N PHE C 105 -11.19 1.22 -6.59
CA PHE C 105 -12.20 0.30 -6.10
C PHE C 105 -13.49 1.05 -5.83
N VAL C 106 -14.61 0.36 -6.02
CA VAL C 106 -15.91 0.86 -5.56
C VAL C 106 -16.09 0.45 -4.11
N HIS C 107 -16.38 1.42 -3.25
CA HIS C 107 -16.50 1.14 -1.83
C HIS C 107 -17.63 0.14 -1.60
N GLY C 108 -17.34 -0.88 -0.79
CA GLY C 108 -18.28 -1.98 -0.63
C GLY C 108 -18.78 -2.17 0.78
N VAL C 109 -19.07 -1.08 1.50
CA VAL C 109 -19.59 -1.15 2.85
C VAL C 109 -20.65 -0.08 3.01
N THR C 110 -21.84 -0.45 3.52
CA THR C 110 -22.16 -1.80 3.99
C THR C 110 -22.58 -2.71 2.84
N VAL C 111 -22.86 -2.11 1.69
CA VAL C 111 -23.08 -2.83 0.45
C VAL C 111 -22.19 -2.22 -0.63
N LYS C 112 -22.28 -2.77 -1.83
CA LYS C 112 -21.59 -2.17 -2.96
C LYS C 112 -22.15 -0.78 -3.20
N ASN C 113 -21.33 0.26 -3.00
CA ASN C 113 -21.81 1.64 -3.03
C ASN C 113 -22.08 2.01 -4.48
N ARG C 114 -23.25 1.63 -4.98
CA ARG C 114 -23.69 2.09 -6.28
C ARG C 114 -25.19 2.36 -6.24
N MET C 115 -25.62 3.23 -7.14
CA MET C 115 -26.99 3.69 -7.26
C MET C 115 -27.46 3.45 -8.67
N ILE C 116 -28.63 2.82 -8.82
CA ILE C 116 -29.29 2.69 -10.10
C ILE C 116 -30.66 3.34 -9.97
N ARG C 117 -31.07 4.12 -10.97
CA ARG C 117 -32.28 4.90 -10.85
C ARG C 117 -32.88 5.10 -12.24
N LEU C 118 -33.96 4.38 -12.52
CA LEU C 118 -34.66 4.51 -13.79
C LEU C 118 -35.56 5.74 -13.80
N HIS C 119 -36.13 6.01 -14.97
CA HIS C 119 -37.09 7.06 -15.18
C HIS C 119 -38.14 6.55 -16.16
N PRO C 120 -39.37 7.07 -16.11
CA PRO C 120 -40.44 6.52 -16.95
C PRO C 120 -40.22 6.68 -18.45
N ASP C 121 -39.20 7.41 -18.88
CA ASP C 121 -38.94 7.58 -20.31
C ASP C 121 -37.73 6.80 -20.78
N GLY C 122 -37.15 5.96 -19.93
CA GLY C 122 -35.99 5.16 -20.28
C GLY C 122 -34.68 5.68 -19.73
N THR C 123 -34.62 6.95 -19.33
CA THR C 123 -33.38 7.49 -18.81
C THR C 123 -32.92 6.69 -17.60
N VAL C 124 -31.63 6.35 -17.59
CA VAL C 124 -31.02 5.60 -16.50
C VAL C 124 -29.93 6.46 -15.90
N LEU C 125 -29.93 6.56 -14.58
CA LEU C 125 -28.86 7.17 -13.81
C LEU C 125 -28.15 6.07 -13.04
N TYR C 126 -26.83 6.19 -12.94
CA TYR C 126 -25.99 5.10 -12.43
C TYR C 126 -24.77 5.72 -11.77
N GLY C 127 -24.73 5.70 -10.45
CA GLY C 127 -23.67 6.33 -9.69
C GLY C 127 -22.82 5.31 -8.95
N LEU C 128 -21.54 5.62 -8.82
CA LEU C 128 -20.60 4.83 -8.03
C LEU C 128 -19.84 5.76 -7.10
N ARG C 129 -19.21 5.17 -6.10
CA ARG C 129 -18.35 5.88 -5.16
C ARG C 129 -16.95 5.29 -5.30
N ILE C 130 -16.13 5.92 -6.12
CA ILE C 130 -14.86 5.37 -6.53
C ILE C 130 -13.74 6.06 -5.77
N THR C 131 -12.61 5.36 -5.62
CA THR C 131 -11.39 5.91 -5.00
C THR C 131 -10.21 5.55 -5.89
N THR C 132 -9.88 6.43 -6.83
CA THR C 132 -8.82 6.18 -7.80
C THR C 132 -7.50 6.78 -7.35
N THR C 133 -6.43 5.99 -7.44
CA THR C 133 -5.07 6.47 -7.23
C THR C 133 -4.46 6.77 -8.61
N ALA C 134 -4.80 7.93 -9.16
CA ALA C 134 -4.36 8.27 -10.50
C ALA C 134 -2.88 8.64 -10.51
N ALA C 135 -2.29 8.62 -11.71
CA ALA C 135 -0.88 8.93 -11.90
C ALA C 135 -0.71 10.42 -12.18
N CYS C 136 0.24 11.04 -11.49
CA CYS C 136 0.47 12.48 -11.53
C CYS C 136 1.95 12.75 -11.76
N MET C 137 2.37 12.78 -13.02
CA MET C 137 3.78 13.03 -13.33
C MET C 137 4.10 14.50 -13.11
N MET C 138 5.03 14.77 -12.21
CA MET C 138 5.32 16.11 -11.73
C MET C 138 6.66 16.60 -12.27
N ASP C 139 6.72 17.89 -12.59
CA ASP C 139 7.96 18.57 -12.98
C ASP C 139 8.48 19.30 -11.75
N LEU C 140 9.48 18.73 -11.09
CA LEU C 140 9.99 19.25 -9.83
C LEU C 140 11.19 20.17 -10.01
N ARG C 141 11.31 20.85 -11.15
CA ARG C 141 12.44 21.75 -11.35
C ARG C 141 12.31 23.05 -10.55
N ARG C 142 11.15 23.30 -9.95
CA ARG C 142 10.95 24.47 -9.11
C ARG C 142 10.61 24.10 -7.68
N TYR C 143 10.62 22.82 -7.36
CA TYR C 143 10.21 22.35 -6.04
C TYR C 143 10.97 23.11 -4.96
N PRO C 144 10.29 23.59 -3.90
CA PRO C 144 8.86 23.49 -3.59
C PRO C 144 8.02 24.66 -4.10
N LEU C 145 8.59 25.50 -4.97
CA LEU C 145 7.85 26.62 -5.55
C LEU C 145 7.25 26.25 -6.90
N ASP C 146 6.48 25.17 -6.94
CA ASP C 146 6.00 24.60 -8.19
C ASP C 146 4.48 24.51 -8.19
N GLU C 147 3.90 24.60 -9.39
CA GLU C 147 2.47 24.45 -9.61
C GLU C 147 2.26 23.20 -10.44
N GLN C 148 1.62 22.19 -9.85
CA GLN C 148 1.43 20.94 -10.55
C GLN C 148 0.11 20.93 -11.32
N ASN C 149 0.02 20.02 -12.28
CA ASN C 149 -1.15 19.90 -13.15
C ASN C 149 -1.24 18.44 -13.57
N CYS C 150 -2.10 17.68 -12.91
CA CYS C 150 -2.34 16.30 -13.30
C CYS C 150 -3.83 15.99 -13.32
N THR C 151 -4.21 15.19 -14.30
CA THR C 151 -5.58 15.06 -14.79
C THR C 151 -6.23 13.76 -14.30
N LEU C 152 -7.43 13.53 -14.83
CA LEU C 152 -8.17 12.27 -14.67
C LEU C 152 -8.90 12.04 -16.00
N GLU C 153 -8.31 11.21 -16.84
CA GLU C 153 -8.86 10.90 -18.16
C GLU C 153 -9.89 9.78 -18.06
N ILE C 154 -11.12 10.07 -18.48
CA ILE C 154 -12.25 9.15 -18.41
C ILE C 154 -12.58 8.75 -19.83
N GLU C 155 -12.26 7.51 -20.20
CA GLU C 155 -12.42 7.05 -21.57
C GLU C 155 -13.23 5.76 -21.59
N SER C 156 -13.94 5.54 -22.69
CA SER C 156 -14.67 4.30 -22.88
C SER C 156 -13.74 3.28 -23.51
N TYR C 157 -13.75 2.05 -22.99
CA TYR C 157 -12.79 1.06 -23.45
C TYR C 157 -13.24 0.40 -24.74
N GLY C 158 -14.38 -0.27 -24.72
CA GLY C 158 -14.77 -1.11 -25.83
C GLY C 158 -15.39 -0.37 -27.00
N TYR C 159 -16.09 0.72 -26.73
CA TYR C 159 -16.96 1.35 -27.73
C TYR C 159 -16.27 2.54 -28.36
N THR C 160 -16.17 2.54 -29.69
CA THR C 160 -15.59 3.64 -30.43
C THR C 160 -16.50 4.86 -30.35
N THR C 161 -16.07 5.94 -31.01
CA THR C 161 -16.84 7.16 -31.00
C THR C 161 -18.10 7.07 -31.86
N ASP C 162 -18.20 6.07 -32.73
CA ASP C 162 -19.44 5.83 -33.46
C ASP C 162 -20.35 4.85 -32.74
N ASP C 163 -20.12 4.62 -31.45
CA ASP C 163 -20.98 3.77 -30.64
C ASP C 163 -21.27 4.38 -29.28
N ILE C 164 -20.67 5.50 -28.91
CA ILE C 164 -20.90 6.11 -27.62
C ILE C 164 -20.39 7.54 -27.68
N GLU C 165 -20.98 8.41 -26.86
CA GLU C 165 -20.61 9.82 -26.84
C GLU C 165 -20.58 10.31 -25.40
N PHE C 166 -19.41 10.77 -24.96
CA PHE C 166 -19.24 11.29 -23.62
C PHE C 166 -19.39 12.80 -23.63
N TYR C 167 -20.11 13.31 -22.63
CA TYR C 167 -20.27 14.75 -22.49
C TYR C 167 -20.56 15.07 -21.03
N TRP C 168 -19.98 16.15 -20.53
CA TRP C 168 -20.26 16.58 -19.18
C TRP C 168 -21.69 17.08 -19.07
N ARG C 169 -22.37 16.73 -17.98
CA ARG C 169 -23.76 17.11 -17.79
C ARG C 169 -23.80 18.46 -17.09
N GLY C 170 -24.09 19.51 -17.84
CA GLY C 170 -24.04 20.87 -17.33
C GLY C 170 -22.87 21.64 -17.90
N ASP C 171 -21.77 20.95 -18.11
CA ASP C 171 -20.59 21.46 -18.82
C ASP C 171 -19.81 22.47 -18.01
N ASP C 172 -20.37 22.97 -16.92
CA ASP C 172 -19.61 23.72 -15.93
C ASP C 172 -19.95 23.36 -14.49
N ASN C 173 -21.17 22.92 -14.21
CA ASN C 173 -21.55 22.40 -12.90
C ASN C 173 -21.49 20.89 -12.86
N ALA C 174 -20.79 20.26 -13.80
CA ALA C 174 -20.65 18.81 -13.78
C ALA C 174 -19.81 18.37 -12.60
N VAL C 175 -18.67 19.01 -12.38
CA VAL C 175 -17.75 18.67 -11.30
C VAL C 175 -18.00 19.65 -10.16
N THR C 176 -18.50 19.13 -9.04
CA THR C 176 -18.75 19.94 -7.86
C THR C 176 -17.85 19.51 -6.72
N GLY C 177 -17.86 20.32 -5.66
CA GLY C 177 -17.10 20.01 -4.47
C GLY C 177 -15.62 20.26 -4.56
N VAL C 178 -15.17 21.06 -5.54
CA VAL C 178 -13.75 21.33 -5.65
C VAL C 178 -13.34 22.47 -4.74
N THR C 179 -14.20 23.46 -4.55
CA THR C 179 -13.89 24.59 -3.68
C THR C 179 -13.98 24.25 -2.20
N LYS C 180 -14.41 23.04 -1.84
CA LYS C 180 -14.42 22.60 -0.45
C LYS C 180 -13.27 21.66 -0.12
N ILE C 181 -12.48 21.27 -1.11
CA ILE C 181 -11.34 20.39 -0.89
C ILE C 181 -10.26 21.17 -0.16
N GLU C 182 -9.87 20.67 1.01
CA GLU C 182 -8.81 21.29 1.81
C GLU C 182 -7.63 20.33 1.86
N LEU C 183 -6.57 20.65 1.12
CA LEU C 183 -5.39 19.81 1.14
C LEU C 183 -4.41 20.31 2.19
N PRO C 184 -3.63 19.42 2.80
CA PRO C 184 -2.72 19.87 3.86
C PRO C 184 -1.54 20.66 3.33
N GLN C 185 -1.09 20.38 2.11
CA GLN C 185 0.08 21.03 1.54
C GLN C 185 -0.25 21.89 0.33
N PHE C 186 -0.93 21.34 -0.66
CA PHE C 186 -1.24 22.06 -1.89
C PHE C 186 -2.47 22.95 -1.67
N SER C 187 -2.95 23.54 -2.75
CA SER C 187 -4.15 24.37 -2.72
C SER C 187 -4.68 24.48 -4.13
N ILE C 188 -5.91 24.01 -4.36
CA ILE C 188 -6.45 23.96 -5.72
C ILE C 188 -6.60 25.38 -6.24
N VAL C 189 -5.94 25.66 -7.36
CA VAL C 189 -6.00 26.99 -7.97
C VAL C 189 -7.08 27.05 -9.05
N ASP C 190 -7.16 26.02 -9.90
CA ASP C 190 -8.12 26.01 -10.99
C ASP C 190 -8.40 24.57 -11.39
N TYR C 191 -9.56 24.36 -12.01
CA TYR C 191 -9.92 23.08 -12.59
C TYR C 191 -10.64 23.27 -13.90
N LYS C 192 -10.40 22.36 -14.85
CA LYS C 192 -10.95 22.45 -16.19
C LYS C 192 -11.51 21.11 -16.63
N LEU C 193 -12.57 21.17 -17.44
CA LEU C 193 -13.22 20.00 -18.02
C LEU C 193 -13.06 20.04 -19.53
N ILE C 194 -12.50 18.97 -20.09
CA ILE C 194 -12.20 18.91 -21.52
C ILE C 194 -12.89 17.70 -22.14
N THR C 195 -13.16 17.79 -23.44
CA THR C 195 -13.81 16.73 -24.20
C THR C 195 -13.07 16.52 -25.51
N LYS C 196 -12.49 15.33 -25.68
CA LYS C 196 -11.65 14.99 -26.83
C LYS C 196 -12.10 13.67 -27.43
N LYS C 197 -11.47 13.31 -28.56
CA LYS C 197 -11.65 12.00 -29.19
C LYS C 197 -10.27 11.46 -29.53
N VAL C 198 -9.71 10.63 -28.66
CA VAL C 198 -8.38 10.09 -28.88
C VAL C 198 -8.43 8.98 -29.92
N VAL C 199 -7.30 8.73 -30.56
CA VAL C 199 -7.20 7.76 -31.65
C VAL C 199 -6.17 6.71 -31.27
N PHE C 200 -6.61 5.46 -31.18
CA PHE C 200 -5.72 4.31 -31.03
C PHE C 200 -5.81 3.45 -32.27
N SER C 201 -4.91 2.46 -32.34
CA SER C 201 -4.84 1.60 -33.51
C SER C 201 -6.10 0.77 -33.71
N THR C 202 -7.03 0.79 -32.77
CA THR C 202 -8.27 0.04 -32.89
C THR C 202 -9.48 0.94 -33.13
N GLY C 203 -9.30 2.25 -33.20
CA GLY C 203 -10.40 3.13 -33.49
C GLY C 203 -10.17 4.51 -32.90
N SER C 204 -11.25 5.26 -32.77
CA SER C 204 -11.24 6.58 -32.17
C SER C 204 -12.26 6.61 -31.06
N TYR C 205 -11.80 6.72 -29.83
CA TYR C 205 -12.65 6.63 -28.66
C TYR C 205 -12.86 7.99 -28.02
N PRO C 206 -14.04 8.25 -27.46
CA PRO C 206 -14.27 9.52 -26.78
C PRO C 206 -13.51 9.59 -25.48
N ARG C 207 -13.31 10.81 -24.99
CA ARG C 207 -12.59 10.97 -23.75
C ARG C 207 -12.99 12.27 -23.09
N LEU C 208 -13.16 12.23 -21.78
CA LEU C 208 -13.30 13.42 -20.97
C LEU C 208 -12.06 13.57 -20.10
N SER C 209 -11.69 14.80 -19.79
CA SER C 209 -10.55 15.05 -18.93
C SER C 209 -10.97 16.00 -17.83
N LEU C 210 -10.65 15.65 -16.60
CA LEU C 210 -10.82 16.55 -15.47
C LEU C 210 -9.43 16.92 -14.97
N SER C 211 -9.10 18.21 -15.00
CA SER C 211 -7.74 18.67 -14.76
C SER C 211 -7.72 19.65 -13.61
N PHE C 212 -6.86 19.42 -12.63
CA PHE C 212 -6.65 20.36 -11.54
C PHE C 212 -5.35 21.14 -11.75
N LYS C 213 -5.15 22.14 -10.91
CA LYS C 213 -3.89 22.89 -10.88
C LYS C 213 -3.57 23.17 -9.42
N LEU C 214 -2.64 22.39 -8.87
CA LEU C 214 -2.29 22.47 -7.46
C LEU C 214 -1.05 23.33 -7.29
N LYS C 215 -1.17 24.39 -6.50
CA LYS C 215 -0.04 25.25 -6.16
C LYS C 215 0.42 24.88 -4.75
N ARG C 216 1.69 24.55 -4.62
CA ARG C 216 2.22 24.10 -3.33
C ARG C 216 2.42 25.27 -2.38
N ASN C 217 2.01 25.09 -1.13
CA ASN C 217 2.24 26.09 -0.10
C ASN C 217 3.69 26.02 0.37
N ILE C 218 4.26 27.19 0.66
CA ILE C 218 5.68 27.28 0.98
C ILE C 218 5.91 27.54 2.47
N GLY C 219 4.86 27.56 3.28
CA GLY C 219 5.06 27.78 4.71
C GLY C 219 5.82 26.65 5.36
N TYR C 220 5.45 25.41 5.03
CA TYR C 220 6.06 24.26 5.68
C TYR C 220 7.55 24.18 5.36
N PHE C 221 7.93 24.49 4.12
CA PHE C 221 9.33 24.40 3.75
C PHE C 221 10.15 25.55 4.31
N ILE C 222 9.58 26.76 4.29
CA ILE C 222 10.24 27.88 4.96
C ILE C 222 10.47 27.54 6.42
N LEU C 223 9.55 26.78 7.01
CA LEU C 223 9.70 26.41 8.42
C LEU C 223 10.74 25.31 8.61
N GLN C 224 10.81 24.36 7.68
CA GLN C 224 11.54 23.12 7.90
C GLN C 224 12.94 23.11 7.29
N THR C 225 13.10 23.63 6.06
CA THR C 225 14.36 23.44 5.35
C THR C 225 15.08 24.71 4.96
N TYR C 226 14.39 25.86 4.83
CA TYR C 226 15.10 27.08 4.51
C TYR C 226 15.68 27.74 5.75
N MET C 227 14.89 27.82 6.82
CA MET C 227 15.34 28.51 8.01
C MET C 227 16.53 27.82 8.65
N PRO C 228 16.57 26.50 8.80
CA PRO C 228 17.76 25.88 9.41
C PRO C 228 19.04 26.16 8.63
N SER C 229 19.00 26.11 7.30
CA SER C 229 20.19 26.41 6.52
C SER C 229 20.58 27.86 6.64
N ILE C 230 19.60 28.76 6.63
CA ILE C 230 19.91 30.18 6.75
C ILE C 230 20.58 30.46 8.08
N LEU C 231 20.02 29.93 9.16
CA LEU C 231 20.59 30.16 10.48
C LEU C 231 21.94 29.46 10.65
N ILE C 232 22.16 28.34 9.97
CA ILE C 232 23.48 27.71 10.03
C ILE C 232 24.50 28.60 9.34
N THR C 233 24.12 29.24 8.24
CA THR C 233 25.03 30.18 7.61
C THR C 233 25.31 31.38 8.52
N ILE C 234 24.26 31.89 9.18
CA ILE C 234 24.48 32.98 10.12
C ILE C 234 25.46 32.57 11.20
N LEU C 235 25.31 31.35 11.72
CA LEU C 235 26.26 30.86 12.72
C LEU C 235 27.67 30.80 12.15
N SER C 236 27.81 30.30 10.93
CA SER C 236 29.13 30.24 10.32
C SER C 236 29.76 31.61 10.24
N TRP C 237 28.95 32.65 10.05
CA TRP C 237 29.51 33.99 9.96
C TRP C 237 30.14 34.44 11.27
N VAL C 238 29.80 33.80 12.39
CA VAL C 238 30.37 34.20 13.68
C VAL C 238 31.88 34.05 13.68
N SER C 239 32.41 33.12 12.88
CA SER C 239 33.84 32.86 12.88
C SER C 239 34.69 34.08 12.52
N PHE C 240 34.07 35.18 12.09
CA PHE C 240 34.83 36.37 11.75
C PHE C 240 35.03 37.33 12.91
N TRP C 241 34.10 37.36 13.88
CA TRP C 241 34.26 38.23 15.03
C TRP C 241 35.24 37.67 16.05
N ILE C 242 35.52 36.37 16.02
CA ILE C 242 36.55 35.80 16.86
C ILE C 242 37.92 36.26 16.37
N ASN C 243 38.82 36.50 17.30
CA ASN C 243 40.18 36.88 16.92
C ASN C 243 40.84 35.77 16.11
N TYR C 244 41.65 36.18 15.14
CA TYR C 244 42.26 35.20 14.24
C TYR C 244 43.35 34.37 14.92
N ASP C 245 43.67 34.63 16.18
CA ASP C 245 44.62 33.79 16.89
C ASP C 245 43.99 32.49 17.36
N ALA C 246 42.68 32.48 17.58
CA ALA C 246 41.99 31.28 18.01
C ALA C 246 41.94 30.28 16.87
N SER C 247 42.61 29.15 17.02
CA SER C 247 42.71 28.16 15.96
C SER C 247 41.69 27.03 16.10
N ALA C 248 41.29 26.70 17.33
CA ALA C 248 40.32 25.64 17.54
C ALA C 248 38.89 26.14 17.36
N ALA C 249 38.57 27.28 17.96
CA ALA C 249 37.22 27.83 17.88
C ALA C 249 36.73 27.97 16.43
N ARG C 250 37.47 28.74 15.63
CA ARG C 250 37.06 29.00 14.26
C ARG C 250 36.94 27.71 13.46
N VAL C 251 37.89 26.81 13.63
CA VAL C 251 37.83 25.53 12.92
C VAL C 251 36.57 24.79 13.31
N ALA C 252 36.31 24.69 14.61
CA ALA C 252 35.09 24.07 15.09
C ALA C 252 33.90 24.62 14.32
N LEU C 253 33.78 25.95 14.32
CA LEU C 253 32.67 26.61 13.64
C LEU C 253 32.55 26.10 12.21
N GLY C 254 33.60 26.31 11.41
CA GLY C 254 33.49 26.00 9.99
C GLY C 254 33.24 24.53 9.72
N ILE C 255 33.73 23.64 10.58
CA ILE C 255 33.60 22.21 10.29
C ILE C 255 32.23 21.72 10.70
N THR C 256 31.75 22.17 11.86
CA THR C 256 30.41 21.81 12.27
C THR C 256 29.41 22.32 11.24
N THR C 257 29.63 23.54 10.77
CA THR C 257 28.73 24.11 9.78
C THR C 257 28.71 23.26 8.52
N VAL C 258 29.90 22.93 7.99
CA VAL C 258 29.96 22.14 6.76
C VAL C 258 29.21 20.83 6.95
N LEU C 259 29.53 20.09 8.00
CA LEU C 259 28.90 18.78 8.20
C LEU C 259 27.39 18.93 8.31
N THR C 260 26.94 19.90 9.13
CA THR C 260 25.50 20.09 9.30
C THR C 260 24.84 20.33 7.95
N MET C 261 25.40 21.24 7.16
CA MET C 261 24.82 21.55 5.86
C MET C 261 24.68 20.30 5.03
N THR C 262 25.78 19.55 4.88
CA THR C 262 25.73 18.38 3.99
C THR C 262 24.70 17.37 4.49
N THR C 263 24.63 17.17 5.81
CA THR C 263 23.67 16.24 6.37
C THR C 263 22.25 16.66 5.99
N ILE C 264 21.91 17.91 6.32
CA ILE C 264 20.58 18.44 6.00
C ILE C 264 20.26 18.18 4.54
N ASN C 265 21.22 18.51 3.66
CA ASN C 265 20.98 18.41 2.23
C ASN C 265 20.63 16.99 1.85
N THR C 266 21.46 16.03 2.27
CA THR C 266 21.20 14.64 1.88
C THR C 266 19.86 14.17 2.42
N HIS C 267 19.53 14.55 3.65
CA HIS C 267 18.27 14.08 4.23
C HIS C 267 17.08 14.61 3.46
N LEU C 268 17.10 15.90 3.13
CA LEU C 268 15.97 16.47 2.40
C LEU C 268 15.88 15.87 1.02
N ARG C 269 17.02 15.61 0.38
CA ARG C 269 16.98 15.08 -0.97
C ARG C 269 16.44 13.66 -0.95
N GLU C 270 16.62 12.94 0.16
CA GLU C 270 16.12 11.58 0.29
C GLU C 270 14.61 11.61 0.47
N THR C 271 14.09 12.51 1.30
CA THR C 271 12.64 12.56 1.48
C THR C 271 11.90 12.66 0.14
N LEU C 272 12.56 13.12 -0.93
CA LEU C 272 11.96 13.21 -2.30
C LEU C 272 12.46 12.03 -3.12
N PRO C 273 12.01 11.79 -4.38
CA PRO C 273 12.54 10.69 -5.19
C PRO C 273 13.86 11.00 -5.88
N LYS C 274 14.43 10.00 -6.57
CA LYS C 274 15.71 10.14 -7.25
C LYS C 274 15.50 10.91 -8.55
N ILE C 275 15.31 12.21 -8.41
CA ILE C 275 15.05 13.09 -9.56
C ILE C 275 16.40 13.53 -10.12
N PRO C 276 16.64 13.40 -11.43
CA PRO C 276 18.00 13.62 -11.94
C PRO C 276 18.40 15.08 -12.16
N TYR C 277 17.53 16.04 -11.91
CA TYR C 277 17.86 17.44 -12.13
C TYR C 277 17.97 18.16 -10.79
N VAL C 278 18.33 19.44 -10.86
CA VAL C 278 18.60 20.24 -9.69
C VAL C 278 17.35 21.04 -9.37
N LYS C 279 16.69 20.68 -8.26
CA LYS C 279 15.51 21.41 -7.82
C LYS C 279 15.92 22.79 -7.29
N ALA C 280 14.92 23.58 -6.90
CA ALA C 280 15.21 24.91 -6.36
C ALA C 280 15.77 24.82 -4.95
N ILE C 281 15.22 23.92 -4.13
CA ILE C 281 15.74 23.77 -2.78
C ILE C 281 17.16 23.22 -2.81
N ASP C 282 17.46 22.38 -3.80
CA ASP C 282 18.83 21.90 -3.97
C ASP C 282 19.75 23.06 -4.33
N MET C 283 19.27 23.99 -5.15
CA MET C 283 20.09 25.15 -5.49
C MET C 283 20.35 26.01 -4.26
N TYR C 284 19.33 26.21 -3.43
CA TYR C 284 19.53 26.99 -2.21
C TYR C 284 20.53 26.32 -1.28
N LEU C 285 20.40 25.01 -1.09
CA LEU C 285 21.33 24.31 -0.21
C LEU C 285 22.74 24.33 -0.76
N MET C 286 22.88 24.21 -2.09
CA MET C 286 24.23 24.29 -2.67
C MET C 286 24.82 25.67 -2.49
N GLY C 287 24.00 26.71 -2.61
CA GLY C 287 24.51 28.05 -2.36
C GLY C 287 24.94 28.24 -0.92
N CYS C 288 24.14 27.74 0.02
CA CYS C 288 24.52 27.84 1.43
C CYS C 288 25.80 27.08 1.70
N PHE C 289 25.96 25.91 1.07
CA PHE C 289 27.17 25.13 1.27
C PHE C 289 28.38 25.83 0.67
N VAL C 290 28.20 26.52 -0.46
CA VAL C 290 29.30 27.29 -1.03
C VAL C 290 29.69 28.41 -0.07
N PHE C 291 28.70 29.09 0.52
CA PHE C 291 29.01 30.15 1.46
C PHE C 291 29.76 29.63 2.67
N VAL C 292 29.34 28.47 3.20
CA VAL C 292 30.03 27.90 4.35
C VAL C 292 31.46 27.53 3.99
N PHE C 293 31.63 26.81 2.87
CA PHE C 293 32.97 26.43 2.44
C PHE C 293 33.85 27.66 2.27
N MET C 294 33.31 28.72 1.69
CA MET C 294 34.10 29.94 1.51
C MET C 294 34.49 30.54 2.85
N ALA C 295 33.59 30.51 3.82
CA ALA C 295 33.94 31.01 5.15
C ALA C 295 35.09 30.20 5.75
N LEU C 296 35.03 28.88 5.63
CA LEU C 296 36.10 28.04 6.16
C LEU C 296 37.41 28.31 5.45
N LEU C 297 37.36 28.50 4.13
CA LEU C 297 38.60 28.70 3.40
C LEU C 297 39.11 30.13 3.57
N GLU C 298 38.27 31.03 4.05
CA GLU C 298 38.75 32.36 4.37
C GLU C 298 39.41 32.36 5.74
N TYR C 299 38.90 31.55 6.66
CA TYR C 299 39.62 31.37 7.92
C TYR C 299 40.97 30.72 7.64
N ALA C 300 41.00 29.79 6.68
CA ALA C 300 42.26 29.11 6.39
C ALA C 300 43.24 30.06 5.72
N LEU C 301 42.76 30.92 4.82
CA LEU C 301 43.64 31.90 4.21
C LEU C 301 44.17 32.88 5.25
N VAL C 302 43.34 33.28 6.21
CA VAL C 302 43.80 34.16 7.28
C VAL C 302 44.87 33.46 8.12
N ASN C 303 44.64 32.20 8.46
CA ASN C 303 45.62 31.46 9.26
C ASN C 303 46.91 31.21 8.50
N TYR C 304 46.84 31.16 7.17
CA TYR C 304 48.05 30.92 6.40
C TYR C 304 48.99 32.12 6.45
N ILE C 305 48.47 33.33 6.23
CA ILE C 305 49.29 34.52 6.15
C ILE C 305 49.24 35.32 7.46
N PHE C 306 48.80 34.69 8.54
CA PHE C 306 48.73 35.39 9.82
C PHE C 306 50.12 35.67 10.37
N PHE C 307 50.97 34.64 10.42
CA PHE C 307 52.30 34.81 10.98
C PHE C 307 53.14 35.77 10.15
N SER C 308 52.92 35.81 8.83
CA SER C 308 53.74 36.65 7.97
C SER C 308 53.37 38.13 8.10
N GLN C 309 52.08 38.43 8.12
CA GLN C 309 51.62 39.82 8.15
C GLN C 309 50.23 39.86 8.78
N PRO C 310 50.13 40.11 10.08
CA PRO C 310 48.81 40.12 10.73
C PRO C 310 47.94 41.31 10.34
N ALA C 311 48.54 42.38 9.82
CA ALA C 311 47.75 43.53 9.40
C ALA C 311 46.82 43.15 8.25
N ARG C 312 47.36 42.45 7.26
CA ARG C 312 46.53 42.00 6.15
C ARG C 312 45.49 41.00 6.63
N ALA C 313 45.82 40.20 7.65
CA ALA C 313 44.85 39.29 8.22
C ALA C 313 43.67 40.03 8.83
N ALA C 314 43.94 41.06 9.64
CA ALA C 314 42.86 41.83 10.23
C ALA C 314 42.04 42.55 9.17
N ALA C 315 42.72 43.05 8.13
CA ALA C 315 41.99 43.70 7.04
C ALA C 315 41.06 42.71 6.36
N ILE C 316 41.54 41.49 6.13
CA ILE C 316 40.71 40.47 5.50
C ILE C 316 39.53 40.10 6.41
N ASP C 317 39.76 40.04 7.72
CA ASP C 317 38.66 39.72 8.62
C ASP C 317 37.59 40.80 8.59
N ARG C 318 37.98 42.07 8.57
CA ARG C 318 36.99 43.13 8.46
C ARG C 318 36.26 43.05 7.13
N TRP C 319 37.01 42.84 6.05
CA TRP C 319 36.40 42.73 4.73
C TRP C 319 35.40 41.58 4.68
N SER C 320 35.72 40.47 5.35
CA SER C 320 34.80 39.34 5.40
C SER C 320 33.54 39.69 6.19
N ARG C 321 33.73 40.25 7.39
CA ARG C 321 32.57 40.66 8.19
C ARG C 321 31.66 41.58 7.38
N ILE C 322 32.23 42.40 6.51
CA ILE C 322 31.41 43.36 5.77
C ILE C 322 30.76 42.70 4.56
N PHE C 323 31.47 41.81 3.88
CA PHE C 323 31.06 41.39 2.55
C PHE C 323 30.57 39.95 2.48
N PHE C 324 30.46 39.23 3.59
CA PHE C 324 29.75 37.96 3.53
C PHE C 324 28.25 38.17 3.65
N PRO C 325 27.78 38.96 4.62
CA PRO C 325 26.35 39.24 4.68
C PRO C 325 25.81 39.95 3.45
N VAL C 326 26.59 40.84 2.84
CA VAL C 326 26.11 41.55 1.66
C VAL C 326 25.93 40.59 0.49
N VAL C 327 26.93 39.76 0.22
CA VAL C 327 26.82 38.83 -0.90
C VAL C 327 25.74 37.80 -0.61
N PHE C 328 25.60 37.37 0.64
CA PHE C 328 24.56 36.40 0.95
C PHE C 328 23.17 37.00 0.76
N SER C 329 22.99 38.26 1.16
CA SER C 329 21.71 38.91 0.96
C SER C 329 21.42 39.11 -0.53
N PHE C 330 22.45 39.44 -1.30
CA PHE C 330 22.25 39.61 -2.74
C PHE C 330 21.87 38.29 -3.40
N PHE C 331 22.56 37.21 -3.05
CA PHE C 331 22.20 35.90 -3.59
C PHE C 331 20.81 35.49 -3.16
N ASN C 332 20.47 35.73 -1.90
CA ASN C 332 19.15 35.35 -1.40
C ASN C 332 18.06 36.12 -2.13
N ILE C 333 18.29 37.41 -2.39
CA ILE C 333 17.29 38.23 -3.07
C ILE C 333 17.12 37.77 -4.51
N VAL C 334 18.23 37.55 -5.22
CA VAL C 334 18.10 37.12 -6.60
C VAL C 334 17.44 35.74 -6.68
N TYR C 335 17.69 34.89 -5.70
CA TYR C 335 17.04 33.58 -5.66
C TYR C 335 15.53 33.75 -5.48
N TRP C 336 15.12 34.45 -4.42
CA TRP C 336 13.70 34.59 -4.15
C TRP C 336 12.98 35.47 -5.16
N LEU C 337 13.71 36.13 -6.06
CA LEU C 337 13.07 36.86 -7.14
C LEU C 337 13.05 36.08 -8.45
N TYR C 338 13.98 35.13 -8.64
CA TYR C 338 13.95 34.33 -9.85
C TYR C 338 12.89 33.24 -9.79
N TYR C 339 12.62 32.68 -8.62
CA TYR C 339 11.67 31.58 -8.50
C TYR C 339 10.25 32.05 -8.18
N VAL C 340 10.11 33.00 -7.26
CA VAL C 340 8.80 33.54 -6.96
C VAL C 340 8.35 34.42 -8.11
N ASN D 11 -33.19 -3.12 -35.35
CA ASN D 11 -33.76 -3.90 -34.25
C ASN D 11 -32.66 -4.56 -33.44
N THR D 12 -33.05 -5.18 -32.33
CA THR D 12 -32.12 -5.89 -31.47
C THR D 12 -32.46 -7.35 -31.28
N THR D 13 -33.60 -7.82 -31.80
CA THR D 13 -33.88 -9.24 -31.71
C THR D 13 -33.17 -10.01 -32.80
N VAL D 14 -32.90 -9.36 -33.93
CA VAL D 14 -32.12 -10.04 -34.95
C VAL D 14 -30.71 -10.28 -34.42
N PHE D 15 -30.21 -9.36 -33.60
CA PHE D 15 -28.86 -9.47 -33.11
C PHE D 15 -28.79 -10.42 -31.94
N THR D 16 -29.83 -10.44 -31.10
CA THR D 16 -29.88 -11.45 -30.06
C THR D 16 -29.94 -12.84 -30.68
N ARG D 17 -30.71 -13.00 -31.75
CA ARG D 17 -30.80 -14.29 -32.42
C ARG D 17 -29.45 -14.67 -33.02
N ILE D 18 -28.72 -13.70 -33.59
CA ILE D 18 -27.40 -14.00 -34.13
C ILE D 18 -26.49 -14.50 -33.02
N LEU D 19 -26.47 -13.80 -31.89
CA LEU D 19 -25.59 -14.21 -30.79
C LEU D 19 -25.96 -15.59 -30.27
N ASP D 20 -27.26 -15.86 -30.13
CA ASP D 20 -27.67 -17.16 -29.62
C ASP D 20 -27.39 -18.27 -30.62
N ARG D 21 -27.36 -17.95 -31.91
CA ARG D 21 -26.94 -18.93 -32.90
C ARG D 21 -25.45 -19.17 -32.82
N LEU D 22 -24.68 -18.13 -32.52
CA LEU D 22 -23.23 -18.29 -32.36
C LEU D 22 -22.91 -19.19 -31.18
N LEU D 23 -23.51 -18.94 -30.03
CA LEU D 23 -23.18 -19.72 -28.85
C LEU D 23 -23.92 -21.05 -28.76
N ASP D 24 -24.89 -21.28 -29.64
CA ASP D 24 -25.61 -22.55 -29.65
C ASP D 24 -24.72 -23.63 -30.24
N GLY D 25 -24.29 -24.57 -29.40
CA GLY D 25 -23.40 -25.62 -29.86
C GLY D 25 -21.95 -25.20 -29.92
N TYR D 26 -21.50 -24.39 -28.98
CA TYR D 26 -20.11 -23.93 -28.89
C TYR D 26 -19.48 -24.52 -27.65
N ASP D 27 -18.27 -25.06 -27.79
CA ASP D 27 -17.52 -25.64 -26.70
C ASP D 27 -16.26 -24.82 -26.48
N ASN D 28 -16.23 -24.06 -25.39
CA ASN D 28 -15.09 -23.19 -25.11
C ASN D 28 -13.92 -23.92 -24.47
N ARG D 29 -13.95 -25.25 -24.43
CA ARG D 29 -12.83 -26.02 -23.94
C ARG D 29 -11.96 -26.53 -25.08
N LEU D 30 -12.34 -26.25 -26.32
CA LEU D 30 -11.65 -26.74 -27.51
C LEU D 30 -11.13 -25.53 -28.29
N ARG D 31 -9.84 -25.53 -28.59
CA ARG D 31 -9.28 -24.44 -29.35
C ARG D 31 -9.84 -24.49 -30.78
N PRO D 32 -9.89 -23.35 -31.47
CA PRO D 32 -10.39 -23.36 -32.84
C PRO D 32 -9.49 -24.16 -33.77
N GLY D 33 -10.09 -25.08 -34.52
CA GLY D 33 -9.33 -25.96 -35.37
C GLY D 33 -8.53 -26.96 -34.56
N LEU D 34 -9.22 -27.78 -33.77
CA LEU D 34 -8.53 -28.71 -32.88
C LEU D 34 -7.91 -29.87 -33.65
N GLY D 35 -8.51 -30.29 -34.75
CA GLY D 35 -8.04 -31.47 -35.43
C GLY D 35 -7.03 -31.21 -36.53
N GLU D 36 -7.33 -30.28 -37.43
CA GLU D 36 -6.61 -30.14 -38.69
C GLU D 36 -5.93 -28.79 -38.82
N ARG D 37 -5.61 -28.12 -37.72
CA ARG D 37 -5.04 -26.79 -37.82
C ARG D 37 -4.28 -26.48 -36.54
N VAL D 38 -3.30 -25.58 -36.66
CA VAL D 38 -2.59 -25.02 -35.53
C VAL D 38 -3.04 -23.57 -35.38
N THR D 39 -3.57 -23.24 -34.20
CA THR D 39 -4.10 -21.90 -34.00
C THR D 39 -2.98 -20.87 -34.09
N GLU D 40 -3.26 -19.76 -34.75
CA GLU D 40 -2.29 -18.70 -35.01
C GLU D 40 -2.78 -17.44 -34.30
N VAL D 41 -2.17 -17.11 -33.17
CA VAL D 41 -2.57 -15.95 -32.38
C VAL D 41 -1.67 -14.78 -32.75
N LYS D 42 -2.24 -13.76 -33.38
CA LYS D 42 -1.48 -12.57 -33.79
C LYS D 42 -1.58 -11.53 -32.68
N THR D 43 -0.52 -11.41 -31.90
CA THR D 43 -0.50 -10.52 -30.74
C THR D 43 0.02 -9.15 -31.11
N ASP D 44 -0.01 -8.25 -30.12
CA ASP D 44 0.36 -6.86 -30.27
C ASP D 44 0.32 -6.22 -28.90
N ILE D 45 1.09 -5.15 -28.73
CA ILE D 45 1.18 -4.48 -27.44
C ILE D 45 1.20 -2.98 -27.69
N PHE D 46 0.50 -2.23 -26.83
CA PHE D 46 0.57 -0.77 -26.85
C PHE D 46 0.86 -0.30 -25.43
N VAL D 47 2.09 0.13 -25.20
CA VAL D 47 2.55 0.52 -23.86
C VAL D 47 2.03 1.93 -23.58
N THR D 48 0.98 2.03 -22.77
CA THR D 48 0.42 3.35 -22.46
C THR D 48 1.32 4.12 -21.52
N SER D 49 2.10 3.45 -20.68
CA SER D 49 2.98 4.14 -19.75
C SER D 49 4.02 3.15 -19.23
N PHE D 50 5.29 3.47 -19.43
CA PHE D 50 6.37 2.66 -18.88
C PHE D 50 6.60 3.04 -17.42
N GLY D 51 6.17 2.16 -16.51
CA GLY D 51 6.17 2.47 -15.11
C GLY D 51 7.56 2.61 -14.55
N PRO D 52 7.64 2.95 -13.26
CA PRO D 52 8.94 3.17 -12.63
C PRO D 52 9.70 1.88 -12.43
N VAL D 53 10.95 1.85 -12.88
CA VAL D 53 11.82 0.69 -12.77
C VAL D 53 12.31 0.63 -11.32
N SER D 54 11.75 -0.28 -10.53
CA SER D 54 12.21 -0.47 -9.15
C SER D 54 13.57 -1.13 -9.16
N ASP D 55 14.59 -0.40 -8.72
CA ASP D 55 15.94 -0.96 -8.71
C ASP D 55 16.17 -1.90 -7.53
N HIS D 56 15.47 -1.68 -6.42
CA HIS D 56 15.66 -2.55 -5.26
C HIS D 56 15.18 -3.96 -5.55
N ASP D 57 13.97 -4.10 -6.08
CA ASP D 57 13.39 -5.40 -6.37
C ASP D 57 13.83 -5.97 -7.71
N MET D 58 14.61 -5.22 -8.49
CA MET D 58 15.01 -5.64 -9.83
C MET D 58 13.78 -5.96 -10.68
N GLU D 59 12.71 -5.22 -10.49
CA GLU D 59 11.48 -5.37 -11.25
C GLU D 59 11.20 -4.09 -12.02
N TYR D 60 10.14 -4.12 -12.81
CA TYR D 60 9.66 -2.91 -13.47
C TYR D 60 8.19 -3.08 -13.83
N THR D 61 7.46 -1.99 -13.75
CA THR D 61 6.03 -1.96 -14.03
C THR D 61 5.80 -1.37 -15.43
N ILE D 62 4.80 -1.89 -16.11
CA ILE D 62 4.46 -1.43 -17.45
C ILE D 62 2.98 -1.62 -17.67
N ASP D 63 2.30 -0.57 -18.12
CA ASP D 63 0.86 -0.59 -18.33
C ASP D 63 0.60 -0.73 -19.82
N VAL D 64 -0.04 -1.83 -20.22
CA VAL D 64 -0.17 -2.16 -21.64
C VAL D 64 -1.61 -2.35 -22.05
N PHE D 65 -1.82 -2.23 -23.36
CA PHE D 65 -3.02 -2.64 -24.09
C PHE D 65 -2.57 -3.87 -24.86
N PHE D 66 -2.77 -5.03 -24.24
CA PHE D 66 -2.38 -6.31 -24.82
C PHE D 66 -3.45 -6.77 -25.79
N ARG D 67 -3.16 -6.77 -27.10
CA ARG D 67 -4.11 -7.16 -28.12
C ARG D 67 -3.78 -8.54 -28.67
N GLN D 68 -4.80 -9.36 -28.88
CA GLN D 68 -4.64 -10.66 -29.52
C GLN D 68 -5.73 -10.82 -30.57
N SER D 69 -5.48 -11.68 -31.55
CA SER D 69 -6.43 -11.86 -32.64
C SER D 69 -6.17 -13.21 -33.30
N TRP D 70 -7.12 -14.12 -33.17
CA TRP D 70 -7.08 -15.43 -33.82
C TRP D 70 -8.26 -15.56 -34.77
N LYS D 71 -8.29 -16.69 -35.47
CA LYS D 71 -9.33 -17.00 -36.45
C LYS D 71 -10.16 -18.16 -35.91
N ASP D 72 -11.40 -17.88 -35.53
CA ASP D 72 -12.34 -18.91 -35.09
C ASP D 72 -13.40 -19.08 -36.17
N GLU D 73 -13.43 -20.26 -36.78
CA GLU D 73 -14.39 -20.55 -37.83
C GLU D 73 -15.77 -20.91 -37.30
N ARG D 74 -15.91 -21.14 -35.99
CA ARG D 74 -17.19 -21.46 -35.39
C ARG D 74 -17.99 -20.22 -35.03
N LEU D 75 -17.49 -19.03 -35.35
CA LEU D 75 -18.13 -17.78 -35.02
C LEU D 75 -18.33 -16.95 -36.28
N LYS D 76 -18.78 -17.59 -37.35
CA LYS D 76 -19.13 -16.91 -38.57
C LYS D 76 -20.62 -16.58 -38.54
N PHE D 77 -20.97 -15.36 -38.94
CA PHE D 77 -22.36 -14.96 -39.00
C PHE D 77 -22.60 -14.19 -40.29
N LYS D 78 -23.87 -13.82 -40.49
CA LYS D 78 -24.28 -13.07 -41.68
C LYS D 78 -25.48 -12.24 -41.28
N GLY D 79 -25.24 -10.95 -41.02
CA GLY D 79 -26.30 -10.06 -40.62
C GLY D 79 -26.11 -8.68 -41.22
N PRO D 80 -26.85 -7.70 -40.69
CA PRO D 80 -26.70 -6.34 -41.24
C PRO D 80 -25.34 -5.73 -40.96
N MET D 81 -24.77 -5.96 -39.79
CA MET D 81 -23.47 -5.42 -39.45
C MET D 81 -22.36 -6.37 -39.84
N THR D 82 -21.18 -5.80 -40.06
CA THR D 82 -20.00 -6.57 -40.41
C THR D 82 -19.24 -7.02 -39.16
N VAL D 83 -18.93 -6.09 -38.27
CA VAL D 83 -18.16 -6.35 -37.06
C VAL D 83 -19.10 -6.21 -35.86
N LEU D 84 -19.15 -7.25 -35.04
CA LEU D 84 -19.92 -7.21 -33.79
C LEU D 84 -18.97 -6.75 -32.69
N ARG D 85 -19.08 -5.48 -32.29
CA ARG D 85 -18.32 -4.96 -31.16
C ARG D 85 -19.08 -5.33 -29.90
N LEU D 86 -18.80 -6.52 -29.39
CA LEU D 86 -19.59 -7.05 -28.28
C LEU D 86 -19.04 -6.58 -26.95
N ASN D 87 -19.73 -6.97 -25.88
CA ASN D 87 -19.34 -6.61 -24.53
C ASN D 87 -18.24 -7.55 -24.04
N ASN D 88 -17.56 -7.14 -22.98
CA ASN D 88 -16.45 -7.92 -22.45
C ASN D 88 -16.91 -9.19 -21.75
N LEU D 89 -18.23 -9.38 -21.55
CA LEU D 89 -18.73 -10.57 -20.91
C LEU D 89 -18.99 -11.70 -21.89
N MET D 90 -19.02 -11.41 -23.19
CA MET D 90 -19.07 -12.45 -24.19
C MET D 90 -17.74 -13.19 -24.29
N ALA D 91 -16.64 -12.54 -23.91
CA ALA D 91 -15.31 -13.15 -24.03
C ALA D 91 -15.12 -14.32 -23.09
N SER D 92 -16.03 -14.54 -22.16
CA SER D 92 -15.92 -15.65 -21.23
C SER D 92 -16.68 -16.89 -21.70
N LYS D 93 -17.50 -16.75 -22.74
CA LYS D 93 -18.23 -17.88 -23.30
C LYS D 93 -17.57 -18.46 -24.54
N ILE D 94 -16.47 -17.88 -25.01
CA ILE D 94 -15.75 -18.43 -26.15
C ILE D 94 -14.34 -18.81 -25.72
N TRP D 95 -13.57 -19.39 -26.63
CA TRP D 95 -12.21 -19.79 -26.35
C TRP D 95 -11.27 -18.61 -26.57
N THR D 96 -10.44 -18.32 -25.58
CA THR D 96 -9.48 -17.24 -25.64
C THR D 96 -8.12 -17.77 -25.20
N PRO D 97 -7.05 -17.48 -25.92
CA PRO D 97 -5.76 -18.08 -25.58
C PRO D 97 -5.31 -17.66 -24.19
N ASP D 98 -4.62 -18.57 -23.51
CA ASP D 98 -4.21 -18.35 -22.13
C ASP D 98 -2.78 -17.83 -22.05
N THR D 99 -2.56 -16.71 -22.72
CA THR D 99 -1.23 -16.09 -22.72
C THR D 99 -0.85 -15.66 -21.31
N PHE D 100 0.27 -16.17 -20.82
CA PHE D 100 0.81 -15.76 -19.54
C PHE D 100 2.22 -15.21 -19.73
N PHE D 101 2.63 -14.32 -18.84
CA PHE D 101 3.92 -13.66 -18.92
C PHE D 101 4.96 -14.48 -18.18
N HIS D 102 6.00 -14.89 -18.89
CA HIS D 102 6.94 -15.87 -18.35
C HIS D 102 7.70 -15.33 -17.15
N ASN D 103 7.85 -14.02 -17.04
CA ASN D 103 8.60 -13.41 -15.96
C ASN D 103 7.79 -12.42 -15.14
N GLY D 104 6.51 -12.24 -15.44
CA GLY D 104 5.69 -11.35 -14.63
C GLY D 104 5.59 -11.86 -13.21
N LYS D 105 5.64 -10.92 -12.25
CA LYS D 105 5.56 -11.28 -10.84
C LYS D 105 4.13 -11.16 -10.31
N LYS D 106 3.56 -9.96 -10.35
CA LYS D 106 2.19 -9.74 -9.87
C LYS D 106 1.52 -8.78 -10.84
N SER D 107 0.87 -9.33 -11.85
CA SER D 107 0.14 -8.55 -12.84
C SER D 107 -1.32 -8.42 -12.40
N VAL D 108 -1.90 -7.26 -12.66
CA VAL D 108 -3.30 -7.01 -12.35
C VAL D 108 -4.04 -6.65 -13.63
N ALA D 109 -5.27 -7.15 -13.76
CA ALA D 109 -6.16 -6.78 -14.84
C ALA D 109 -7.22 -5.86 -14.27
N HIS D 110 -7.38 -4.69 -14.87
CA HIS D 110 -8.17 -3.64 -14.26
C HIS D 110 -9.65 -3.93 -14.40
N ASN D 111 -10.40 -3.59 -13.36
CA ASN D 111 -11.83 -3.83 -13.27
C ASN D 111 -12.56 -2.55 -12.88
N MET D 112 -12.18 -1.44 -13.51
CA MET D 112 -12.77 -0.14 -13.22
C MET D 112 -13.19 0.52 -14.53
N THR D 113 -14.49 0.79 -14.69
CA THR D 113 -15.56 0.48 -13.75
C THR D 113 -16.14 -0.88 -14.08
N MET D 114 -15.94 -1.29 -15.33
CA MET D 114 -16.27 -2.63 -15.80
C MET D 114 -14.98 -3.29 -16.27
N PRO D 115 -14.96 -4.60 -16.43
CA PRO D 115 -13.73 -5.27 -16.89
C PRO D 115 -13.16 -4.63 -18.14
N ASN D 116 -11.91 -4.17 -18.06
CA ASN D 116 -11.27 -3.46 -19.16
C ASN D 116 -10.88 -4.48 -20.22
N LYS D 117 -11.88 -4.93 -20.96
CA LYS D 117 -11.64 -5.86 -22.06
C LYS D 117 -12.46 -5.43 -23.26
N LEU D 118 -12.26 -6.14 -24.36
CA LEU D 118 -12.90 -5.80 -25.62
C LEU D 118 -12.97 -7.05 -26.48
N LEU D 119 -13.99 -7.12 -27.32
CA LEU D 119 -14.17 -8.25 -28.21
C LEU D 119 -14.88 -7.77 -29.45
N ARG D 120 -14.24 -7.90 -30.61
CA ARG D 120 -14.83 -7.57 -31.90
C ARG D 120 -14.82 -8.82 -32.77
N ILE D 121 -15.99 -9.35 -33.04
CA ILE D 121 -16.14 -10.54 -33.88
C ILE D 121 -16.42 -10.09 -35.31
N THR D 122 -15.44 -10.22 -36.20
CA THR D 122 -15.66 -9.95 -37.61
C THR D 122 -16.58 -11.02 -38.20
N GLU D 123 -17.20 -10.69 -39.33
CA GLU D 123 -18.21 -11.57 -39.90
C GLU D 123 -17.62 -12.89 -40.40
N ASP D 124 -16.33 -12.94 -40.70
CA ASP D 124 -15.71 -14.16 -41.18
C ASP D 124 -15.04 -14.95 -40.08
N GLY D 125 -15.25 -14.58 -38.82
CA GLY D 125 -14.70 -15.31 -37.69
C GLY D 125 -13.47 -14.71 -37.07
N THR D 126 -12.84 -13.72 -37.70
CA THR D 126 -11.61 -13.15 -37.18
C THR D 126 -11.90 -12.38 -35.90
N LEU D 127 -11.41 -12.88 -34.77
CA LEU D 127 -11.66 -12.26 -33.49
C LEU D 127 -10.60 -11.21 -33.18
N LEU D 128 -10.91 -10.35 -32.22
CA LEU D 128 -9.98 -9.36 -31.71
C LEU D 128 -10.30 -9.15 -30.24
N TYR D 129 -9.30 -9.32 -29.38
CA TYR D 129 -9.53 -9.39 -27.95
C TYR D 129 -8.38 -8.64 -27.27
N THR D 130 -8.68 -7.45 -26.76
CA THR D 130 -7.68 -6.62 -26.10
C THR D 130 -7.98 -6.54 -24.61
N MET D 131 -6.91 -6.44 -23.82
CA MET D 131 -7.02 -6.27 -22.39
C MET D 131 -6.14 -5.09 -21.98
N ARG D 132 -6.42 -4.54 -20.80
CA ARG D 132 -5.62 -3.48 -20.22
C ARG D 132 -4.93 -4.04 -18.98
N LEU D 133 -3.62 -4.25 -19.07
CA LEU D 133 -2.87 -4.90 -18.00
C LEU D 133 -1.87 -3.94 -17.39
N THR D 134 -1.38 -4.31 -16.21
CA THR D 134 -0.31 -3.61 -15.51
C THR D 134 0.67 -4.69 -15.05
N VAL D 135 1.63 -5.01 -15.91
CA VAL D 135 2.55 -6.10 -15.70
C VAL D 135 3.74 -5.62 -14.87
N ARG D 136 4.04 -6.35 -13.80
CA ARG D 136 5.21 -6.10 -12.96
C ARG D 136 6.23 -7.20 -13.22
N ALA D 137 7.04 -7.01 -14.26
CA ALA D 137 7.94 -8.05 -14.69
C ALA D 137 9.29 -7.93 -13.97
N GLU D 138 10.12 -8.95 -14.15
CA GLU D 138 11.45 -9.01 -13.56
C GLU D 138 12.48 -8.55 -14.57
N CYS D 139 13.40 -7.70 -14.14
CA CYS D 139 14.47 -7.18 -14.99
C CYS D 139 15.79 -7.44 -14.28
N PRO D 140 16.41 -8.60 -14.52
CA PRO D 140 17.69 -8.86 -13.86
C PRO D 140 18.75 -7.87 -14.31
N MET D 141 19.44 -7.28 -13.35
CA MET D 141 20.37 -6.19 -13.60
C MET D 141 21.77 -6.59 -13.17
N HIS D 142 22.76 -6.19 -13.98
CA HIS D 142 24.16 -6.36 -13.65
C HIS D 142 24.66 -4.96 -13.26
N LEU D 143 24.62 -4.66 -11.97
CA LEU D 143 24.98 -3.35 -11.47
C LEU D 143 26.49 -3.27 -11.23
N GLU D 144 27.25 -3.54 -12.29
CA GLU D 144 28.70 -3.46 -12.24
C GLU D 144 29.23 -2.13 -12.77
N ASP D 145 28.37 -1.32 -13.41
CA ASP D 145 28.72 0.02 -13.84
C ASP D 145 27.87 1.06 -13.12
N PHE D 146 27.29 0.73 -11.98
CA PHE D 146 26.45 1.66 -11.26
C PHE D 146 27.23 2.93 -10.95
N PRO D 147 26.68 4.12 -11.23
CA PRO D 147 25.37 4.43 -11.81
C PRO D 147 25.46 4.81 -13.27
N MET D 148 26.43 4.25 -13.98
CA MET D 148 26.61 4.50 -15.41
C MET D 148 26.22 3.28 -16.23
N ASP D 149 25.21 2.55 -15.78
CA ASP D 149 24.82 1.29 -16.40
C ASP D 149 23.66 1.47 -17.37
N ALA D 150 23.52 0.50 -18.26
CA ALA D 150 22.42 0.43 -19.20
C ALA D 150 21.86 -0.99 -19.14
N HIS D 151 20.53 -1.09 -19.14
CA HIS D 151 19.86 -2.37 -18.99
C HIS D 151 18.96 -2.65 -20.18
N ALA D 152 18.57 -3.91 -20.32
CA ALA D 152 17.62 -4.36 -21.34
C ALA D 152 16.59 -5.22 -20.61
N CYS D 153 15.51 -4.59 -20.15
CA CYS D 153 14.52 -5.28 -19.35
C CYS D 153 13.61 -6.09 -20.25
N PRO D 154 13.56 -7.42 -20.12
CA PRO D 154 12.76 -8.24 -21.02
C PRO D 154 11.30 -8.32 -20.59
N LEU D 155 10.48 -8.81 -21.52
CA LEU D 155 9.06 -9.09 -21.25
C LEU D 155 8.68 -10.28 -22.13
N LYS D 156 8.78 -11.47 -21.55
CA LYS D 156 8.50 -12.70 -22.27
C LYS D 156 7.10 -13.20 -21.95
N PHE D 157 6.29 -13.42 -22.98
CA PHE D 157 4.95 -13.96 -22.80
C PHE D 157 4.75 -15.09 -23.78
N GLY D 158 4.10 -16.15 -23.30
CA GLY D 158 3.84 -17.31 -24.13
C GLY D 158 2.53 -17.94 -23.75
N SER D 159 2.29 -19.16 -24.19
CA SER D 159 1.05 -19.86 -23.88
C SER D 159 1.28 -20.85 -22.75
N TYR D 160 0.22 -21.08 -21.99
CA TYR D 160 0.18 -22.10 -20.96
C TYR D 160 -0.73 -23.21 -21.43
N ALA D 161 -0.30 -24.45 -21.23
CA ALA D 161 -1.08 -25.64 -21.56
C ALA D 161 -1.21 -25.90 -23.06
N TYR D 162 -0.66 -25.06 -23.92
CA TYR D 162 -0.75 -25.28 -25.37
C TYR D 162 0.66 -25.24 -25.94
N THR D 163 1.12 -26.39 -26.44
CA THR D 163 2.47 -26.52 -26.93
C THR D 163 2.58 -25.84 -28.28
N ARG D 164 3.72 -26.03 -28.96
CA ARG D 164 3.95 -25.37 -30.23
C ARG D 164 3.17 -26.00 -31.36
N ALA D 165 2.80 -27.28 -31.23
CA ALA D 165 2.03 -27.96 -32.26
C ALA D 165 0.57 -27.55 -32.25
N GLU D 166 0.14 -26.77 -31.27
CA GLU D 166 -1.26 -26.38 -31.13
C GLU D 166 -1.49 -24.89 -31.27
N VAL D 167 -0.76 -24.06 -30.52
CA VAL D 167 -0.96 -22.61 -30.54
C VAL D 167 0.39 -21.96 -30.80
N VAL D 168 0.51 -21.29 -31.95
CA VAL D 168 1.70 -20.53 -32.30
C VAL D 168 1.37 -19.05 -32.26
N TYR D 169 2.29 -18.27 -31.70
CA TYR D 169 2.12 -16.83 -31.59
C TYR D 169 2.88 -16.14 -32.71
N GLU D 170 2.41 -14.95 -33.08
CA GLU D 170 3.07 -14.19 -34.13
C GLU D 170 2.70 -12.74 -33.96
N TRP D 171 3.61 -11.85 -34.34
CA TRP D 171 3.29 -10.43 -34.28
C TRP D 171 2.33 -10.09 -35.40
N THR D 172 1.51 -9.06 -35.16
CA THR D 172 0.45 -8.73 -36.10
C THR D 172 0.91 -7.78 -37.18
N ARG D 173 1.90 -6.94 -36.89
CA ARG D 173 2.56 -6.09 -37.86
C ARG D 173 4.01 -6.54 -38.01
N GLU D 174 4.77 -5.78 -38.79
CA GLU D 174 6.20 -6.05 -38.87
C GLU D 174 6.77 -6.04 -37.45
N PRO D 175 7.55 -7.04 -37.07
CA PRO D 175 8.00 -7.12 -35.68
C PRO D 175 8.59 -5.83 -35.14
N ALA D 176 9.14 -4.98 -36.00
CA ALA D 176 9.67 -3.71 -35.54
C ALA D 176 8.58 -2.72 -35.17
N ARG D 177 7.35 -2.93 -35.63
CA ARG D 177 6.26 -1.97 -35.41
C ARG D 177 5.14 -2.56 -34.55
N SER D 178 5.39 -3.67 -33.87
CA SER D 178 4.34 -4.28 -33.07
C SER D 178 4.26 -3.65 -31.68
N VAL D 179 5.37 -3.66 -30.94
CA VAL D 179 5.39 -3.04 -29.62
C VAL D 179 5.55 -1.53 -29.82
N VAL D 180 4.50 -0.78 -29.51
CA VAL D 180 4.48 0.68 -29.65
C VAL D 180 4.42 1.28 -28.24
N VAL D 181 5.14 2.37 -28.04
CA VAL D 181 5.14 3.09 -26.78
C VAL D 181 4.55 4.47 -27.01
N ALA D 182 3.59 4.86 -26.18
CA ALA D 182 2.99 6.17 -26.29
C ALA D 182 4.04 7.26 -26.06
N GLU D 183 3.82 8.43 -26.66
CA GLU D 183 4.79 9.50 -26.53
C GLU D 183 4.88 10.01 -25.11
N ASP D 184 3.74 10.39 -24.52
CA ASP D 184 3.70 10.89 -23.16
C ASP D 184 3.73 9.79 -22.11
N GLY D 185 3.75 8.52 -22.51
CA GLY D 185 3.75 7.44 -21.55
C GLY D 185 5.14 7.08 -21.07
N SER D 186 5.70 7.91 -20.19
CA SER D 186 7.02 7.65 -19.61
C SER D 186 6.98 8.07 -18.13
N ARG D 187 6.68 7.13 -17.26
CA ARG D 187 6.76 7.36 -15.82
C ARG D 187 8.17 7.15 -15.28
N LEU D 188 9.17 7.08 -16.16
CA LEU D 188 10.55 6.90 -15.72
C LEU D 188 11.12 8.23 -15.25
N ASN D 189 11.45 8.31 -13.96
CA ASN D 189 12.11 9.49 -13.43
C ASN D 189 13.62 9.30 -13.30
N GLN D 190 14.09 8.07 -13.17
CA GLN D 190 15.51 7.78 -12.98
C GLN D 190 16.19 7.28 -14.24
N TYR D 191 15.52 6.46 -15.03
CA TYR D 191 16.10 5.86 -16.21
C TYR D 191 15.71 6.68 -17.45
N ASP D 192 16.02 6.14 -18.62
CA ASP D 192 15.73 6.81 -19.88
C ASP D 192 15.50 5.73 -20.93
N LEU D 193 14.26 5.59 -21.38
CA LEU D 193 13.92 4.53 -22.33
C LEU D 193 14.49 4.86 -23.69
N LEU D 194 15.28 3.93 -24.24
CA LEU D 194 15.93 4.14 -25.53
C LEU D 194 15.11 3.56 -26.68
N GLY D 195 14.75 2.29 -26.59
CA GLY D 195 13.98 1.66 -27.65
C GLY D 195 13.62 0.24 -27.28
N GLN D 196 12.63 -0.28 -27.99
CA GLN D 196 12.20 -1.66 -27.81
C GLN D 196 12.90 -2.57 -28.82
N THR D 197 12.79 -3.87 -28.58
CA THR D 197 13.39 -4.86 -29.47
C THR D 197 12.68 -6.18 -29.25
N VAL D 198 11.97 -6.67 -30.27
CA VAL D 198 11.17 -7.87 -30.13
C VAL D 198 11.90 -9.06 -30.74
N ASP D 199 11.44 -10.25 -30.40
CA ASP D 199 12.04 -11.48 -30.89
C ASP D 199 11.08 -12.64 -30.60
N SER D 200 11.19 -13.70 -31.37
CA SER D 200 10.33 -14.87 -31.20
C SER D 200 11.18 -16.13 -31.20
N GLY D 201 11.03 -16.96 -30.17
CA GLY D 201 11.75 -18.21 -30.10
C GLY D 201 10.92 -19.37 -29.60
N ILE D 202 11.58 -20.49 -29.28
CA ILE D 202 10.91 -21.70 -28.83
C ILE D 202 11.69 -22.25 -27.65
N VAL D 203 11.01 -22.41 -26.52
CA VAL D 203 11.62 -22.94 -25.30
C VAL D 203 11.17 -24.39 -25.13
N GLN D 204 12.12 -25.26 -24.82
CA GLN D 204 11.80 -26.63 -24.45
C GLN D 204 11.37 -26.67 -22.99
N SER D 205 10.74 -27.77 -22.62
CA SER D 205 10.32 -27.95 -21.22
C SER D 205 10.17 -29.44 -20.95
N SER D 206 9.71 -29.75 -19.75
CA SER D 206 9.38 -31.13 -19.40
C SER D 206 8.04 -31.56 -19.95
N THR D 207 7.17 -30.61 -20.29
CA THR D 207 5.85 -30.91 -20.83
C THR D 207 5.79 -30.82 -22.34
N GLY D 208 6.52 -29.90 -22.95
CA GLY D 208 6.52 -29.80 -24.39
C GLY D 208 7.35 -28.63 -24.86
N GLU D 209 7.20 -28.30 -26.14
CA GLU D 209 7.89 -27.18 -26.77
C GLU D 209 6.90 -26.03 -26.90
N TYR D 210 7.25 -24.88 -26.35
CA TYR D 210 6.36 -23.73 -26.34
C TYR D 210 6.97 -22.57 -27.10
N VAL D 211 6.12 -21.78 -27.74
CA VAL D 211 6.55 -20.59 -28.45
C VAL D 211 6.59 -19.45 -27.44
N VAL D 212 7.67 -18.67 -27.46
CA VAL D 212 7.89 -17.62 -26.49
C VAL D 212 8.22 -16.34 -27.25
N MET D 213 7.42 -15.31 -27.04
CA MET D 213 7.68 -14.00 -27.63
C MET D 213 8.35 -13.13 -26.58
N THR D 214 9.42 -12.47 -26.98
CA THR D 214 10.26 -11.69 -26.08
C THR D 214 10.30 -10.25 -26.55
N THR D 215 10.42 -9.34 -25.59
CA THR D 215 10.48 -7.91 -25.88
C THR D 215 11.40 -7.27 -24.85
N HIS D 216 12.53 -6.73 -25.29
CA HIS D 216 13.46 -6.03 -24.43
C HIS D 216 13.27 -4.53 -24.60
N PHE D 217 13.11 -3.84 -23.48
CA PHE D 217 13.12 -2.38 -23.44
C PHE D 217 14.48 -1.95 -22.95
N HIS D 218 15.25 -1.29 -23.80
CA HIS D 218 16.58 -0.84 -23.43
C HIS D 218 16.48 0.44 -22.62
N LEU D 219 17.17 0.47 -21.49
CA LEU D 219 17.17 1.61 -20.60
C LEU D 219 18.57 2.19 -20.50
N LYS D 220 18.67 3.35 -19.84
CA LYS D 220 19.96 4.02 -19.67
C LYS D 220 19.80 4.96 -18.49
N ARG D 221 20.53 4.68 -17.41
CA ARG D 221 20.36 5.41 -16.18
C ARG D 221 20.84 6.85 -16.32
N LYS D 222 20.15 7.76 -15.64
CA LYS D 222 20.53 9.16 -15.60
C LYS D 222 21.44 9.40 -14.40
N ILE D 223 22.61 9.99 -14.65
CA ILE D 223 23.66 10.11 -13.66
C ILE D 223 23.58 11.41 -12.87
N GLY D 224 22.46 12.13 -12.93
CA GLY D 224 22.43 13.42 -12.27
C GLY D 224 22.30 13.34 -10.77
N TYR D 225 21.42 12.46 -10.30
CA TYR D 225 21.12 12.41 -8.88
C TYR D 225 22.28 11.81 -8.11
N PHE D 226 22.88 10.76 -8.65
CA PHE D 226 24.06 10.18 -8.02
C PHE D 226 25.24 11.13 -8.04
N VAL D 227 25.47 11.83 -9.14
CA VAL D 227 26.52 12.86 -9.12
C VAL D 227 26.29 13.79 -7.94
N ILE D 228 25.13 14.44 -7.93
CA ILE D 228 24.89 15.51 -6.96
C ILE D 228 25.02 14.99 -5.54
N GLN D 229 24.55 13.77 -5.26
CA GLN D 229 24.44 13.34 -3.87
C GLN D 229 25.56 12.43 -3.40
N THR D 230 26.42 11.93 -4.29
CA THR D 230 27.56 11.14 -3.86
C THR D 230 28.87 11.76 -4.30
N TYR D 231 29.03 12.10 -5.58
CA TYR D 231 30.34 12.50 -6.05
C TYR D 231 30.70 13.87 -5.53
N LEU D 232 29.85 14.87 -5.76
CA LEU D 232 30.15 16.19 -5.25
C LEU D 232 30.48 16.07 -3.76
N PRO D 233 29.57 15.62 -2.90
CA PRO D 233 29.95 15.50 -1.48
C PRO D 233 31.27 14.79 -1.26
N CYS D 234 31.56 13.74 -2.04
CA CYS D 234 32.83 13.04 -1.92
C CYS D 234 34.00 13.96 -2.26
N ILE D 235 33.87 14.68 -3.37
CA ILE D 235 34.95 15.56 -3.80
C ILE D 235 35.16 16.66 -2.78
N MET D 236 34.13 17.47 -2.55
CA MET D 236 34.17 18.49 -1.53
C MET D 236 34.77 17.97 -0.22
N THR D 237 34.46 16.74 0.19
CA THR D 237 35.08 16.19 1.38
C THR D 237 36.58 15.97 1.18
N VAL D 238 37.01 15.62 -0.03
CA VAL D 238 38.44 15.41 -0.24
C VAL D 238 39.16 16.75 -0.21
N ILE D 239 38.54 17.78 -0.78
CA ILE D 239 39.12 19.11 -0.77
C ILE D 239 39.19 19.63 0.65
N LEU D 240 38.08 19.52 1.38
CA LEU D 240 38.06 19.89 2.79
C LEU D 240 39.10 19.14 3.58
N SER D 241 39.44 17.92 3.18
CA SER D 241 40.49 17.19 3.89
C SER D 241 41.83 17.76 3.44
N GLN D 242 41.97 18.05 2.15
CA GLN D 242 43.26 18.54 1.59
C GLN D 242 43.58 19.93 2.12
N VAL D 243 42.59 20.74 2.53
CA VAL D 243 42.92 22.04 3.13
C VAL D 243 43.83 21.98 4.35
N SER D 244 43.80 20.86 5.08
CA SER D 244 44.56 20.71 6.31
C SER D 244 46.07 20.76 6.09
N PHE D 245 46.54 20.88 4.85
CA PHE D 245 47.97 20.94 4.61
C PHE D 245 48.48 22.37 4.68
N TRP D 246 47.68 23.32 4.21
CA TRP D 246 48.09 24.72 4.22
C TRP D 246 48.08 25.34 5.61
N LEU D 247 47.54 24.65 6.60
CA LEU D 247 47.62 25.12 7.97
C LEU D 247 49.02 24.90 8.52
N ASN D 248 49.43 25.78 9.44
CA ASN D 248 50.77 25.69 10.01
C ASN D 248 50.88 24.47 10.91
N ARG D 249 52.12 24.07 11.17
CA ARG D 249 52.39 22.88 11.96
C ARG D 249 52.16 23.08 13.45
N GLU D 250 52.01 24.33 13.90
CA GLU D 250 51.82 24.59 15.33
C GLU D 250 50.39 24.31 15.76
N SER D 251 49.43 24.41 14.85
CA SER D 251 48.01 24.21 15.16
C SER D 251 47.67 22.73 14.97
N VAL D 252 47.97 21.94 16.00
CA VAL D 252 47.71 20.50 15.96
C VAL D 252 46.23 20.23 16.21
N PRO D 253 45.60 20.92 17.17
CA PRO D 253 44.16 20.70 17.38
C PRO D 253 43.35 20.82 16.10
N ALA D 254 43.58 21.88 15.34
CA ALA D 254 42.81 22.11 14.12
C ALA D 254 43.00 20.99 13.11
N ARG D 255 44.25 20.77 12.68
CA ARG D 255 44.50 19.71 11.72
C ARG D 255 43.96 18.37 12.18
N THR D 256 44.02 18.09 13.49
CA THR D 256 43.44 16.86 14.01
C THR D 256 41.94 16.82 13.78
N VAL D 257 41.25 17.93 14.07
CA VAL D 257 39.80 17.98 13.83
C VAL D 257 39.52 17.76 12.35
N PHE D 258 40.25 18.46 11.49
CA PHE D 258 40.09 18.28 10.05
C PHE D 258 40.15 16.80 9.69
N GLY D 259 41.25 16.14 10.07
CA GLY D 259 41.43 14.76 9.70
C GLY D 259 40.30 13.87 10.19
N VAL D 260 39.99 13.96 11.49
CA VAL D 260 39.01 13.03 12.05
C VAL D 260 37.64 13.28 11.44
N THR D 261 37.22 14.54 11.39
CA THR D 261 35.90 14.85 10.86
C THR D 261 35.78 14.39 9.42
N THR D 262 36.81 14.63 8.61
CA THR D 262 36.71 14.24 7.21
C THR D 262 36.66 12.74 7.08
N VAL D 263 37.47 12.02 7.86
CA VAL D 263 37.45 10.56 7.77
C VAL D 263 36.08 10.03 8.16
N LEU D 264 35.39 10.69 9.09
CA LEU D 264 34.11 10.15 9.52
C LEU D 264 32.99 10.62 8.62
N THR D 265 33.24 11.70 7.87
CA THR D 265 32.26 12.14 6.91
C THR D 265 32.32 11.22 5.70
N MET D 266 33.53 10.76 5.36
CA MET D 266 33.67 9.78 4.30
C MET D 266 33.05 8.46 4.71
N THR D 267 33.21 8.07 5.97
CA THR D 267 32.58 6.84 6.42
C THR D 267 31.06 6.92 6.28
N THR D 268 30.46 7.99 6.81
CA THR D 268 29.00 8.10 6.74
C THR D 268 28.53 8.25 5.30
N LEU D 269 29.32 8.89 4.43
CA LEU D 269 28.94 8.99 3.03
C LEU D 269 28.98 7.62 2.36
N SER D 270 29.99 6.81 2.65
CA SER D 270 30.01 5.46 2.08
C SER D 270 28.79 4.68 2.53
N ILE D 271 28.45 4.79 3.81
CA ILE D 271 27.31 4.04 4.32
C ILE D 271 26.02 4.51 3.64
N SER D 272 25.83 5.83 3.56
CA SER D 272 24.61 6.36 2.96
C SER D 272 24.54 6.09 1.46
N ALA D 273 25.69 6.00 0.81
CA ALA D 273 25.69 5.70 -0.62
C ALA D 273 25.41 4.24 -0.90
N ARG D 274 25.77 3.35 0.02
CA ARG D 274 25.54 1.92 -0.21
C ARG D 274 24.10 1.50 0.10
N ASN D 275 23.33 2.32 0.80
CA ASN D 275 21.99 1.92 1.21
C ASN D 275 20.99 1.97 0.06
N SER D 276 21.25 2.80 -0.96
CA SER D 276 20.29 2.98 -2.04
C SER D 276 20.22 1.75 -2.93
N LEU D 277 21.31 1.05 -3.10
CA LEU D 277 21.40 -0.06 -4.03
C LEU D 277 20.89 -1.34 -3.38
N PRO D 278 20.53 -2.34 -4.17
CA PRO D 278 20.31 -3.67 -3.59
C PRO D 278 21.54 -4.17 -2.86
N LYS D 279 21.31 -5.12 -1.96
CA LYS D 279 22.39 -5.72 -1.17
C LYS D 279 23.13 -6.68 -2.08
N VAL D 280 24.02 -6.12 -2.90
CA VAL D 280 24.73 -6.88 -3.91
C VAL D 280 26.09 -7.26 -3.36
N ALA D 281 26.69 -8.29 -3.95
CA ALA D 281 27.90 -8.89 -3.42
C ALA D 281 29.13 -8.65 -4.29
N TYR D 282 29.11 -7.62 -5.13
CA TYR D 282 30.30 -7.17 -5.82
C TYR D 282 30.40 -5.64 -5.68
N ALA D 283 31.46 -5.08 -6.25
CA ALA D 283 31.77 -3.67 -6.09
C ALA D 283 31.36 -2.91 -7.35
N THR D 284 30.63 -1.83 -7.16
CA THR D 284 30.17 -1.01 -8.27
C THR D 284 31.21 0.06 -8.57
N ALA D 285 30.92 0.91 -9.55
CA ALA D 285 31.84 2.00 -9.85
C ALA D 285 31.83 3.04 -8.74
N MET D 286 30.63 3.40 -8.25
CA MET D 286 30.55 4.31 -7.13
C MET D 286 31.31 3.78 -5.93
N ASP D 287 31.33 2.46 -5.75
CA ASP D 287 32.10 1.89 -4.64
C ASP D 287 33.59 2.14 -4.82
N TRP D 288 34.07 2.10 -6.06
CA TRP D 288 35.49 2.39 -6.29
C TRP D 288 35.79 3.87 -6.08
N PHE D 289 34.89 4.75 -6.52
CA PHE D 289 35.13 6.17 -6.31
C PHE D 289 35.17 6.49 -4.82
N ILE D 290 34.24 5.91 -4.05
CA ILE D 290 34.20 6.19 -2.63
C ILE D 290 35.40 5.57 -1.93
N ALA D 291 35.84 4.40 -2.39
CA ALA D 291 37.03 3.79 -1.81
C ALA D 291 38.26 4.65 -2.04
N VAL D 292 38.38 5.24 -3.25
CA VAL D 292 39.56 6.04 -3.53
C VAL D 292 39.53 7.34 -2.73
N CYS D 293 38.36 7.96 -2.60
CA CYS D 293 38.28 9.17 -1.77
C CYS D 293 38.58 8.86 -0.31
N TYR D 294 38.11 7.71 0.16
CA TYR D 294 38.40 7.27 1.52
C TYR D 294 39.90 7.09 1.69
N ALA D 295 40.56 6.49 0.71
CA ALA D 295 42.01 6.32 0.74
C ALA D 295 42.70 7.67 0.77
N PHE D 296 42.17 8.64 0.02
CA PHE D 296 42.79 9.96 0.00
C PHE D 296 42.71 10.61 1.37
N VAL D 297 41.55 10.53 2.03
CA VAL D 297 41.48 11.18 3.35
C VAL D 297 42.41 10.44 4.32
N PHE D 298 42.61 9.14 4.14
CA PHE D 298 43.53 8.39 5.00
C PHE D 298 44.98 8.54 4.59
N SER D 299 45.25 9.19 3.47
CA SER D 299 46.62 9.51 3.12
C SER D 299 46.94 10.91 3.61
N ALA D 300 45.95 11.80 3.54
CA ALA D 300 46.10 13.14 4.12
C ALA D 300 46.36 13.05 5.62
N LEU D 301 45.42 12.46 6.37
CA LEU D 301 45.63 12.28 7.80
C LEU D 301 46.99 11.68 8.11
N ILE D 302 47.43 10.68 7.33
CA ILE D 302 48.72 10.05 7.59
C ILE D 302 49.85 11.03 7.34
N GLU D 303 49.74 11.87 6.31
CA GLU D 303 50.78 12.86 6.06
C GLU D 303 50.88 13.83 7.21
N PHE D 304 49.73 14.27 7.72
CA PHE D 304 49.74 15.17 8.87
C PHE D 304 50.37 14.49 10.08
N ALA D 305 50.05 13.22 10.30
CA ALA D 305 50.63 12.51 11.43
C ALA D 305 52.15 12.41 11.29
N THR D 306 52.63 12.12 10.09
CA THR D 306 54.08 12.06 9.87
C THR D 306 54.73 13.42 10.12
N VAL D 307 54.10 14.48 9.63
CA VAL D 307 54.63 15.82 9.85
C VAL D 307 54.74 16.10 11.34
N ASN D 308 53.68 15.78 12.08
CA ASN D 308 53.70 16.02 13.52
C ASN D 308 54.75 15.16 14.21
N TYR D 309 55.01 13.97 13.68
CA TYR D 309 56.03 13.12 14.29
C TYR D 309 57.43 13.65 14.02
N PHE D 310 57.67 14.23 12.85
CA PHE D 310 58.97 14.79 12.53
C PHE D 310 59.13 16.22 13.03
N THR D 311 58.07 16.85 13.51
CA THR D 311 58.19 18.20 14.02
C THR D 311 58.93 18.16 15.35
N LYS D 312 59.71 19.22 15.62
CA LYS D 312 60.56 19.36 16.80
C LYS D 312 61.78 18.45 16.75
N SER D 313 61.93 17.61 15.74
CA SER D 313 63.13 16.79 15.58
C SER D 313 63.85 17.08 14.28
N GLN D 314 63.14 17.08 13.16
CA GLN D 314 63.69 17.46 11.85
C GLN D 314 62.70 18.37 11.16
N PRO D 315 62.54 19.60 11.63
CA PRO D 315 61.51 20.47 11.06
C PRO D 315 61.72 20.77 9.60
N ALA D 316 62.97 20.68 9.11
CA ALA D 316 63.22 20.82 7.69
C ALA D 316 62.44 19.78 6.91
N ARG D 317 62.67 18.50 7.24
CA ARG D 317 62.01 17.41 6.53
C ARG D 317 60.50 17.55 6.61
N ALA D 318 59.98 17.85 7.81
CA ALA D 318 58.54 18.00 7.97
C ALA D 318 58.00 19.07 7.03
N ALA D 319 58.59 20.26 7.06
CA ALA D 319 58.12 21.33 6.20
C ALA D 319 58.20 20.92 4.74
N LYS D 320 59.30 20.26 4.35
CA LYS D 320 59.47 19.84 2.97
C LYS D 320 58.34 18.93 2.55
N ILE D 321 58.05 17.89 3.35
CA ILE D 321 57.02 16.94 2.96
C ILE D 321 55.66 17.62 2.91
N ASP D 322 55.41 18.54 3.85
CA ASP D 322 54.13 19.24 3.83
C ASP D 322 53.98 20.03 2.53
N ARG D 323 55.03 20.75 2.16
CA ARG D 323 54.97 21.58 0.96
C ARG D 323 54.83 20.71 -0.28
N LEU D 324 55.44 19.52 -0.26
CA LEU D 324 55.35 18.64 -1.41
C LEU D 324 53.95 18.05 -1.53
N SER D 325 53.35 17.68 -0.38
CA SER D 325 52.01 17.11 -0.41
C SER D 325 50.95 18.12 -0.77
N ARG D 326 51.24 19.42 -0.59
CA ARG D 326 50.30 20.46 -1.00
C ARG D 326 50.14 20.53 -2.51
N ILE D 327 50.97 19.80 -3.26
CA ILE D 327 50.89 19.83 -4.71
C ILE D 327 50.68 18.39 -5.15
N ALA D 328 51.13 17.43 -4.33
CA ALA D 328 51.06 16.04 -4.73
C ALA D 328 49.63 15.52 -4.62
N PHE D 329 48.88 15.95 -3.59
CA PHE D 329 47.52 15.44 -3.46
C PHE D 329 46.58 15.97 -4.53
N PRO D 330 46.51 17.27 -4.82
CA PRO D 330 45.53 17.73 -5.82
C PRO D 330 45.80 17.19 -7.21
N LEU D 331 47.05 17.12 -7.64
CA LEU D 331 47.33 16.56 -8.96
C LEU D 331 46.95 15.10 -9.05
N LEU D 332 47.25 14.32 -7.99
CA LEU D 332 46.88 12.92 -8.01
C LEU D 332 45.37 12.75 -8.04
N PHE D 333 44.64 13.58 -7.30
CA PHE D 333 43.19 13.49 -7.33
C PHE D 333 42.64 13.86 -8.71
N GLY D 334 43.22 14.89 -9.33
CA GLY D 334 42.79 15.24 -10.68
C GLY D 334 43.05 14.13 -11.68
N ILE D 335 44.22 13.50 -11.60
CA ILE D 335 44.53 12.40 -12.49
C ILE D 335 43.55 11.25 -12.27
N PHE D 336 43.26 10.94 -11.01
CA PHE D 336 42.32 9.86 -10.73
C PHE D 336 40.93 10.18 -11.26
N ASN D 337 40.51 11.44 -11.16
CA ASN D 337 39.19 11.78 -11.68
C ASN D 337 39.17 11.75 -13.20
N LEU D 338 40.27 12.11 -13.85
CA LEU D 338 40.30 12.01 -15.31
C LEU D 338 40.26 10.56 -15.74
N VAL D 339 40.87 9.67 -14.96
CA VAL D 339 40.91 8.27 -15.35
C VAL D 339 39.54 7.66 -15.13
N TYR D 340 38.97 7.86 -13.94
CA TYR D 340 37.70 7.25 -13.63
C TYR D 340 36.64 7.72 -14.61
N TRP D 341 36.51 9.04 -14.77
CA TRP D 341 35.45 9.57 -15.61
C TRP D 341 35.66 9.16 -17.07
N ALA D 342 36.91 9.16 -17.55
CA ALA D 342 37.14 8.80 -18.94
C ALA D 342 36.80 7.34 -19.19
N THR D 343 37.29 6.43 -18.34
CA THR D 343 37.05 5.02 -18.57
C THR D 343 35.62 4.59 -18.27
N TYR D 344 34.85 5.39 -17.52
CA TYR D 344 33.48 4.99 -17.24
C TYR D 344 32.43 5.73 -18.07
N LEU D 345 32.78 6.85 -18.71
CA LEU D 345 31.82 7.53 -19.58
C LEU D 345 31.93 7.13 -21.04
N ASN D 346 33.05 6.51 -21.44
CA ASN D 346 33.17 6.08 -22.84
C ASN D 346 32.24 4.91 -23.14
N ARG D 347 32.02 4.02 -22.19
CA ARG D 347 31.17 2.86 -22.42
C ARG D 347 29.73 3.28 -22.71
N GLY E 62 -15.94 -31.28 -32.43
CA GLY E 62 -16.33 -32.47 -33.15
C GLY E 62 -16.70 -33.62 -32.23
N ASP E 63 -15.84 -34.63 -32.18
CA ASP E 63 -16.05 -35.76 -31.30
C ASP E 63 -15.38 -35.60 -29.95
N VAL E 64 -14.45 -34.65 -29.81
CA VAL E 64 -13.84 -34.41 -28.52
C VAL E 64 -14.87 -33.85 -27.56
N THR E 65 -15.82 -33.07 -28.06
CA THR E 65 -16.90 -32.61 -27.21
C THR E 65 -17.71 -33.79 -26.68
N VAL E 66 -17.94 -34.78 -27.52
CA VAL E 66 -18.68 -35.96 -27.08
C VAL E 66 -17.91 -36.69 -25.99
N ILE E 67 -16.59 -36.79 -26.14
CA ILE E 67 -15.77 -37.45 -25.13
C ILE E 67 -15.85 -36.70 -23.82
N LEU E 68 -15.67 -35.38 -23.88
CA LEU E 68 -15.71 -34.58 -22.66
C LEU E 68 -17.07 -34.63 -21.99
N ASN E 69 -18.14 -34.72 -22.77
CA ASN E 69 -19.46 -34.82 -22.18
C ASN E 69 -19.70 -36.19 -21.56
N ASN E 70 -19.14 -37.24 -22.17
CA ASN E 70 -19.32 -38.58 -21.59
C ASN E 70 -18.47 -38.76 -20.34
N LEU E 71 -17.35 -38.03 -20.22
CA LEU E 71 -16.53 -38.17 -19.03
C LEU E 71 -17.18 -37.50 -17.82
N LEU E 72 -17.99 -36.47 -18.04
CA LEU E 72 -18.60 -35.73 -16.94
C LEU E 72 -20.05 -36.12 -16.71
N GLU E 73 -20.52 -37.20 -17.34
CA GLU E 73 -21.85 -37.73 -17.09
C GLU E 73 -21.75 -38.77 -16.00
N GLY E 74 -22.39 -38.51 -14.86
CA GLY E 74 -22.25 -39.38 -13.72
C GLY E 74 -20.91 -39.27 -13.04
N TYR E 75 -20.39 -38.05 -12.92
CA TYR E 75 -19.10 -37.79 -12.30
C TYR E 75 -19.31 -36.94 -11.06
N ASP E 76 -18.72 -37.37 -9.95
CA ASP E 76 -18.82 -36.65 -8.68
C ASP E 76 -17.42 -36.18 -8.30
N ASN E 77 -17.20 -34.87 -8.38
CA ASN E 77 -15.90 -34.31 -8.08
C ASN E 77 -15.68 -34.08 -6.60
N LYS E 78 -16.47 -34.72 -5.75
CA LYS E 78 -16.24 -34.68 -4.31
C LYS E 78 -15.62 -35.95 -3.78
N LEU E 79 -15.49 -36.99 -4.60
CA LEU E 79 -14.98 -38.28 -4.16
C LEU E 79 -13.67 -38.55 -4.89
N ARG E 80 -12.60 -38.76 -4.13
CA ARG E 80 -11.32 -39.05 -4.74
C ARG E 80 -11.38 -40.37 -5.50
N PRO E 81 -10.57 -40.53 -6.53
CA PRO E 81 -10.54 -41.81 -7.25
C PRO E 81 -10.15 -42.94 -6.31
N ASP E 82 -10.90 -44.04 -6.37
CA ASP E 82 -10.76 -45.14 -5.43
C ASP E 82 -11.02 -44.66 -4.00
N ILE E 83 -12.25 -44.20 -3.78
CA ILE E 83 -12.59 -43.61 -2.49
C ILE E 83 -12.59 -44.67 -1.40
N GLY E 84 -13.02 -45.89 -1.71
CA GLY E 84 -13.08 -46.95 -0.73
C GLY E 84 -12.32 -48.20 -1.13
N VAL E 85 -11.20 -48.04 -1.84
CA VAL E 85 -10.43 -49.19 -2.31
C VAL E 85 -9.01 -49.09 -1.78
N LYS E 86 -8.30 -48.03 -2.15
CA LYS E 86 -6.89 -47.90 -1.85
C LYS E 86 -6.53 -46.43 -1.89
N PRO E 87 -5.39 -46.04 -1.30
CA PRO E 87 -4.99 -44.64 -1.37
C PRO E 87 -4.64 -44.23 -2.78
N THR E 88 -4.77 -42.93 -3.03
CA THR E 88 -4.50 -42.37 -4.35
C THR E 88 -3.04 -41.94 -4.41
N LEU E 89 -2.28 -42.57 -5.31
CA LEU E 89 -0.87 -42.26 -5.46
C LEU E 89 -0.71 -41.06 -6.39
N ILE E 90 -0.06 -40.01 -5.90
CA ILE E 90 0.12 -38.77 -6.64
C ILE E 90 1.61 -38.55 -6.82
N HIS E 91 2.05 -38.40 -8.07
CA HIS E 91 3.45 -38.11 -8.37
C HIS E 91 3.60 -36.62 -8.60
N THR E 92 4.50 -35.99 -7.85
CA THR E 92 4.68 -34.55 -7.83
C THR E 92 6.02 -34.18 -8.43
N ASP E 93 6.01 -33.20 -9.33
CA ASP E 93 7.22 -32.64 -9.90
C ASP E 93 7.18 -31.12 -9.76
N MET E 94 8.34 -30.49 -9.94
CA MET E 94 8.46 -29.05 -9.77
C MET E 94 9.41 -28.50 -10.82
N TYR E 95 9.43 -27.18 -10.92
CA TYR E 95 10.38 -26.48 -11.79
C TYR E 95 10.58 -25.10 -11.18
N VAL E 96 11.68 -24.94 -10.43
CA VAL E 96 11.96 -23.70 -9.71
C VAL E 96 12.41 -22.65 -10.72
N ASN E 97 11.54 -21.68 -11.01
CA ASN E 97 11.95 -20.57 -11.86
C ASN E 97 13.02 -19.73 -11.18
N SER E 98 12.68 -19.17 -10.03
CA SER E 98 13.57 -18.27 -9.31
C SER E 98 13.32 -18.37 -7.82
N ILE E 99 14.39 -18.37 -7.04
CA ILE E 99 14.30 -18.32 -5.58
C ILE E 99 14.51 -16.87 -5.18
N GLY E 100 13.43 -16.22 -4.76
CA GLY E 100 13.44 -14.80 -4.51
C GLY E 100 14.34 -14.41 -3.35
N PRO E 101 14.25 -13.15 -2.93
CA PRO E 101 15.17 -12.65 -1.90
C PRO E 101 14.93 -13.35 -0.57
N VAL E 102 16.03 -13.79 0.05
CA VAL E 102 15.99 -14.45 1.36
C VAL E 102 16.22 -13.36 2.40
N ASN E 103 15.16 -12.74 2.88
CA ASN E 103 15.28 -11.70 3.88
C ASN E 103 15.28 -12.35 5.27
N ALA E 104 16.35 -12.11 6.02
CA ALA E 104 16.50 -12.72 7.33
C ALA E 104 15.64 -12.06 8.40
N ILE E 105 15.20 -10.82 8.16
CA ILE E 105 14.44 -10.10 9.17
C ILE E 105 13.13 -10.82 9.47
N ASN E 106 12.47 -11.32 8.43
CA ASN E 106 11.20 -12.00 8.58
C ASN E 106 11.33 -13.52 8.59
N MET E 107 12.54 -14.05 8.43
CA MET E 107 12.76 -15.50 8.42
C MET E 107 11.92 -16.17 7.33
N GLU E 108 11.89 -15.55 6.16
CA GLU E 108 11.10 -16.04 5.04
C GLU E 108 11.91 -15.94 3.75
N TYR E 109 11.40 -16.58 2.71
CA TYR E 109 12.03 -16.50 1.39
C TYR E 109 11.01 -16.85 0.32
N THR E 110 11.06 -16.12 -0.80
CA THR E 110 10.13 -16.28 -1.89
C THR E 110 10.68 -17.26 -2.92
N ILE E 111 9.79 -18.09 -3.46
CA ILE E 111 10.14 -19.05 -4.49
C ILE E 111 9.02 -19.11 -5.50
N ASP E 112 9.35 -19.33 -6.76
CA ASP E 112 8.38 -19.37 -7.84
C ASP E 112 8.54 -20.67 -8.62
N ILE E 113 7.50 -21.51 -8.62
CA ILE E 113 7.59 -22.85 -9.15
C ILE E 113 6.44 -23.14 -10.11
N PHE E 114 6.57 -24.27 -10.80
CA PHE E 114 5.58 -24.83 -11.71
C PHE E 114 5.23 -26.19 -11.13
N PHE E 115 4.24 -26.24 -10.25
CA PHE E 115 3.91 -27.45 -9.53
C PHE E 115 3.08 -28.36 -10.42
N ALA E 116 3.53 -29.61 -10.61
CA ALA E 116 2.85 -30.57 -11.46
C ALA E 116 2.48 -31.80 -10.66
N GLN E 117 1.22 -32.23 -10.74
CA GLN E 117 0.72 -33.40 -10.03
C GLN E 117 0.07 -34.35 -11.01
N THR E 118 0.43 -35.62 -10.97
CA THR E 118 -0.17 -36.61 -11.86
C THR E 118 -0.66 -37.81 -11.07
N TRP E 119 -1.89 -38.23 -11.35
CA TRP E 119 -2.49 -39.37 -10.67
C TRP E 119 -3.33 -40.17 -11.66
N TYR E 120 -3.91 -41.27 -11.20
CA TYR E 120 -4.76 -42.10 -12.03
C TYR E 120 -6.21 -41.98 -11.60
N ASP E 121 -7.09 -41.79 -12.57
CA ASP E 121 -8.53 -41.65 -12.33
C ASP E 121 -9.24 -42.58 -13.30
N ARG E 122 -9.74 -43.71 -12.82
CA ARG E 122 -10.39 -44.67 -13.71
C ARG E 122 -11.72 -44.18 -14.22
N ARG E 123 -12.21 -43.04 -13.74
CA ARG E 123 -13.46 -42.48 -14.24
C ARG E 123 -13.24 -41.58 -15.46
N LEU E 124 -12.08 -40.94 -15.56
CA LEU E 124 -11.74 -40.17 -16.76
C LEU E 124 -11.00 -41.03 -17.76
N LYS E 125 -11.57 -42.19 -18.08
CA LYS E 125 -10.96 -43.15 -18.98
C LYS E 125 -11.84 -43.28 -20.21
N PHE E 126 -11.32 -42.90 -21.36
CA PHE E 126 -12.07 -42.94 -22.60
C PHE E 126 -11.34 -43.83 -23.60
N ASN E 127 -12.02 -44.13 -24.70
CA ASN E 127 -11.50 -45.03 -25.72
C ASN E 127 -11.81 -44.43 -27.09
N SER E 128 -10.83 -43.72 -27.66
CA SER E 128 -10.98 -43.13 -28.97
C SER E 128 -9.62 -43.06 -29.64
N THR E 129 -9.60 -42.55 -30.88
CA THR E 129 -8.35 -42.50 -31.63
C THR E 129 -7.36 -41.54 -31.00
N ILE E 130 -7.83 -40.41 -30.48
CA ILE E 130 -6.94 -39.47 -29.83
C ILE E 130 -6.41 -40.08 -28.53
N LYS E 131 -5.12 -39.92 -28.30
CA LYS E 131 -4.48 -40.54 -27.15
C LYS E 131 -4.53 -39.66 -25.90
N VAL E 132 -4.44 -38.35 -26.06
CA VAL E 132 -4.35 -37.42 -24.95
C VAL E 132 -5.29 -36.25 -25.18
N LEU E 133 -5.91 -35.78 -24.11
CA LEU E 133 -6.77 -34.60 -24.13
C LEU E 133 -6.02 -33.48 -23.44
N ARG E 134 -5.78 -32.39 -24.17
CA ARG E 134 -5.04 -31.24 -23.68
C ARG E 134 -6.01 -30.09 -23.45
N LEU E 135 -6.10 -29.62 -22.21
CA LEU E 135 -7.13 -28.66 -21.84
C LEU E 135 -6.54 -27.55 -21.00
N ASN E 136 -7.20 -26.41 -21.04
CA ASN E 136 -6.85 -25.25 -20.24
C ASN E 136 -7.58 -25.34 -18.91
N SER E 137 -7.61 -24.26 -18.16
CA SER E 137 -8.17 -24.24 -16.82
C SER E 137 -9.70 -24.19 -16.81
N ASN E 138 -10.37 -24.46 -17.92
CA ASN E 138 -11.82 -24.44 -17.93
C ASN E 138 -12.43 -25.74 -17.42
N MET E 139 -11.65 -26.81 -17.31
CA MET E 139 -12.15 -28.09 -16.83
C MET E 139 -11.44 -28.55 -15.57
N VAL E 140 -10.77 -27.64 -14.87
CA VAL E 140 -10.10 -28.03 -13.63
C VAL E 140 -11.11 -28.11 -12.49
N GLY E 141 -12.10 -27.23 -12.49
CA GLY E 141 -13.10 -27.23 -11.45
C GLY E 141 -14.22 -28.21 -11.60
N LYS E 142 -14.12 -29.18 -12.51
CA LYS E 142 -15.16 -30.16 -12.71
C LYS E 142 -14.72 -31.59 -12.45
N ILE E 143 -13.43 -31.83 -12.26
CA ILE E 143 -12.93 -33.16 -11.91
C ILE E 143 -12.37 -33.09 -10.50
N TRP E 144 -11.93 -34.22 -9.97
CA TRP E 144 -11.33 -34.24 -8.65
C TRP E 144 -9.90 -33.73 -8.73
N ILE E 145 -9.54 -32.85 -7.81
CA ILE E 145 -8.20 -32.25 -7.80
C ILE E 145 -7.67 -32.36 -6.37
N PRO E 146 -6.49 -32.93 -6.15
CA PRO E 146 -6.02 -33.09 -4.78
C PRO E 146 -5.75 -31.75 -4.13
N ASP E 147 -5.95 -31.71 -2.81
CA ASP E 147 -5.86 -30.46 -2.05
C ASP E 147 -4.47 -30.30 -1.44
N THR E 148 -3.46 -30.23 -2.30
CA THR E 148 -2.10 -30.07 -1.83
C THR E 148 -1.89 -28.65 -1.35
N PHE E 149 -1.40 -28.51 -0.12
CA PHE E 149 -1.06 -27.21 0.44
C PHE E 149 0.34 -27.27 1.01
N PHE E 150 1.01 -26.11 1.04
CA PHE E 150 2.38 -26.01 1.50
C PHE E 150 2.39 -25.65 2.98
N ARG E 151 2.92 -26.55 3.81
CA ARG E 151 2.75 -26.44 5.25
C ARG E 151 3.56 -25.34 5.89
N ASN E 152 4.55 -24.77 5.21
CA ASN E 152 5.42 -23.75 5.80
C ASN E 152 5.39 -22.47 4.99
N SER E 153 4.27 -22.19 4.34
CA SER E 153 4.12 -21.00 3.52
C SER E 153 3.37 -19.92 4.30
N LYS E 154 4.02 -18.78 4.50
CA LYS E 154 3.33 -17.66 5.15
C LYS E 154 2.21 -17.15 4.27
N LYS E 155 2.52 -16.86 3.01
CA LYS E 155 1.52 -16.44 2.04
C LYS E 155 1.95 -16.92 0.66
N ALA E 156 1.02 -17.55 -0.06
CA ALA E 156 1.30 -18.07 -1.39
C ALA E 156 0.04 -17.91 -2.23
N ASP E 157 0.24 -17.77 -3.54
CA ASP E 157 -0.90 -17.55 -4.42
C ASP E 157 -0.54 -17.96 -5.84
N ALA E 158 -1.54 -18.44 -6.57
CA ALA E 158 -1.39 -18.79 -7.97
C ALA E 158 -1.43 -17.52 -8.82
N HIS E 159 -1.28 -17.70 -10.12
CA HIS E 159 -1.28 -16.59 -11.08
C HIS E 159 -2.53 -16.63 -11.94
N TRP E 160 -3.06 -15.46 -12.25
CA TRP E 160 -4.33 -15.34 -12.93
C TRP E 160 -4.29 -14.48 -14.18
N ILE E 161 -3.14 -13.90 -14.53
CA ILE E 161 -3.03 -13.03 -15.70
C ILE E 161 -2.31 -13.82 -16.79
N THR E 162 -2.89 -13.87 -17.99
CA THR E 162 -4.15 -13.23 -18.37
C THR E 162 -5.32 -14.15 -18.07
N THR E 163 -5.10 -15.44 -18.26
CA THR E 163 -6.00 -16.51 -17.90
C THR E 163 -5.39 -17.37 -16.81
N PRO E 164 -6.19 -17.91 -15.87
CA PRO E 164 -5.62 -18.74 -14.81
C PRO E 164 -4.52 -19.67 -15.32
N ASN E 165 -3.34 -19.58 -14.73
CA ASN E 165 -2.20 -20.36 -15.22
C ASN E 165 -2.37 -21.79 -14.73
N ARG E 166 -3.08 -22.59 -15.51
CA ARG E 166 -3.30 -23.99 -15.19
C ARG E 166 -3.29 -24.80 -16.47
N MET E 167 -3.07 -26.10 -16.32
CA MET E 167 -2.98 -27.02 -17.43
C MET E 167 -3.54 -28.35 -16.98
N LEU E 168 -4.34 -28.99 -17.84
CA LEU E 168 -4.93 -30.29 -17.52
C LEU E 168 -4.81 -31.20 -18.72
N ARG E 169 -4.13 -32.33 -18.54
CA ARG E 169 -3.92 -33.28 -19.63
C ARG E 169 -4.39 -34.65 -19.18
N ILE E 170 -5.46 -35.14 -19.79
CA ILE E 170 -6.07 -36.41 -19.44
C ILE E 170 -5.70 -37.42 -20.51
N TRP E 171 -4.89 -38.40 -20.16
CA TRP E 171 -4.45 -39.41 -21.11
C TRP E 171 -5.57 -40.42 -21.34
N ASN E 172 -5.27 -41.47 -22.11
CA ASN E 172 -6.29 -42.40 -22.53
C ASN E 172 -6.71 -43.37 -21.43
N ASP E 173 -5.79 -43.75 -20.55
CA ASP E 173 -6.05 -44.74 -19.52
C ASP E 173 -6.44 -44.11 -18.19
N GLY E 174 -6.89 -42.86 -18.19
CA GLY E 174 -7.30 -42.19 -16.99
C GLY E 174 -6.23 -41.38 -16.31
N ARG E 175 -4.98 -41.49 -16.73
CA ARG E 175 -3.90 -40.74 -16.11
C ARG E 175 -4.10 -39.25 -16.33
N VAL E 176 -4.19 -38.49 -15.24
CA VAL E 176 -4.41 -37.06 -15.27
C VAL E 176 -3.14 -36.35 -14.85
N LEU E 177 -2.81 -35.28 -15.55
CA LEU E 177 -1.73 -34.36 -15.20
C LEU E 177 -2.30 -32.97 -15.00
N TYR E 178 -1.99 -32.36 -13.87
CA TYR E 178 -2.52 -31.06 -13.48
C TYR E 178 -1.36 -30.17 -13.06
N THR E 179 -1.14 -29.10 -13.79
CA THR E 179 0.02 -28.23 -13.58
C THR E 179 -0.44 -26.81 -13.32
N LEU E 180 0.18 -26.14 -12.35
CA LEU E 180 -0.14 -24.75 -12.07
C LEU E 180 1.13 -24.00 -11.66
N ARG E 181 1.04 -22.67 -11.73
CA ARG E 181 2.16 -21.79 -11.43
C ARG E 181 1.94 -21.16 -10.05
N LEU E 182 2.95 -21.21 -9.19
CA LEU E 182 2.82 -20.76 -7.82
C LEU E 182 3.97 -19.86 -7.43
N THR E 183 3.68 -18.91 -6.53
CA THR E 183 4.68 -18.05 -5.91
C THR E 183 4.48 -18.12 -4.40
N ILE E 184 5.36 -18.84 -3.73
CA ILE E 184 5.22 -19.21 -2.33
C ILE E 184 6.21 -18.39 -1.52
N ASP E 185 5.72 -17.71 -0.48
CA ASP E 185 6.59 -17.06 0.50
C ASP E 185 6.80 -18.04 1.65
N ALA E 186 7.70 -18.99 1.41
CA ALA E 186 7.92 -20.04 2.39
C ALA E 186 8.66 -19.47 3.60
N GLU E 187 8.56 -20.20 4.71
CA GLU E 187 9.13 -19.77 5.97
C GLU E 187 10.24 -20.71 6.40
N CYS E 188 11.33 -20.15 6.89
CA CYS E 188 12.38 -20.95 7.49
C CYS E 188 13.13 -20.10 8.51
N GLN E 189 13.19 -20.61 9.75
CA GLN E 189 13.79 -19.88 10.85
C GLN E 189 15.31 -20.01 10.70
N LEU E 190 15.94 -18.96 10.18
CA LEU E 190 17.39 -19.00 9.99
C LEU E 190 18.07 -18.83 11.34
N GLN E 191 18.97 -19.75 11.66
CA GLN E 191 19.77 -19.64 12.87
C GLN E 191 20.88 -18.64 12.59
N LEU E 192 20.67 -17.39 12.99
CA LEU E 192 21.58 -16.33 12.61
C LEU E 192 22.78 -16.27 13.54
N HIS E 193 23.44 -17.41 13.73
CA HIS E 193 24.79 -17.44 14.27
C HIS E 193 25.76 -17.47 13.11
N ASN E 194 27.04 -17.32 13.43
CA ASN E 194 28.09 -17.29 12.41
C ASN E 194 27.84 -16.22 11.37
N PHE E 195 26.96 -15.26 11.65
CA PHE E 195 26.63 -14.24 10.66
C PHE E 195 27.83 -13.33 10.43
N PRO E 196 28.18 -13.01 9.18
CA PRO E 196 27.56 -13.42 7.92
C PRO E 196 28.22 -14.66 7.32
N MET E 197 29.01 -15.38 8.12
CA MET E 197 29.63 -16.62 7.65
C MET E 197 28.74 -17.81 7.96
N ASP E 198 27.48 -17.72 7.55
CA ASP E 198 26.48 -18.72 7.87
C ASP E 198 25.97 -19.40 6.61
N GLU E 199 25.60 -20.67 6.75
CA GLU E 199 25.03 -21.46 5.68
C GLU E 199 23.68 -22.01 6.14
N HIS E 200 22.69 -21.95 5.27
CA HIS E 200 21.36 -22.45 5.59
C HIS E 200 20.95 -23.52 4.58
N SER E 201 20.02 -24.37 4.99
CA SER E 201 19.39 -25.33 4.09
C SER E 201 17.92 -25.39 4.49
N CYS E 202 17.09 -24.57 3.85
CA CYS E 202 15.77 -24.48 4.45
C CYS E 202 14.66 -24.85 3.47
N PRO E 203 13.61 -25.52 3.95
CA PRO E 203 12.78 -26.35 3.09
C PRO E 203 11.56 -25.70 2.48
N LEU E 204 10.86 -26.50 1.69
CA LEU E 204 9.54 -26.20 1.17
C LEU E 204 8.75 -27.50 1.31
N GLU E 205 7.81 -27.53 2.25
CA GLU E 205 7.06 -28.73 2.59
C GLU E 205 5.63 -28.61 2.11
N PHE E 206 5.10 -29.70 1.56
CA PHE E 206 3.71 -29.73 1.13
C PHE E 206 3.11 -31.09 1.41
N SER E 207 1.80 -31.11 1.56
CA SER E 207 1.07 -32.33 1.85
C SER E 207 -0.40 -32.08 1.58
N SER E 208 -1.16 -33.17 1.57
CA SER E 208 -2.61 -33.04 1.48
C SER E 208 -3.15 -32.40 2.75
N TYR E 209 -4.31 -31.77 2.63
CA TYR E 209 -4.90 -31.10 3.79
C TYR E 209 -5.87 -32.02 4.53
N GLY E 210 -6.88 -32.52 3.83
CA GLY E 210 -7.91 -33.30 4.48
C GLY E 210 -7.76 -34.81 4.38
N TYR E 211 -6.90 -35.29 3.47
CA TYR E 211 -6.78 -36.72 3.24
C TYR E 211 -5.58 -37.26 3.98
N PRO E 212 -5.76 -38.17 4.94
CA PRO E 212 -4.60 -38.72 5.65
C PRO E 212 -3.83 -39.75 4.85
N ARG E 213 -2.84 -40.38 5.48
CA ARG E 213 -1.96 -41.30 4.78
C ARG E 213 -2.71 -42.48 4.16
N GLU E 214 -3.87 -42.82 4.72
CA GLU E 214 -4.63 -43.95 4.20
C GLU E 214 -5.37 -43.64 2.91
N GLU E 215 -5.39 -42.38 2.48
CA GLU E 215 -6.17 -41.98 1.32
C GLU E 215 -5.33 -41.35 0.22
N ILE E 216 -4.39 -40.48 0.55
CA ILE E 216 -3.55 -39.83 -0.46
C ILE E 216 -2.10 -40.05 -0.06
N VAL E 217 -1.32 -40.64 -0.95
CA VAL E 217 0.11 -40.88 -0.75
C VAL E 217 0.86 -40.17 -1.87
N TYR E 218 1.76 -39.27 -1.51
CA TYR E 218 2.58 -38.59 -2.49
C TYR E 218 3.86 -39.38 -2.72
N GLN E 219 4.50 -39.12 -3.86
CA GLN E 219 5.72 -39.83 -4.18
C GLN E 219 6.51 -39.06 -5.23
N TRP E 220 7.76 -38.77 -4.93
CA TRP E 220 8.62 -38.05 -5.86
C TRP E 220 8.95 -38.91 -7.07
N LYS E 221 9.19 -38.23 -8.19
CA LYS E 221 9.69 -38.89 -9.38
C LYS E 221 11.21 -38.91 -9.33
N ARG E 222 11.82 -39.71 -10.21
CA ARG E 222 13.28 -39.75 -10.24
C ARG E 222 13.85 -38.36 -10.51
N SER E 223 13.34 -37.70 -11.54
CA SER E 223 13.85 -36.40 -11.99
C SER E 223 12.86 -35.29 -11.62
N SER E 224 12.32 -35.36 -10.41
CA SER E 224 11.24 -34.48 -9.99
C SER E 224 11.61 -32.99 -10.02
N VAL E 225 12.53 -32.57 -9.16
CA VAL E 225 12.82 -31.15 -8.98
C VAL E 225 13.98 -30.78 -9.90
N GLU E 226 13.76 -29.79 -10.76
CA GLU E 226 14.75 -29.36 -11.74
C GLU E 226 14.81 -27.84 -11.73
N VAL E 227 15.88 -27.29 -11.16
CA VAL E 227 16.09 -25.85 -11.09
C VAL E 227 16.29 -25.28 -12.50
N GLY E 228 16.20 -23.95 -12.60
CA GLY E 228 16.35 -23.27 -13.86
C GLY E 228 17.79 -22.93 -14.19
N ASP E 229 18.07 -21.66 -14.43
CA ASP E 229 19.42 -21.23 -14.79
C ASP E 229 20.26 -20.85 -13.60
N THR E 230 19.65 -20.52 -12.47
CA THR E 230 20.35 -20.16 -11.24
C THR E 230 21.17 -18.88 -11.37
N ARG E 231 21.09 -18.19 -12.50
CA ARG E 231 21.85 -16.97 -12.72
C ARG E 231 21.01 -15.70 -12.63
N SER E 232 19.77 -15.73 -13.13
CA SER E 232 18.90 -14.58 -13.09
C SER E 232 18.00 -14.59 -11.85
N TRP E 233 18.40 -15.29 -10.80
CA TRP E 233 17.66 -15.31 -9.56
C TRP E 233 18.04 -14.11 -8.71
N ARG E 234 17.17 -13.77 -7.76
CA ARG E 234 17.40 -12.64 -6.87
C ARG E 234 18.12 -13.05 -5.60
N LEU E 235 18.90 -14.12 -5.65
CA LEU E 235 19.72 -14.54 -4.52
C LEU E 235 20.94 -13.63 -4.50
N TYR E 236 20.84 -12.54 -3.75
CA TYR E 236 21.93 -11.58 -3.71
C TYR E 236 23.02 -12.01 -2.73
N GLN E 237 22.66 -12.12 -1.46
CA GLN E 237 23.63 -12.41 -0.42
C GLN E 237 23.96 -13.89 -0.31
N PHE E 238 23.15 -14.76 -0.92
CA PHE E 238 23.33 -16.19 -0.82
C PHE E 238 23.71 -16.75 -2.18
N SER E 239 23.88 -18.08 -2.24
CA SER E 239 24.28 -18.74 -3.47
C SER E 239 23.77 -20.16 -3.47
N PHE E 240 23.00 -20.51 -4.49
CA PHE E 240 22.43 -21.84 -4.59
C PHE E 240 23.53 -22.88 -4.82
N VAL E 241 23.54 -23.92 -3.99
CA VAL E 241 24.53 -24.98 -4.12
C VAL E 241 23.90 -26.35 -4.36
N GLY E 242 22.63 -26.54 -4.06
CA GLY E 242 22.02 -27.83 -4.29
C GLY E 242 20.66 -27.93 -3.64
N LEU E 243 20.04 -29.07 -3.85
CA LEU E 243 18.73 -29.36 -3.26
C LEU E 243 18.60 -30.85 -3.02
N ARG E 244 17.59 -31.22 -2.26
CA ARG E 244 17.34 -32.64 -2.01
C ARG E 244 15.89 -32.83 -1.59
N ASN E 245 15.28 -33.90 -2.05
CA ASN E 245 13.90 -34.21 -1.75
C ASN E 245 13.78 -35.23 -0.63
N THR E 246 12.66 -35.18 0.10
CA THR E 246 12.48 -36.01 1.27
C THR E 246 10.99 -36.28 1.46
N THR E 247 10.66 -37.48 1.94
CA THR E 247 9.29 -37.86 2.22
C THR E 247 9.21 -38.42 3.62
N GLU E 248 8.25 -37.95 4.42
CA GLU E 248 8.06 -38.47 5.76
C GLU E 248 6.57 -38.53 6.07
N VAL E 249 6.23 -38.94 7.28
CA VAL E 249 4.86 -39.05 7.73
C VAL E 249 4.75 -38.32 9.06
N VAL E 250 3.83 -37.37 9.16
CA VAL E 250 3.65 -36.57 10.35
C VAL E 250 2.31 -36.91 10.98
N LYS E 251 2.20 -36.61 12.27
CA LYS E 251 1.00 -36.85 13.07
C LYS E 251 0.33 -35.51 13.35
N THR E 252 -0.97 -35.45 13.10
CA THR E 252 -1.76 -34.25 13.36
C THR E 252 -3.02 -34.65 14.11
N THR E 253 -3.72 -33.65 14.65
CA THR E 253 -4.96 -33.92 15.37
C THR E 253 -5.99 -34.61 14.49
N SER E 254 -5.85 -34.51 13.17
CA SER E 254 -6.80 -35.14 12.26
C SER E 254 -6.37 -36.55 11.88
N GLY E 255 -5.09 -36.78 11.64
CA GLY E 255 -4.62 -38.10 11.27
C GLY E 255 -3.15 -38.07 10.93
N ASP E 256 -2.73 -39.10 10.20
CA ASP E 256 -1.35 -39.23 9.75
C ASP E 256 -1.27 -38.79 8.30
N TYR E 257 -0.37 -37.87 8.00
CA TYR E 257 -0.26 -37.29 6.67
C TYR E 257 1.12 -37.53 6.09
N VAL E 258 1.16 -37.70 4.77
CA VAL E 258 2.41 -37.87 4.03
C VAL E 258 2.90 -36.49 3.64
N VAL E 259 4.01 -36.07 4.24
CA VAL E 259 4.56 -34.74 4.06
C VAL E 259 5.80 -34.86 3.19
N MET E 260 5.79 -34.21 2.03
CA MET E 260 6.96 -34.14 1.18
C MET E 260 7.69 -32.82 1.41
N SER E 261 8.99 -32.84 1.19
CA SER E 261 9.82 -31.67 1.43
C SER E 261 10.87 -31.57 0.34
N VAL E 262 11.23 -30.33 0.02
CA VAL E 262 12.35 -30.05 -0.86
C VAL E 262 13.25 -29.07 -0.14
N TYR E 263 14.48 -29.48 0.15
CA TYR E 263 15.43 -28.65 0.88
C TYR E 263 16.35 -27.97 -0.14
N PHE E 264 16.39 -26.64 -0.08
CA PHE E 264 17.32 -25.84 -0.87
C PHE E 264 18.46 -25.39 0.01
N ASP E 265 19.69 -25.57 -0.47
CA ASP E 265 20.90 -25.24 0.27
C ASP E 265 21.44 -23.90 -0.20
N LEU E 266 21.48 -22.92 0.71
CA LEU E 266 21.97 -21.60 0.42
C LEU E 266 23.23 -21.33 1.25
N SER E 267 24.23 -20.75 0.60
CA SER E 267 25.50 -20.39 1.23
C SER E 267 25.70 -18.90 1.07
N ARG E 268 25.81 -18.18 2.20
CA ARG E 268 25.93 -16.70 2.17
C ARG E 268 27.31 -16.30 1.64
N ARG E 269 27.36 -15.66 0.47
CA ARG E 269 28.63 -15.13 -0.09
C ARG E 269 29.00 -13.91 0.74
N MET E 270 30.29 -13.70 1.00
CA MET E 270 30.76 -12.59 1.87
C MET E 270 31.22 -11.44 0.96
N GLY E 271 30.38 -10.41 0.78
CA GLY E 271 30.72 -9.27 -0.08
C GLY E 271 30.07 -7.99 0.42
N TYR E 272 28.75 -7.97 0.53
CA TYR E 272 28.00 -6.76 0.98
C TYR E 272 28.43 -6.39 2.38
N PHE E 273 28.48 -7.34 3.30
CA PHE E 273 28.84 -7.09 4.72
C PHE E 273 30.34 -6.83 4.80
N THR E 274 31.14 -7.47 3.94
CA THR E 274 32.61 -7.31 3.93
C THR E 274 32.96 -5.86 3.62
N ILE E 275 32.11 -5.14 2.87
CA ILE E 275 32.41 -3.75 2.42
C ILE E 275 31.55 -2.73 3.18
N GLN E 276 30.55 -3.18 3.94
CA GLN E 276 29.62 -2.29 4.62
C GLN E 276 29.97 -2.06 6.07
N THR E 277 30.57 -3.03 6.73
CA THR E 277 30.86 -2.92 8.16
C THR E 277 32.28 -3.33 8.53
N TYR E 278 32.83 -4.35 7.89
CA TYR E 278 34.14 -4.84 8.32
C TYR E 278 35.24 -3.83 8.00
N ILE E 279 35.27 -3.35 6.75
CA ILE E 279 36.30 -2.43 6.32
C ILE E 279 36.13 -1.09 7.05
N PRO E 280 34.93 -0.53 7.10
CA PRO E 280 34.76 0.72 7.88
C PRO E 280 35.23 0.60 9.32
N CYS E 281 34.96 -0.52 9.97
CA CYS E 281 35.32 -0.64 11.37
C CYS E 281 36.81 -0.86 11.55
N THR E 282 37.45 -1.63 10.67
CA THR E 282 38.89 -1.80 10.81
C THR E 282 39.62 -0.50 10.48
N LEU E 283 39.07 0.30 9.57
CA LEU E 283 39.72 1.55 9.24
C LEU E 283 39.48 2.57 10.35
N ILE E 284 38.35 2.46 11.03
CA ILE E 284 38.12 3.29 12.21
C ILE E 284 39.10 2.89 13.32
N VAL E 285 39.37 1.59 13.45
CA VAL E 285 40.33 1.14 14.45
C VAL E 285 41.71 1.73 14.18
N VAL E 286 42.14 1.70 12.92
CA VAL E 286 43.47 2.26 12.65
C VAL E 286 43.43 3.77 12.82
N LEU E 287 42.28 4.40 12.57
CA LEU E 287 42.16 5.82 12.87
C LEU E 287 42.36 6.07 14.36
N SER E 288 41.84 5.18 15.20
CA SER E 288 42.04 5.32 16.63
C SER E 288 43.50 5.07 16.99
N TRP E 289 44.18 4.21 16.23
CA TRP E 289 45.61 4.01 16.48
C TRP E 289 46.42 5.25 16.11
N VAL E 290 45.94 6.03 15.14
CA VAL E 290 46.65 7.22 14.73
C VAL E 290 46.89 8.17 15.90
N SER E 291 46.06 8.08 16.95
CA SER E 291 46.26 8.95 18.09
C SER E 291 47.53 8.64 18.85
N PHE E 292 48.06 7.43 18.71
CA PHE E 292 49.25 7.03 19.45
C PHE E 292 50.50 7.75 18.98
N TRP E 293 50.45 8.43 17.83
CA TRP E 293 51.61 9.17 17.34
C TRP E 293 51.51 10.67 17.60
N ILE E 294 50.31 11.19 17.81
CA ILE E 294 50.15 12.60 18.14
C ILE E 294 50.77 12.86 19.51
N ASN E 295 51.44 14.00 19.64
CA ASN E 295 52.15 14.30 20.87
C ASN E 295 51.19 14.31 22.06
N LYS E 296 51.69 13.86 23.21
CA LYS E 296 50.87 13.67 24.39
C LYS E 296 50.45 14.97 25.08
N ASP E 297 51.03 16.12 24.68
CA ASP E 297 50.64 17.36 25.35
C ASP E 297 49.32 17.90 24.81
N ALA E 298 49.02 17.70 23.53
CA ALA E 298 47.78 18.17 22.93
C ALA E 298 46.67 17.23 23.39
N VAL E 299 46.02 17.59 24.48
CA VAL E 299 44.98 16.74 25.06
C VAL E 299 43.71 16.80 24.22
N PRO E 300 43.13 17.98 23.98
CA PRO E 300 41.82 18.01 23.30
C PRO E 300 41.85 17.35 21.93
N ALA E 301 43.03 17.16 21.34
CA ALA E 301 43.10 16.53 20.03
C ALA E 301 42.89 15.03 20.17
N ARG E 302 43.60 14.42 21.11
CA ARG E 302 43.51 12.98 21.28
C ARG E 302 42.17 12.62 21.89
N THR E 303 41.67 13.45 22.81
CA THR E 303 40.33 13.22 23.34
C THR E 303 39.26 13.34 22.25
N SER E 304 39.45 14.24 21.29
CA SER E 304 38.49 14.34 20.20
C SER E 304 38.56 13.09 19.33
N LEU E 305 39.79 12.68 18.97
CA LEU E 305 39.97 11.42 18.26
C LEU E 305 39.17 10.31 18.94
N GLY E 306 39.44 10.09 20.23
CA GLY E 306 38.80 8.99 20.93
C GLY E 306 37.28 9.08 20.91
N ILE E 307 36.75 10.27 21.24
CA ILE E 307 35.30 10.38 21.44
C ILE E 307 34.56 10.29 20.11
N THR E 308 35.12 10.90 19.05
CA THR E 308 34.49 10.81 17.75
C THR E 308 34.58 9.38 17.20
N THR E 309 35.71 8.70 17.46
CA THR E 309 35.81 7.31 17.09
C THR E 309 34.74 6.48 17.79
N VAL E 310 34.50 6.73 19.07
CA VAL E 310 33.46 6.01 19.79
C VAL E 310 32.09 6.29 19.18
N LEU E 311 31.83 7.56 18.84
CA LEU E 311 30.53 7.90 18.25
C LEU E 311 30.32 7.17 16.94
N THR E 312 31.31 7.20 16.06
CA THR E 312 31.18 6.48 14.79
C THR E 312 31.05 4.98 15.02
N MET E 313 31.75 4.46 16.03
CA MET E 313 31.68 3.04 16.32
C MET E 313 30.27 2.65 16.74
N THR E 314 29.64 3.44 17.60
CA THR E 314 28.29 3.10 18.04
C THR E 314 27.29 3.26 16.91
N THR E 315 27.48 4.27 16.05
CA THR E 315 26.59 4.40 14.89
C THR E 315 26.72 3.19 13.97
N LEU E 316 27.96 2.77 13.70
CA LEU E 316 28.16 1.65 12.79
C LEU E 316 27.62 0.36 13.40
N SER E 317 27.77 0.18 14.71
CA SER E 317 27.17 -0.98 15.35
C SER E 317 25.65 -0.94 15.27
N THR E 318 25.06 0.24 15.51
CA THR E 318 23.62 0.37 15.37
C THR E 318 23.16 0.05 13.96
N ILE E 319 24.03 0.20 12.97
CA ILE E 319 23.64 -0.05 11.60
C ILE E 319 23.80 -1.53 11.28
N ALA E 320 24.96 -2.10 11.62
CA ALA E 320 25.19 -3.51 11.36
C ALA E 320 24.09 -4.33 12.04
N ARG E 321 23.76 -3.95 13.29
CA ARG E 321 22.70 -4.64 14.01
C ARG E 321 21.33 -4.33 13.40
N LYS E 322 21.15 -3.16 12.79
CA LYS E 322 19.89 -2.90 12.14
C LYS E 322 19.74 -3.71 10.86
N SER E 323 20.85 -4.21 10.33
CA SER E 323 20.79 -5.07 9.14
C SER E 323 19.91 -6.29 9.41
N LEU E 324 20.29 -7.10 10.39
CA LEU E 324 19.60 -8.33 10.74
C LEU E 324 18.59 -8.08 11.86
N PRO E 325 17.63 -8.98 12.07
CA PRO E 325 16.57 -8.71 13.05
C PRO E 325 17.04 -8.69 14.49
N LYS E 326 16.11 -8.41 15.41
CA LYS E 326 16.41 -8.37 16.82
C LYS E 326 16.55 -9.80 17.34
N VAL E 327 17.77 -10.20 17.67
CA VAL E 327 18.05 -11.51 18.22
C VAL E 327 18.81 -11.34 19.53
N SER E 328 18.45 -12.13 20.53
CA SER E 328 18.98 -11.95 21.87
C SER E 328 20.32 -12.66 22.06
N TYR E 329 20.85 -13.33 21.05
CA TYR E 329 22.13 -13.99 21.14
C TYR E 329 23.18 -13.18 20.40
N VAL E 330 24.43 -13.63 20.53
CA VAL E 330 25.59 -12.94 19.97
C VAL E 330 25.96 -13.60 18.65
N THR E 331 25.95 -12.81 17.58
CA THR E 331 26.31 -13.31 16.26
C THR E 331 27.82 -13.20 16.09
N ALA E 332 28.31 -13.37 14.86
CA ALA E 332 29.73 -13.21 14.60
C ALA E 332 30.09 -11.81 14.10
N MET E 333 29.11 -11.01 13.69
CA MET E 333 29.37 -9.65 13.24
C MET E 333 29.33 -8.66 14.39
N ASP E 334 28.30 -8.77 15.23
CA ASP E 334 28.23 -7.90 16.40
C ASP E 334 29.37 -8.18 17.36
N LEU E 335 29.86 -9.41 17.40
CA LEU E 335 31.08 -9.70 18.15
C LEU E 335 32.24 -8.89 17.60
N PHE E 336 32.37 -8.82 16.28
CA PHE E 336 33.44 -8.05 15.67
C PHE E 336 33.33 -6.57 16.04
N VAL E 337 32.13 -6.01 15.91
CA VAL E 337 32.01 -4.58 16.22
C VAL E 337 32.21 -4.33 17.70
N SER E 338 31.91 -5.33 18.54
CA SER E 338 32.15 -5.16 19.96
C SER E 338 33.63 -5.18 20.27
N VAL E 339 34.38 -6.06 19.61
CA VAL E 339 35.82 -6.09 19.81
C VAL E 339 36.44 -4.78 19.35
N CYS E 340 35.98 -4.26 18.20
CA CYS E 340 36.50 -2.97 17.74
C CYS E 340 36.17 -1.86 18.72
N PHE E 341 34.95 -1.87 19.25
CA PHE E 341 34.57 -0.88 20.26
C PHE E 341 35.52 -0.97 21.44
N ILE E 342 35.78 -2.18 21.91
CA ILE E 342 36.69 -2.37 23.04
C ILE E 342 38.06 -1.80 22.71
N PHE E 343 38.56 -2.11 21.50
CA PHE E 343 39.86 -1.57 21.10
C PHE E 343 39.90 -0.06 21.23
N VAL E 344 38.88 0.61 20.69
CA VAL E 344 38.87 2.08 20.72
C VAL E 344 38.80 2.58 22.15
N PHE E 345 37.94 1.95 22.96
CA PHE E 345 37.79 2.39 24.33
C PHE E 345 39.06 2.16 25.12
N SER E 346 39.80 1.10 24.81
CA SER E 346 41.03 0.82 25.53
C SER E 346 42.13 1.77 25.09
N ALA E 347 42.15 2.17 23.82
CA ALA E 347 43.12 3.19 23.41
C ALA E 347 42.82 4.51 24.10
N LEU E 348 41.53 4.81 24.32
CA LEU E 348 41.17 6.08 24.92
C LEU E 348 41.53 6.07 26.40
N VAL E 349 41.17 5.00 27.10
CA VAL E 349 41.44 4.95 28.54
C VAL E 349 42.94 4.84 28.78
N GLU E 350 43.67 4.22 27.86
CA GLU E 350 45.12 4.14 28.00
C GLU E 350 45.75 5.52 27.85
N TYR E 351 45.36 6.28 26.82
CA TYR E 351 45.87 7.64 26.75
C TYR E 351 45.40 8.47 27.93
N GLY E 352 44.24 8.14 28.49
CA GLY E 352 43.79 8.85 29.68
C GLY E 352 44.75 8.66 30.82
N THR E 353 45.08 7.40 31.12
CA THR E 353 46.01 7.13 32.20
C THR E 353 47.40 7.63 31.86
N LEU E 354 47.72 7.73 30.57
CA LEU E 354 49.01 8.27 30.16
C LEU E 354 49.10 9.74 30.55
N HIS E 355 48.08 10.52 30.16
CA HIS E 355 48.11 11.95 30.43
C HIS E 355 48.05 12.19 31.93
N TYR E 356 47.29 11.36 32.65
CA TYR E 356 47.19 11.53 34.09
C TYR E 356 48.50 11.19 34.79
N PHE E 357 49.21 10.17 34.29
CA PHE E 357 50.47 9.75 34.90
C PHE E 357 51.63 10.66 34.52
N VAL E 358 51.52 11.41 33.42
CA VAL E 358 52.57 12.37 33.09
C VAL E 358 52.77 13.34 34.25
N SER E 359 51.68 13.76 34.88
CA SER E 359 51.79 14.65 36.03
C SER E 359 52.42 13.92 37.21
N SER E 360 52.14 12.62 37.34
CA SER E 360 52.70 11.82 38.42
C SER E 360 54.13 11.38 38.09
N GLN E 361 54.29 10.59 37.03
CA GLN E 361 55.59 10.09 36.63
C GLN E 361 55.75 10.19 35.11
N PRO E 362 56.68 11.01 34.61
CA PRO E 362 56.76 11.19 33.15
C PRO E 362 57.32 9.97 32.43
N ALA E 363 58.32 9.31 33.03
CA ALA E 363 58.94 8.18 32.34
C ALA E 363 57.94 7.06 32.08
N ARG E 364 56.96 6.89 32.97
CA ARG E 364 55.91 5.90 32.74
C ARG E 364 55.20 6.18 31.42
N ALA E 365 54.78 7.43 31.20
CA ALA E 365 54.09 7.78 29.97
C ALA E 365 55.04 7.66 28.78
N ALA E 366 56.30 8.03 28.96
CA ALA E 366 57.25 7.92 27.86
C ALA E 366 57.41 6.46 27.42
N LYS E 367 57.50 5.53 28.37
CA LYS E 367 57.56 4.11 28.00
C LYS E 367 56.19 3.56 27.61
N MET E 368 55.13 4.34 27.78
CA MET E 368 53.80 3.80 27.60
C MET E 368 53.29 4.11 26.21
N ASP E 369 53.60 5.30 25.70
CA ASP E 369 53.19 5.62 24.34
C ASP E 369 53.83 4.62 23.39
N SER E 370 55.16 4.44 23.50
CA SER E 370 55.87 3.51 22.65
C SER E 370 55.49 2.05 22.95
N TYR E 371 55.08 1.73 24.18
CA TYR E 371 54.59 0.38 24.43
C TYR E 371 53.29 0.13 23.68
N ALA E 372 52.36 1.08 23.74
CA ALA E 372 51.06 0.91 23.08
C ALA E 372 51.21 0.88 21.57
N ARG E 373 52.12 1.70 21.02
CA ARG E 373 52.28 1.72 19.56
C ARG E 373 52.56 0.33 19.00
N ILE E 374 53.17 -0.55 19.80
CA ILE E 374 53.49 -1.89 19.34
C ILE E 374 52.43 -2.88 19.84
N PHE E 375 51.89 -2.63 21.03
CA PHE E 375 50.98 -3.58 21.64
C PHE E 375 49.61 -3.61 20.94
N PHE E 376 49.17 -2.47 20.40
CA PHE E 376 47.82 -2.43 19.84
C PHE E 376 47.73 -3.15 18.50
N PRO E 377 48.55 -2.82 17.49
CA PRO E 377 48.42 -3.50 16.19
C PRO E 377 48.67 -4.99 16.27
N THR E 378 49.59 -5.44 17.13
CA THR E 378 49.80 -6.87 17.28
C THR E 378 48.56 -7.56 17.84
N ALA E 379 47.98 -6.97 18.88
CA ALA E 379 46.77 -7.56 19.46
C ALA E 379 45.62 -7.57 18.45
N PHE E 380 45.59 -6.58 17.55
CA PHE E 380 44.50 -6.55 16.58
C PHE E 380 44.71 -7.60 15.50
N CYS E 381 45.94 -7.73 15.00
CA CYS E 381 46.24 -8.80 14.05
C CYS E 381 45.89 -10.15 14.65
N LEU E 382 46.33 -10.38 15.89
CA LEU E 382 46.00 -11.64 16.57
C LEU E 382 44.50 -11.86 16.62
N PHE E 383 43.75 -10.87 17.12
CA PHE E 383 42.29 -11.01 17.18
C PHE E 383 41.73 -11.39 15.82
N ASN E 384 42.07 -10.62 14.78
CA ASN E 384 41.55 -10.90 13.45
C ASN E 384 41.83 -12.35 13.08
N LEU E 385 43.12 -12.71 13.02
CA LEU E 385 43.52 -14.06 12.68
C LEU E 385 42.65 -15.07 13.39
N VAL E 386 42.65 -15.05 14.72
CA VAL E 386 41.87 -16.00 15.51
C VAL E 386 40.44 -16.06 14.98
N TYR E 387 39.72 -14.94 15.07
CA TYR E 387 38.33 -14.86 14.65
C TYR E 387 38.11 -15.50 13.28
N TRP E 388 38.76 -14.94 12.27
CA TRP E 388 38.55 -15.38 10.88
C TRP E 388 38.84 -16.86 10.72
N VAL E 389 40.03 -17.31 11.12
CA VAL E 389 40.39 -18.71 10.95
C VAL E 389 39.36 -19.60 11.63
N SER E 390 39.03 -19.29 12.89
CA SER E 390 38.08 -20.10 13.64
C SER E 390 36.78 -20.24 12.86
N TYR E 391 36.21 -19.12 12.44
CA TYR E 391 34.91 -19.21 11.78
C TYR E 391 35.00 -19.92 10.44
N LEU E 392 36.10 -19.76 9.72
CA LEU E 392 36.22 -20.45 8.44
C LEU E 392 36.38 -21.96 8.63
N TYR E 393 36.98 -22.37 9.76
CA TYR E 393 37.07 -23.79 10.06
C TYR E 393 35.81 -24.31 10.75
N LEU E 394 35.11 -23.44 11.47
CA LEU E 394 33.91 -23.83 12.20
C LEU E 394 32.73 -24.00 11.23
N ASN F 1 -30.18 14.81 33.56
CA ASN F 1 -31.30 15.77 33.30
C ASN F 1 -30.78 17.05 32.66
N ILE F 2 -31.29 17.33 31.47
CA ILE F 2 -30.94 18.52 30.71
C ILE F 2 -32.03 19.54 30.94
N VAL F 3 -31.70 20.63 31.62
CA VAL F 3 -32.67 21.67 31.92
C VAL F 3 -32.73 22.64 30.75
N MET F 4 -33.95 23.08 30.42
CA MET F 4 -34.19 23.98 29.31
C MET F 4 -34.77 25.27 29.86
N THR F 5 -34.00 26.36 29.78
CA THR F 5 -34.46 27.68 30.20
C THR F 5 -35.12 28.35 29.01
N GLN F 6 -36.44 28.51 29.08
CA GLN F 6 -37.21 29.13 28.01
C GLN F 6 -37.54 30.57 28.38
N SER F 7 -37.28 31.49 27.47
CA SER F 7 -37.49 32.92 27.67
C SER F 7 -38.24 33.51 26.50
N PRO F 8 -39.05 34.56 26.72
CA PRO F 8 -39.36 35.18 28.01
C PRO F 8 -40.49 34.45 28.70
N LYS F 9 -40.64 34.64 30.01
CA LYS F 9 -41.64 33.88 30.74
C LYS F 9 -43.06 34.24 30.28
N SER F 10 -43.27 35.47 29.83
CA SER F 10 -44.60 35.89 29.37
C SER F 10 -44.44 37.19 28.60
N MET F 11 -44.91 37.20 27.36
CA MET F 11 -44.80 38.39 26.52
C MET F 11 -46.07 38.53 25.71
N SER F 12 -46.40 39.79 25.38
CA SER F 12 -47.65 40.11 24.70
C SER F 12 -47.35 40.95 23.46
N MET F 13 -47.87 40.51 22.32
CA MET F 13 -47.69 41.21 21.06
C MET F 13 -49.01 41.26 20.31
N SER F 14 -49.22 42.36 19.59
CA SER F 14 -50.44 42.54 18.82
C SER F 14 -50.37 41.68 17.56
N VAL F 15 -51.31 41.86 16.65
CA VAL F 15 -51.42 41.01 15.48
C VAL F 15 -50.61 41.63 14.34
N GLY F 16 -49.73 40.83 13.74
CA GLY F 16 -49.01 41.25 12.55
C GLY F 16 -47.54 41.55 12.73
N GLU F 17 -46.94 41.19 13.86
CA GLU F 17 -45.54 41.48 14.11
C GLU F 17 -44.76 40.19 14.37
N ARG F 18 -43.49 40.22 14.00
CA ARG F 18 -42.61 39.08 14.21
C ARG F 18 -42.28 38.93 15.69
N VAL F 19 -42.50 37.74 16.24
CA VAL F 19 -42.22 37.43 17.64
C VAL F 19 -41.20 36.31 17.69
N THR F 20 -40.24 36.43 18.61
CA THR F 20 -39.16 35.46 18.74
C THR F 20 -39.11 34.94 20.17
N LEU F 21 -39.24 33.64 20.32
CA LEU F 21 -39.05 32.97 21.60
C LEU F 21 -37.71 32.26 21.60
N SER F 22 -37.09 32.16 22.77
CA SER F 22 -35.78 31.53 22.90
C SER F 22 -35.85 30.40 23.91
N CYS F 23 -35.03 29.38 23.69
CA CYS F 23 -35.00 28.22 24.57
C CYS F 23 -33.55 27.74 24.57
N LYS F 24 -32.87 27.88 25.70
CA LYS F 24 -31.47 27.52 25.81
C LYS F 24 -31.33 26.31 26.71
N ALA F 25 -30.66 25.27 26.21
CA ALA F 25 -30.47 24.06 26.97
C ALA F 25 -29.26 24.22 27.90
N SER F 26 -29.02 23.21 28.72
CA SER F 26 -27.87 23.19 29.60
C SER F 26 -26.70 22.44 28.97
N GLU F 27 -26.92 21.18 28.63
CA GLU F 27 -25.91 20.36 27.99
C GLU F 27 -26.09 20.43 26.48
N TYR F 28 -25.42 19.54 25.76
CA TYR F 28 -25.57 19.47 24.31
C TYR F 28 -26.87 18.75 23.97
N VAL F 29 -27.67 19.36 23.11
CA VAL F 29 -28.82 18.70 22.53
C VAL F 29 -28.82 19.05 21.05
N GLY F 30 -28.34 18.15 20.21
CA GLY F 30 -28.07 18.53 18.85
C GLY F 30 -29.28 18.43 17.95
N THR F 31 -29.95 19.55 17.73
CA THR F 31 -31.10 19.62 16.84
C THR F 31 -32.14 18.58 17.21
N TYR F 32 -32.39 18.43 18.50
CA TYR F 32 -33.35 17.45 19.02
C TYR F 32 -34.31 18.12 19.98
N VAL F 33 -34.68 19.36 19.68
CA VAL F 33 -35.59 20.13 20.52
C VAL F 33 -36.82 20.45 19.71
N SER F 34 -37.97 20.04 20.21
CA SER F 34 -39.25 20.27 19.55
C SER F 34 -40.03 21.38 20.25
N TRP F 35 -40.92 22.01 19.49
CA TRP F 35 -41.75 23.11 19.96
C TRP F 35 -43.21 22.70 19.84
N TYR F 36 -43.94 22.77 20.95
CA TYR F 36 -45.34 22.41 21.04
C TYR F 36 -46.17 23.65 21.36
N GLN F 37 -47.41 23.66 20.87
CA GLN F 37 -48.36 24.74 21.10
C GLN F 37 -49.55 24.17 21.84
N GLN F 38 -49.72 24.58 23.09
CA GLN F 38 -50.80 24.11 23.94
C GLN F 38 -51.81 25.25 24.14
N LYS F 39 -52.89 25.22 23.40
CA LYS F 39 -53.98 26.15 23.64
C LYS F 39 -54.67 25.78 24.95
N PRO F 40 -55.42 26.70 25.54
CA PRO F 40 -56.12 26.39 26.79
C PRO F 40 -57.10 25.24 26.62
N GLU F 41 -57.32 24.50 27.70
CA GLU F 41 -58.20 23.34 27.72
C GLU F 41 -57.94 22.40 26.55
N GLN F 42 -56.68 22.30 26.12
CA GLN F 42 -56.31 21.46 25.00
C GLN F 42 -54.99 20.74 25.31
N SER F 43 -54.78 19.63 24.61
CA SER F 43 -53.53 18.91 24.72
C SER F 43 -52.48 19.56 23.82
N PRO F 44 -51.20 19.45 24.17
CA PRO F 44 -50.16 20.08 23.34
C PRO F 44 -50.18 19.52 21.93
N LYS F 45 -49.91 20.40 20.97
CA LYS F 45 -49.81 20.02 19.56
C LYS F 45 -48.38 20.30 19.11
N LEU F 46 -47.76 19.31 18.48
CA LEU F 46 -46.39 19.49 18.01
C LEU F 46 -46.38 20.47 16.86
N LEU F 47 -45.53 21.49 16.97
CA LEU F 47 -45.35 22.47 15.90
C LEU F 47 -44.06 22.26 15.13
N ILE F 48 -42.92 22.21 15.82
CA ILE F 48 -41.61 22.16 15.17
C ILE F 48 -40.85 20.98 15.73
N TYR F 49 -40.72 19.91 14.96
CA TYR F 49 -39.90 18.79 15.38
C TYR F 49 -38.49 18.95 14.85
N GLY F 50 -37.61 18.07 15.29
CA GLY F 50 -36.21 18.23 14.97
C GLY F 50 -35.71 19.49 15.63
N ALA F 51 -35.17 20.41 14.84
CA ALA F 51 -34.86 21.76 15.32
C ALA F 51 -35.60 22.81 14.51
N SER F 52 -35.57 22.69 13.18
CA SER F 52 -36.29 23.59 12.29
C SER F 52 -36.95 22.71 11.23
N ASN F 53 -38.16 22.24 11.53
CA ASN F 53 -38.90 21.37 10.63
C ASN F 53 -40.36 21.49 10.99
N ARG F 54 -41.15 22.08 10.11
CA ARG F 54 -42.57 22.27 10.40
C ARG F 54 -43.28 20.93 10.32
N TYR F 55 -44.08 20.62 11.34
CA TYR F 55 -44.89 19.42 11.32
C TYR F 55 -45.99 19.55 10.28
N THR F 56 -46.46 18.41 9.79
CA THR F 56 -47.45 18.39 8.72
C THR F 56 -48.77 18.98 9.23
N GLY F 57 -49.10 20.18 8.78
CA GLY F 57 -50.32 20.85 9.20
C GLY F 57 -50.05 22.12 9.98
N VAL F 58 -48.79 22.55 9.99
CA VAL F 58 -48.38 23.75 10.70
C VAL F 58 -48.30 24.90 9.70
N PRO F 59 -48.85 26.07 10.01
CA PRO F 59 -48.74 27.19 9.08
C PRO F 59 -47.30 27.58 8.84
N ASP F 60 -47.08 28.34 7.77
CA ASP F 60 -45.74 28.71 7.36
C ASP F 60 -45.14 29.87 8.15
N ARG F 61 -45.87 30.43 9.11
CA ARG F 61 -45.32 31.53 9.88
C ARG F 61 -44.45 31.06 11.03
N PHE F 62 -44.70 29.84 11.52
CA PHE F 62 -43.85 29.24 12.55
C PHE F 62 -42.59 28.68 11.90
N THR F 63 -41.43 29.12 12.37
CA THR F 63 -40.19 28.52 11.89
C THR F 63 -39.16 28.52 13.00
N GLY F 64 -38.34 27.48 13.01
CA GLY F 64 -37.38 27.30 14.08
C GLY F 64 -35.96 27.54 13.63
N SER F 65 -35.06 27.77 14.59
CA SER F 65 -33.65 27.97 14.31
C SER F 65 -32.86 27.22 15.36
N GLY F 66 -32.04 26.27 14.92
CA GLY F 66 -31.38 25.34 15.80
C GLY F 66 -29.90 25.62 15.98
N SER F 67 -29.34 24.96 16.99
CA SER F 67 -27.92 25.01 17.30
C SER F 67 -27.62 23.86 18.25
N ALA F 68 -26.45 23.89 18.88
CA ALA F 68 -26.13 22.87 19.87
C ALA F 68 -26.84 23.11 21.18
N THR F 69 -26.91 24.38 21.63
CA THR F 69 -27.49 24.72 22.92
C THR F 69 -28.66 25.68 22.80
N ASP F 70 -28.54 26.75 22.02
CA ASP F 70 -29.54 27.80 21.94
C ASP F 70 -30.45 27.56 20.75
N PHE F 71 -31.76 27.73 20.95
CA PHE F 71 -32.73 27.53 19.90
C PHE F 71 -33.73 28.66 19.93
N THR F 72 -34.26 29.01 18.76
CA THR F 72 -35.26 30.07 18.67
C THR F 72 -36.46 29.59 17.86
N LEU F 73 -37.61 30.20 18.13
CA LEU F 73 -38.83 29.97 17.38
C LEU F 73 -39.40 31.32 17.00
N THR F 74 -39.55 31.56 15.70
CA THR F 74 -40.02 32.84 15.18
C THR F 74 -41.38 32.66 14.55
N ILE F 75 -42.30 33.55 14.91
CA ILE F 75 -43.63 33.62 14.31
C ILE F 75 -43.73 34.98 13.63
N GLY F 76 -43.59 35.00 12.32
CA GLY F 76 -43.78 36.23 11.57
C GLY F 76 -45.26 36.51 11.37
N SER F 77 -45.69 37.73 11.72
CA SER F 77 -47.07 38.16 11.53
C SER F 77 -48.04 37.23 12.25
N VAL F 78 -47.95 37.25 13.58
CA VAL F 78 -48.83 36.42 14.39
C VAL F 78 -50.28 36.76 14.07
N GLN F 79 -51.14 35.75 14.13
CA GLN F 79 -52.56 35.92 13.94
C GLN F 79 -53.26 35.99 15.30
N ALA F 80 -54.60 36.00 15.28
CA ALA F 80 -55.37 36.03 16.50
C ALA F 80 -55.50 34.67 17.16
N GLU F 81 -55.29 33.59 16.41
CA GLU F 81 -55.44 32.24 16.94
C GLU F 81 -54.13 31.66 17.44
N ASP F 82 -53.03 32.39 17.29
CA ASP F 82 -51.71 31.93 17.73
C ASP F 82 -51.50 32.17 19.22
N LEU F 83 -52.53 32.52 19.97
CA LEU F 83 -52.41 32.83 21.38
C LEU F 83 -52.55 31.54 22.18
N ALA F 84 -51.44 31.05 22.72
CA ALA F 84 -51.44 29.80 23.46
C ALA F 84 -50.16 29.71 24.28
N ASP F 85 -49.94 28.56 24.92
CA ASP F 85 -48.67 28.27 25.56
C ASP F 85 -47.73 27.66 24.53
N TYR F 86 -46.44 27.94 24.69
CA TYR F 86 -45.43 27.46 23.74
C TYR F 86 -44.31 26.80 24.54
N HIS F 87 -44.21 25.48 24.42
CA HIS F 87 -43.27 24.69 25.21
C HIS F 87 -42.15 24.19 24.31
N CYS F 88 -40.91 24.40 24.73
CA CYS F 88 -39.76 23.78 24.10
C CYS F 88 -39.36 22.57 24.91
N GLY F 89 -39.02 21.48 24.22
CA GLY F 89 -38.60 20.27 24.90
C GLY F 89 -37.54 19.51 24.15
N GLN F 90 -36.44 19.19 24.82
CA GLN F 90 -35.38 18.42 24.20
C GLN F 90 -35.72 16.94 24.23
N SER F 91 -35.06 16.18 23.35
CA SER F 91 -35.22 14.74 23.30
C SER F 91 -33.90 14.01 23.09
N TYR F 92 -32.78 14.72 23.07
CA TYR F 92 -31.48 14.06 22.92
C TYR F 92 -31.24 13.07 24.04
N SER F 93 -31.72 13.36 25.23
CA SER F 93 -31.75 12.45 26.35
C SER F 93 -33.20 12.23 26.74
N TYR F 94 -33.41 11.63 27.91
CA TYR F 94 -34.76 11.50 28.43
C TYR F 94 -35.47 12.86 28.41
N PRO F 95 -36.69 12.93 27.88
CA PRO F 95 -37.27 14.24 27.56
C PRO F 95 -37.51 15.10 28.79
N THR F 96 -37.04 16.34 28.72
CA THR F 96 -37.28 17.35 29.74
C THR F 96 -37.80 18.61 29.07
N PHE F 97 -38.95 19.10 29.49
CA PHE F 97 -39.59 20.23 28.84
C PHE F 97 -39.19 21.54 29.50
N GLY F 98 -39.49 22.64 28.81
CA GLY F 98 -39.28 23.96 29.35
C GLY F 98 -40.50 24.48 30.09
N ALA F 99 -40.33 25.61 30.76
CA ALA F 99 -41.41 26.16 31.57
C ALA F 99 -42.53 26.75 30.73
N GLY F 100 -42.29 27.07 29.47
CA GLY F 100 -43.34 27.61 28.62
C GLY F 100 -43.46 29.11 28.76
N THR F 101 -43.96 29.74 27.69
CA THR F 101 -44.14 31.18 27.62
C THR F 101 -45.60 31.50 27.31
N LYS F 102 -46.21 32.34 28.14
CA LYS F 102 -47.57 32.81 27.88
C LYS F 102 -47.53 33.87 26.79
N LEU F 103 -48.27 33.65 25.71
CA LEU F 103 -48.39 34.60 24.62
C LEU F 103 -49.76 35.27 24.71
N GLU F 104 -49.77 36.59 24.87
CA GLU F 104 -51.00 37.35 25.03
C GLU F 104 -51.07 38.47 24.00
N LEU F 105 -52.24 39.11 23.94
CA LEU F 105 -52.46 40.26 23.08
C LEU F 105 -52.89 41.46 23.90
N VAL G 2 -52.98 7.27 15.33
CA VAL G 2 -53.58 8.51 14.85
C VAL G 2 -54.52 9.07 15.91
N GLN G 3 -54.86 8.25 16.91
CA GLN G 3 -55.76 8.71 17.97
C GLN G 3 -55.43 7.99 19.26
N LEU G 4 -54.98 8.75 20.25
CA LEU G 4 -54.66 8.21 21.57
C LEU G 4 -55.79 8.62 22.51
N GLN G 5 -56.71 7.69 22.78
CA GLN G 5 -57.87 7.96 23.60
C GLN G 5 -57.57 7.55 25.03
N GLN G 6 -57.59 8.51 25.96
CA GLN G 6 -57.29 8.22 27.35
C GLN G 6 -58.58 7.93 28.09
N SER G 7 -58.47 7.61 29.38
CA SER G 7 -59.64 7.34 30.19
C SER G 7 -60.21 8.67 30.70
N GLY G 8 -61.18 8.61 31.61
CA GLY G 8 -61.79 9.81 32.15
C GLY G 8 -61.08 10.31 33.40
N ALA G 9 -61.54 11.46 33.87
CA ALA G 9 -60.97 12.04 35.07
C ALA G 9 -61.32 11.18 36.28
N GLU G 10 -60.72 11.52 37.43
CA GLU G 10 -61.04 10.77 38.62
C GLU G 10 -60.74 11.59 39.87
N LEU G 11 -61.54 11.36 40.90
CA LEU G 11 -61.43 11.99 42.20
C LEU G 11 -61.15 10.88 43.21
N VAL G 12 -59.95 10.85 43.76
CA VAL G 12 -59.54 9.74 44.62
C VAL G 12 -59.12 10.26 45.99
N LYS G 13 -59.18 9.37 46.97
CA LYS G 13 -58.77 9.71 48.33
C LYS G 13 -57.25 9.61 48.46
N PRO G 14 -56.63 10.52 49.21
CA PRO G 14 -55.17 10.44 49.40
C PRO G 14 -54.74 9.10 49.99
N GLY G 15 -53.71 8.51 49.40
CA GLY G 15 -53.21 7.22 49.83
C GLY G 15 -53.62 6.07 48.94
N ALA G 16 -54.56 6.28 48.02
CA ALA G 16 -55.04 5.21 47.16
C ALA G 16 -54.11 5.06 45.96
N SER G 17 -54.50 4.20 45.01
CA SER G 17 -53.75 3.96 43.79
C SER G 17 -54.70 3.99 42.60
N VAL G 18 -54.24 4.60 41.51
CA VAL G 18 -55.04 4.75 40.30
C VAL G 18 -54.32 4.10 39.14
N LYS G 19 -55.09 3.70 38.13
CA LYS G 19 -54.55 3.07 36.94
C LYS G 19 -55.25 3.69 35.73
N LEU G 20 -54.52 4.58 35.04
CA LEU G 20 -55.04 5.25 33.86
C LEU G 20 -54.98 4.32 32.66
N SER G 21 -55.44 4.81 31.51
CA SER G 21 -55.51 3.98 30.31
C SER G 21 -55.32 4.86 29.08
N CYS G 22 -54.59 4.32 28.10
CA CYS G 22 -54.26 5.05 26.88
C CYS G 22 -54.44 4.09 25.70
N THR G 23 -55.64 4.04 25.15
CA THR G 23 -55.92 3.17 24.01
C THR G 23 -55.44 3.81 22.72
N ALA G 24 -54.53 3.13 22.03
CA ALA G 24 -54.05 3.59 20.73
C ALA G 24 -55.00 3.13 19.64
N SER G 25 -55.19 4.00 18.64
CA SER G 25 -56.04 3.69 17.50
C SER G 25 -55.38 4.25 16.25
N GLY G 26 -55.06 3.38 15.30
CA GLY G 26 -54.42 3.76 14.06
C GLY G 26 -52.99 3.30 13.93
N PHE G 27 -52.45 2.61 14.94
CA PHE G 27 -51.10 2.09 14.87
C PHE G 27 -50.97 1.03 15.96
N ASN G 28 -49.82 0.36 15.96
CA ASN G 28 -49.50 -0.64 16.97
C ASN G 28 -48.46 -0.06 17.92
N ILE G 29 -48.74 -0.18 19.22
CA ILE G 29 -47.81 0.41 20.19
C ILE G 29 -46.49 -0.32 20.18
N LYS G 30 -46.42 -1.51 19.57
CA LYS G 30 -45.16 -2.23 19.49
C LYS G 30 -44.21 -1.63 18.46
N ASP G 31 -44.62 -0.56 17.77
CA ASP G 31 -43.76 0.08 16.79
C ASP G 31 -42.99 1.26 17.38
N THR G 32 -43.61 2.02 18.26
CA THR G 32 -43.00 3.21 18.84
C THR G 32 -42.99 3.08 20.36
N TYR G 33 -42.48 4.13 21.01
CA TYR G 33 -42.51 4.21 22.46
C TYR G 33 -43.82 4.87 22.90
N MET G 34 -44.03 4.92 24.21
CA MET G 34 -45.19 5.59 24.78
C MET G 34 -44.74 6.36 26.01
N TYR G 35 -44.93 7.67 25.99
CA TYR G 35 -44.55 8.53 27.09
C TYR G 35 -45.75 8.89 27.93
N TRP G 36 -45.52 9.08 29.23
CA TRP G 36 -46.52 9.57 30.16
C TRP G 36 -45.99 10.86 30.78
N VAL G 37 -46.71 11.95 30.53
CA VAL G 37 -46.32 13.30 30.94
C VAL G 37 -47.37 13.83 31.91
N LYS G 38 -46.92 14.57 32.93
CA LYS G 38 -47.81 15.17 33.91
C LYS G 38 -47.69 16.68 33.87
N GLN G 39 -48.83 17.36 33.85
CA GLN G 39 -48.88 18.83 33.85
C GLN G 39 -49.72 19.28 35.03
N ARG G 40 -49.10 19.93 36.00
CA ARG G 40 -49.83 20.62 37.03
C ARG G 40 -50.51 21.85 36.45
N PRO G 41 -51.55 22.35 37.11
CA PRO G 41 -52.23 23.54 36.58
C PRO G 41 -51.29 24.73 36.44
N GLU G 42 -51.51 25.52 35.39
CA GLU G 42 -50.77 26.76 35.14
C GLU G 42 -49.25 26.59 35.29
N GLN G 43 -48.75 25.39 35.01
CA GLN G 43 -47.32 25.12 35.10
C GLN G 43 -46.85 24.39 33.84
N GLY G 44 -45.54 24.19 33.75
CA GLY G 44 -44.98 23.56 32.59
C GLY G 44 -45.06 22.03 32.64
N LEU G 45 -44.86 21.43 31.49
CA LEU G 45 -44.94 19.98 31.36
C LEU G 45 -43.81 19.32 32.14
N GLU G 46 -44.08 18.10 32.62
CA GLU G 46 -43.10 17.32 33.35
C GLU G 46 -43.18 15.89 32.86
N TRP G 47 -42.01 15.28 32.65
CA TRP G 47 -41.95 13.92 32.17
C TRP G 47 -42.07 12.95 33.33
N ILE G 48 -42.92 11.94 33.17
CA ILE G 48 -43.12 10.93 34.20
C ILE G 48 -42.38 9.69 33.77
N GLY G 49 -42.74 9.15 32.61
CA GLY G 49 -42.10 7.91 32.23
C GLY G 49 -42.00 7.62 30.75
N ARG G 50 -41.77 6.35 30.42
CA ARG G 50 -41.51 5.92 29.06
C ARG G 50 -41.58 4.41 29.00
N ILE G 51 -42.26 3.84 28.02
CA ILE G 51 -42.32 2.38 27.88
C ILE G 51 -42.16 2.00 26.42
N ASP G 52 -41.37 0.95 26.19
CA ASP G 52 -41.13 0.35 24.88
C ASP G 52 -41.95 -0.93 24.76
N PRO G 53 -43.16 -0.86 24.19
CA PRO G 53 -44.04 -2.04 24.23
C PRO G 53 -43.52 -3.25 23.48
N ALA G 54 -42.50 -3.09 22.62
CA ALA G 54 -41.96 -4.25 21.92
C ALA G 54 -41.15 -5.13 22.86
N ASN G 55 -40.41 -4.51 23.78
CA ASN G 55 -39.60 -5.21 24.76
C ASN G 55 -40.26 -5.29 26.13
N GLY G 56 -40.65 -4.14 26.68
CA GLY G 56 -41.29 -4.07 27.97
C GLY G 56 -40.54 -3.25 28.99
N ASP G 57 -39.30 -2.86 28.71
CA ASP G 57 -38.53 -2.09 29.68
C ASP G 57 -39.09 -0.69 29.81
N THR G 58 -38.80 -0.06 30.94
CA THR G 58 -39.31 1.27 31.24
C THR G 58 -38.23 2.10 31.90
N LYS G 59 -38.25 3.40 31.63
CA LYS G 59 -37.40 4.37 32.29
C LYS G 59 -38.30 5.46 32.87
N TYR G 60 -38.11 5.78 34.14
CA TYR G 60 -38.87 6.80 34.82
C TYR G 60 -37.98 7.97 35.20
N ASP G 61 -38.62 9.12 35.42
CA ASP G 61 -37.89 10.28 35.90
C ASP G 61 -37.39 9.97 37.31
N PRO G 62 -36.17 10.37 37.66
CA PRO G 62 -35.67 10.02 39.00
C PRO G 62 -36.55 10.50 40.14
N LYS G 63 -37.40 11.49 39.91
CA LYS G 63 -38.31 11.96 40.96
C LYS G 63 -39.67 11.30 40.91
N PHE G 64 -39.89 10.38 39.97
CA PHE G 64 -41.14 9.62 39.90
C PHE G 64 -40.90 8.13 40.01
N GLN G 65 -39.71 7.71 40.40
CA GLN G 65 -39.39 6.28 40.45
C GLN G 65 -39.95 5.66 41.71
N GLY G 66 -40.62 4.51 41.56
CA GLY G 66 -41.28 3.83 42.63
C GLY G 66 -42.70 4.28 42.86
N LYS G 67 -42.98 5.56 42.58
CA LYS G 67 -44.33 6.07 42.75
C LYS G 67 -45.23 5.71 41.58
N ALA G 68 -44.68 5.63 40.38
CA ALA G 68 -45.43 5.30 39.17
C ALA G 68 -44.89 4.02 38.55
N THR G 69 -45.76 3.38 37.77
CA THR G 69 -45.37 2.18 37.04
C THR G 69 -46.14 2.12 35.72
N ILE G 70 -45.41 2.06 34.61
CA ILE G 70 -46.03 2.04 33.28
C ILE G 70 -45.98 0.61 32.75
N THR G 71 -47.09 0.16 32.18
CA THR G 71 -47.13 -1.17 31.60
C THR G 71 -48.13 -1.19 30.45
N THR G 72 -47.86 -2.02 29.44
CA THR G 72 -48.70 -2.05 28.25
C THR G 72 -49.34 -3.41 28.06
N ASP G 73 -50.44 -3.39 27.33
CA ASP G 73 -51.16 -4.59 26.89
C ASP G 73 -51.21 -4.53 25.36
N THR G 74 -50.31 -5.25 24.71
CA THR G 74 -50.21 -5.22 23.26
C THR G 74 -51.34 -5.98 22.57
N PHE G 75 -52.23 -6.62 23.31
CA PHE G 75 -53.38 -7.28 22.68
C PHE G 75 -54.47 -6.27 22.37
N SER G 76 -54.87 -5.49 23.36
CA SER G 76 -55.81 -4.41 23.15
C SER G 76 -55.14 -3.11 22.73
N ASN G 77 -53.82 -3.11 22.60
CA ASN G 77 -53.08 -1.94 22.14
C ASN G 77 -53.28 -0.78 23.12
N THR G 78 -53.05 -1.07 24.40
CA THR G 78 -53.28 -0.08 25.45
C THR G 78 -52.04 0.08 26.31
N ALA G 79 -52.02 1.18 27.06
CA ALA G 79 -50.92 1.49 27.97
C ALA G 79 -51.48 2.10 29.24
N TYR G 80 -51.06 1.56 30.38
CA TYR G 80 -51.59 1.92 31.69
C TYR G 80 -50.49 2.53 32.54
N LEU G 81 -50.90 3.47 33.39
CA LEU G 81 -50.01 4.14 34.34
C LEU G 81 -50.59 3.92 35.73
N GLN G 82 -49.82 3.27 36.59
CA GLN G 82 -50.23 2.93 37.95
C GLN G 82 -49.52 3.88 38.91
N LEU G 83 -50.27 4.82 39.47
CA LEU G 83 -49.76 5.74 40.48
C LEU G 83 -50.15 5.23 41.85
N SER G 84 -49.20 5.23 42.78
CA SER G 84 -49.40 4.68 44.10
C SER G 84 -48.99 5.70 45.16
N SER G 85 -49.61 5.60 46.33
CA SER G 85 -49.37 6.51 47.44
C SER G 85 -49.51 7.96 47.00
N LEU G 86 -50.72 8.30 46.58
CA LEU G 86 -50.99 9.64 46.07
C LEU G 86 -51.04 10.64 47.21
N THR G 87 -50.56 11.86 46.94
CA THR G 87 -50.55 12.95 47.90
C THR G 87 -51.40 14.09 47.35
N SER G 88 -51.55 15.14 48.18
CA SER G 88 -52.35 16.29 47.80
C SER G 88 -51.72 17.09 46.66
N GLU G 89 -50.42 16.94 46.43
CA GLU G 89 -49.74 17.66 45.36
C GLU G 89 -49.74 16.91 44.04
N ASP G 90 -50.31 15.71 44.00
CA ASP G 90 -50.33 14.89 42.80
C ASP G 90 -51.57 15.13 41.95
N THR G 91 -52.33 16.19 42.22
CA THR G 91 -53.49 16.55 41.42
C THR G 91 -53.01 17.27 40.17
N ALA G 92 -53.22 16.66 39.00
CA ALA G 92 -52.70 17.23 37.76
C ALA G 92 -53.46 16.62 36.58
N VAL G 93 -52.99 16.91 35.38
CA VAL G 93 -53.50 16.31 34.15
C VAL G 93 -52.40 15.44 33.56
N TYR G 94 -52.75 14.20 33.25
CA TYR G 94 -51.80 13.20 32.77
C TYR G 94 -52.07 12.93 31.30
N TYR G 95 -51.09 13.26 30.46
CA TYR G 95 -51.13 13.04 29.03
C TYR G 95 -50.34 11.79 28.65
N CYS G 96 -50.76 11.18 27.55
CA CYS G 96 -50.16 9.97 27.00
C CYS G 96 -49.69 10.29 25.59
N ALA G 97 -48.40 10.48 25.40
CA ALA G 97 -47.83 10.87 24.12
C ALA G 97 -47.18 9.68 23.44
N ARG G 98 -46.92 9.84 22.14
CA ARG G 98 -46.35 8.79 21.30
C ARG G 98 -45.14 9.33 20.59
N LYS G 99 -44.00 8.65 20.73
CA LYS G 99 -42.80 9.05 20.03
C LYS G 99 -43.02 8.99 18.52
N GLY G 100 -42.32 9.86 17.80
CA GLY G 100 -42.40 9.84 16.35
C GLY G 100 -41.68 10.99 15.69
N LEU G 101 -41.06 10.73 14.54
CA LEU G 101 -40.42 11.76 13.73
C LEU G 101 -39.34 12.49 14.53
N ARG G 102 -38.30 11.73 14.83
CA ARG G 102 -37.10 12.28 15.47
C ARG G 102 -37.37 12.66 16.93
N TRP G 103 -38.04 11.76 17.65
CA TRP G 103 -38.22 11.88 19.09
C TRP G 103 -38.91 13.20 19.44
N ALA G 104 -40.16 13.32 18.99
CA ALA G 104 -40.88 14.56 19.08
C ALA G 104 -42.19 14.50 19.87
N MET G 105 -42.71 13.32 20.17
CA MET G 105 -43.99 13.20 20.85
C MET G 105 -45.08 13.91 20.05
N ASP G 106 -45.35 13.39 18.86
CA ASP G 106 -46.20 14.09 17.92
C ASP G 106 -47.67 14.01 18.32
N TYR G 107 -48.16 12.82 18.61
CA TYR G 107 -49.57 12.61 18.93
C TYR G 107 -49.73 12.51 20.45
N TRP G 108 -50.62 13.34 20.99
CA TRP G 108 -50.90 13.39 22.42
C TRP G 108 -52.34 12.95 22.67
N GLY G 109 -52.56 12.39 23.84
CA GLY G 109 -53.89 12.03 24.25
C GLY G 109 -54.65 13.19 24.85
N GLN G 110 -55.95 12.99 25.02
CA GLN G 110 -56.81 14.02 25.58
C GLN G 110 -56.44 14.37 27.02
N GLY G 111 -55.79 13.44 27.72
CA GLY G 111 -55.31 13.71 29.07
C GLY G 111 -56.38 13.54 30.12
N THR G 112 -56.08 12.80 31.18
CA THR G 112 -57.02 12.60 32.28
C THR G 112 -56.74 13.58 33.40
N SER G 113 -57.80 13.99 34.09
CA SER G 113 -57.70 14.93 35.21
C SER G 113 -57.74 14.11 36.51
N VAL G 114 -56.57 13.84 37.07
CA VAL G 114 -56.49 13.09 38.33
C VAL G 114 -56.41 14.08 39.47
N THR G 115 -57.41 14.06 40.36
CA THR G 115 -57.43 14.94 41.51
C THR G 115 -57.65 14.12 42.77
N VAL G 116 -57.04 14.56 43.86
CA VAL G 116 -57.17 13.91 45.16
C VAL G 116 -57.89 14.86 46.12
N SER G 117 -58.24 14.33 47.29
CA SER G 117 -58.93 15.12 48.29
C SER G 117 -58.56 14.68 49.70
N ASN H 1 16.03 1.70 -42.99
CA ASN H 1 16.25 0.58 -43.95
C ASN H 1 17.43 -0.29 -43.53
N ILE H 2 17.14 -1.56 -43.27
CA ILE H 2 18.15 -2.52 -42.87
C ILE H 2 18.72 -3.17 -44.13
N VAL H 3 20.04 -3.17 -44.24
CA VAL H 3 20.71 -3.74 -45.40
C VAL H 3 21.42 -5.02 -44.98
N MET H 4 21.37 -6.02 -45.85
CA MET H 4 21.92 -7.35 -45.58
C MET H 4 23.08 -7.60 -46.52
N THR H 5 24.29 -7.61 -45.97
CA THR H 5 25.50 -7.90 -46.74
C THR H 5 25.70 -9.41 -46.75
N GLN H 6 25.47 -10.03 -47.90
CA GLN H 6 25.60 -11.47 -48.06
C GLN H 6 26.95 -11.80 -48.69
N SER H 7 27.62 -12.81 -48.15
CA SER H 7 28.95 -13.22 -48.57
C SER H 7 29.01 -14.74 -48.69
N PRO H 8 29.81 -15.26 -49.62
CA PRO H 8 30.61 -14.52 -50.61
C PRO H 8 29.78 -14.13 -51.81
N LYS H 9 30.38 -13.41 -52.76
CA LYS H 9 29.62 -12.96 -53.92
C LYS H 9 29.29 -14.13 -54.84
N SER H 10 30.25 -15.02 -55.08
CA SER H 10 30.02 -16.18 -55.91
C SER H 10 31.08 -17.22 -55.58
N MET H 11 30.64 -18.41 -55.19
CA MET H 11 31.55 -19.48 -54.81
C MET H 11 31.33 -20.70 -55.70
N SER H 12 32.40 -21.45 -55.92
CA SER H 12 32.38 -22.67 -56.71
C SER H 12 32.94 -23.81 -55.87
N MET H 13 32.18 -24.88 -55.74
CA MET H 13 32.57 -25.98 -54.87
C MET H 13 32.11 -27.29 -55.48
N SER H 14 32.84 -28.36 -55.15
CA SER H 14 32.57 -29.68 -55.70
C SER H 14 31.47 -30.39 -54.91
N VAL H 15 31.07 -31.55 -55.41
CA VAL H 15 29.98 -32.31 -54.82
C VAL H 15 30.45 -33.02 -53.56
N GLY H 16 29.59 -33.01 -52.55
CA GLY H 16 29.80 -33.81 -51.35
C GLY H 16 30.60 -33.15 -50.25
N GLU H 17 30.88 -31.85 -50.36
CA GLU H 17 31.64 -31.13 -49.36
C GLU H 17 30.76 -30.12 -48.65
N ARG H 18 31.10 -29.82 -47.40
CA ARG H 18 30.37 -28.84 -46.61
C ARG H 18 30.61 -27.43 -47.13
N VAL H 19 29.55 -26.64 -47.19
CA VAL H 19 29.62 -25.27 -47.68
C VAL H 19 28.86 -24.37 -46.72
N THR H 20 29.32 -23.12 -46.61
CA THR H 20 28.72 -22.16 -45.69
C THR H 20 28.58 -20.80 -46.36
N LEU H 21 27.46 -20.15 -46.08
CA LEU H 21 27.18 -18.80 -46.57
C LEU H 21 26.87 -17.91 -45.38
N SER H 22 27.27 -16.63 -45.47
CA SER H 22 27.13 -15.70 -44.38
C SER H 22 26.26 -14.52 -44.81
N CYS H 23 25.47 -14.01 -43.87
CA CYS H 23 24.58 -12.89 -44.13
C CYS H 23 24.61 -11.99 -42.91
N LYS H 24 25.28 -10.84 -43.02
CA LYS H 24 25.43 -9.91 -41.91
C LYS H 24 24.45 -8.76 -42.08
N ALA H 25 23.58 -8.58 -41.09
CA ALA H 25 22.62 -7.50 -41.09
C ALA H 25 23.25 -6.24 -40.52
N SER H 26 22.78 -5.09 -41.00
CA SER H 26 23.30 -3.81 -40.51
C SER H 26 22.81 -3.54 -39.09
N GLU H 27 21.50 -3.42 -38.92
CA GLU H 27 20.90 -3.17 -37.62
C GLU H 27 20.53 -4.50 -36.98
N TYR H 28 19.72 -4.45 -35.92
CA TYR H 28 19.30 -5.65 -35.24
C TYR H 28 18.13 -6.30 -35.99
N VAL H 29 18.23 -7.60 -36.18
CA VAL H 29 17.14 -8.42 -36.70
C VAL H 29 17.19 -9.69 -35.86
N GLY H 30 16.17 -9.91 -35.04
CA GLY H 30 16.32 -10.91 -34.00
C GLY H 30 16.56 -12.30 -34.54
N THR H 31 15.53 -12.93 -35.09
CA THR H 31 15.69 -14.21 -35.76
C THR H 31 14.85 -14.25 -37.02
N TYR H 32 14.58 -13.09 -37.61
CA TYR H 32 13.65 -12.96 -38.73
C TYR H 32 14.38 -12.95 -40.06
N VAL H 33 15.46 -13.72 -40.16
CA VAL H 33 16.23 -13.84 -41.39
C VAL H 33 15.83 -15.14 -42.07
N SER H 34 15.40 -15.03 -43.32
CA SER H 34 14.95 -16.17 -44.10
C SER H 34 15.91 -16.42 -45.26
N TRP H 35 16.07 -17.69 -45.61
CA TRP H 35 16.94 -18.11 -46.71
C TRP H 35 16.07 -18.73 -47.80
N TYR H 36 16.19 -18.18 -49.02
CA TYR H 36 15.47 -18.63 -50.19
C TYR H 36 16.43 -19.16 -51.23
N GLN H 37 16.00 -20.20 -51.95
CA GLN H 37 16.79 -20.85 -52.98
C GLN H 37 16.09 -20.66 -54.33
N GLN H 38 16.68 -19.84 -55.19
CA GLN H 38 16.10 -19.53 -56.49
C GLN H 38 16.92 -20.22 -57.57
N LYS H 39 16.35 -21.23 -58.19
CA LYS H 39 16.98 -21.87 -59.33
C LYS H 39 16.76 -21.01 -60.57
N PRO H 40 17.64 -21.11 -61.57
CA PRO H 40 17.50 -20.27 -62.75
C PRO H 40 16.17 -20.50 -63.46
N GLU H 41 15.56 -19.40 -63.91
CA GLU H 41 14.28 -19.45 -64.62
C GLU H 41 13.17 -20.02 -63.74
N GLN H 42 13.22 -19.75 -62.44
CA GLN H 42 12.15 -20.18 -61.54
C GLN H 42 11.97 -19.14 -60.44
N SER H 43 10.89 -19.31 -59.67
CA SER H 43 10.59 -18.40 -58.59
C SER H 43 11.29 -18.84 -57.31
N PRO H 44 11.71 -17.92 -56.46
CA PRO H 44 12.43 -18.32 -55.24
C PRO H 44 11.56 -19.20 -54.36
N LYS H 45 12.20 -20.19 -53.74
CA LYS H 45 11.55 -21.12 -52.84
C LYS H 45 12.13 -20.96 -51.45
N LEU H 46 11.28 -20.84 -50.45
CA LEU H 46 11.73 -20.61 -49.09
C LEU H 46 12.38 -21.88 -48.55
N LEU H 47 13.63 -21.76 -48.09
CA LEU H 47 14.34 -22.86 -47.46
C LEU H 47 14.27 -22.78 -45.94
N ILE H 48 14.73 -21.67 -45.37
CA ILE H 48 14.86 -21.53 -43.92
C ILE H 48 14.05 -20.31 -43.50
N TYR H 49 12.87 -20.53 -42.94
CA TYR H 49 12.07 -19.45 -42.36
C TYR H 49 12.48 -19.22 -40.92
N GLY H 50 12.68 -17.97 -40.54
CA GLY H 50 13.32 -17.69 -39.27
C GLY H 50 14.72 -18.23 -39.34
N ALA H 51 15.52 -18.04 -38.30
CA ALA H 51 16.87 -18.57 -38.28
C ALA H 51 16.84 -19.98 -37.72
N SER H 52 17.35 -20.94 -38.50
CA SER H 52 17.42 -22.33 -38.08
C SER H 52 16.02 -22.95 -37.90
N ASN H 53 15.26 -22.92 -38.98
CA ASN H 53 13.99 -23.65 -39.03
C ASN H 53 13.75 -24.05 -40.48
N ARG H 54 13.95 -25.32 -40.82
CA ARG H 54 13.77 -25.75 -42.19
C ARG H 54 12.29 -25.73 -42.57
N TYR H 55 12.03 -25.35 -43.81
CA TYR H 55 10.67 -25.34 -44.32
C TYR H 55 10.23 -26.75 -44.70
N THR H 56 8.92 -26.94 -44.71
CA THR H 56 8.36 -28.25 -45.01
C THR H 56 8.77 -28.70 -46.41
N GLY H 57 9.46 -29.83 -46.50
CA GLY H 57 9.91 -30.36 -47.76
C GLY H 57 11.35 -30.08 -48.11
N VAL H 58 12.13 -29.54 -47.17
CA VAL H 58 13.53 -29.19 -47.41
C VAL H 58 14.40 -30.31 -46.83
N PRO H 59 15.39 -30.82 -47.57
CA PRO H 59 16.24 -31.88 -47.02
C PRO H 59 16.98 -31.39 -45.79
N ASP H 60 17.38 -32.36 -44.96
CA ASP H 60 18.03 -32.06 -43.68
C ASP H 60 19.47 -31.62 -43.82
N ARG H 61 20.00 -31.50 -45.04
CA ARG H 61 21.36 -31.03 -45.22
C ARG H 61 21.48 -29.52 -45.17
N PHE H 62 20.36 -28.80 -45.08
CA PHE H 62 20.35 -27.35 -44.93
C PHE H 62 20.14 -27.02 -43.45
N THR H 63 21.01 -26.15 -42.92
CA THR H 63 20.88 -25.75 -41.52
C THR H 63 21.17 -24.26 -41.39
N GLY H 64 20.35 -23.58 -40.60
CA GLY H 64 20.55 -22.18 -40.31
C GLY H 64 21.19 -21.97 -38.95
N SER H 65 21.76 -20.79 -38.77
CA SER H 65 22.37 -20.42 -37.50
C SER H 65 22.17 -18.93 -37.33
N GLY H 66 21.45 -18.56 -36.28
CA GLY H 66 21.01 -17.19 -36.09
C GLY H 66 21.69 -16.44 -34.97
N SER H 67 21.61 -15.12 -35.04
CA SER H 67 22.14 -14.23 -34.02
C SER H 67 21.38 -12.90 -34.15
N ALA H 68 21.92 -11.85 -33.53
CA ALA H 68 21.28 -10.54 -33.67
C ALA H 68 21.55 -9.95 -35.04
N THR H 69 22.79 -10.06 -35.54
CA THR H 69 23.17 -9.49 -36.82
C THR H 69 23.76 -10.50 -37.79
N ASP H 70 24.58 -11.44 -37.31
CA ASP H 70 25.25 -12.40 -38.19
C ASP H 70 24.42 -13.67 -38.32
N PHE H 71 24.27 -14.15 -39.54
CA PHE H 71 23.51 -15.37 -39.80
C PHE H 71 24.27 -16.25 -40.77
N THR H 72 24.07 -17.56 -40.65
CA THR H 72 24.84 -18.52 -41.43
C THR H 72 23.91 -19.60 -41.98
N LEU H 73 24.15 -19.99 -43.23
CA LEU H 73 23.46 -21.10 -43.87
C LEU H 73 24.50 -22.13 -44.27
N THR H 74 24.47 -23.29 -43.61
CA THR H 74 25.40 -24.37 -43.88
C THR H 74 24.69 -25.49 -44.62
N ILE H 75 25.24 -25.89 -45.75
CA ILE H 75 24.80 -27.08 -46.46
C ILE H 75 25.84 -28.18 -46.22
N GLY H 76 25.35 -29.39 -45.96
CA GLY H 76 26.22 -30.50 -45.65
C GLY H 76 26.64 -31.25 -46.89
N SER H 77 26.20 -32.51 -47.03
CA SER H 77 26.49 -33.26 -48.24
C SER H 77 25.77 -32.59 -49.39
N VAL H 78 26.51 -31.84 -50.19
CA VAL H 78 25.91 -31.06 -51.26
C VAL H 78 25.68 -31.95 -52.47
N GLN H 79 24.46 -31.96 -52.98
CA GLN H 79 24.11 -32.79 -54.11
C GLN H 79 24.32 -31.98 -55.39
N ALA H 80 23.82 -32.51 -56.51
CA ALA H 80 24.05 -31.89 -57.81
C ALA H 80 22.94 -30.94 -58.21
N GLU H 81 21.82 -30.92 -57.49
CA GLU H 81 20.70 -30.04 -57.79
C GLU H 81 20.65 -28.82 -56.88
N ASP H 82 21.70 -28.60 -56.08
CA ASP H 82 21.78 -27.44 -55.21
C ASP H 82 22.52 -26.29 -55.85
N LEU H 83 22.54 -26.23 -57.18
CA LEU H 83 23.25 -25.18 -57.93
C LEU H 83 22.24 -24.10 -58.27
N ALA H 84 22.12 -23.12 -57.38
CA ALA H 84 21.13 -22.07 -57.55
C ALA H 84 21.55 -20.86 -56.73
N ASP H 85 20.82 -19.77 -56.89
CA ASP H 85 21.05 -18.60 -56.07
C ASP H 85 20.49 -18.82 -54.68
N TYR H 86 21.07 -18.15 -53.70
CA TYR H 86 20.68 -18.30 -52.29
C TYR H 86 20.60 -16.91 -51.68
N HIS H 87 19.39 -16.38 -51.58
CA HIS H 87 19.18 -15.05 -51.04
C HIS H 87 18.85 -15.12 -49.55
N CYS H 88 19.35 -14.16 -48.79
CA CYS H 88 18.99 -13.99 -47.39
C CYS H 88 18.22 -12.69 -47.25
N GLY H 89 17.09 -12.75 -46.57
CA GLY H 89 16.25 -11.57 -46.39
C GLY H 89 15.72 -11.43 -44.98
N GLN H 90 15.93 -10.28 -44.37
CA GLN H 90 15.35 -10.06 -43.05
C GLN H 90 13.88 -9.71 -43.18
N SER H 91 13.16 -9.84 -42.06
CA SER H 91 11.76 -9.42 -42.00
C SER H 91 11.43 -8.72 -40.70
N TYR H 92 12.43 -8.41 -39.87
CA TYR H 92 12.17 -7.70 -38.63
C TYR H 92 11.56 -6.33 -38.91
N SER H 93 12.00 -5.70 -39.98
CA SER H 93 11.41 -4.49 -40.51
C SER H 93 10.88 -4.80 -41.91
N TYR H 94 10.53 -3.76 -42.64
CA TYR H 94 10.11 -3.96 -44.02
C TYR H 94 11.16 -4.79 -44.75
N PRO H 95 10.76 -5.83 -45.48
CA PRO H 95 11.74 -6.82 -45.94
C PRO H 95 12.74 -6.24 -46.92
N THR H 96 14.01 -6.51 -46.66
CA THR H 96 15.10 -6.18 -47.58
C THR H 96 15.96 -7.41 -47.78
N PHE H 97 16.19 -7.78 -49.03
CA PHE H 97 16.95 -8.98 -49.34
C PHE H 97 18.43 -8.65 -49.55
N GLY H 98 19.24 -9.70 -49.59
CA GLY H 98 20.64 -9.58 -49.92
C GLY H 98 20.88 -9.67 -51.41
N ALA H 99 22.16 -9.63 -51.78
CA ALA H 99 22.54 -9.68 -53.19
C ALA H 99 22.53 -11.10 -53.75
N GLY H 100 22.64 -12.11 -52.90
CA GLY H 100 22.65 -13.49 -53.38
C GLY H 100 24.03 -13.98 -53.74
N THR H 101 24.20 -15.30 -53.66
CA THR H 101 25.47 -15.95 -53.95
C THR H 101 25.26 -17.00 -55.02
N LYS H 102 25.90 -16.80 -56.17
CA LYS H 102 25.82 -17.76 -57.28
C LYS H 102 26.66 -18.99 -56.96
N LEU H 103 26.02 -20.06 -56.50
CA LEU H 103 26.73 -21.30 -56.24
C LEU H 103 27.05 -22.00 -57.56
N GLU H 104 28.26 -22.55 -57.65
CA GLU H 104 28.73 -23.17 -58.88
C GLU H 104 29.39 -24.51 -58.56
N LEU H 105 29.49 -25.36 -59.58
CA LEU H 105 30.14 -26.65 -59.47
C LEU H 105 31.42 -26.65 -60.29
N LYS H 106 32.48 -27.23 -59.73
CA LYS H 106 33.76 -27.34 -60.41
C LYS H 106 34.53 -28.54 -59.88
N VAL I 2 -1.55 -21.16 -51.33
CA VAL I 2 -1.25 -22.51 -51.78
C VAL I 2 -0.84 -22.50 -53.23
N GLN I 3 -1.49 -21.66 -54.03
CA GLN I 3 -1.14 -21.55 -55.45
C GLN I 3 -1.41 -20.12 -55.89
N LEU I 4 -0.34 -19.40 -56.24
CA LEU I 4 -0.45 -18.01 -56.69
C LEU I 4 -0.23 -17.98 -58.19
N GLN I 5 -1.23 -17.47 -58.93
CA GLN I 5 -1.17 -17.35 -60.37
C GLN I 5 -1.04 -15.89 -60.77
N GLN I 6 0.08 -15.55 -61.37
CA GLN I 6 0.29 -14.18 -61.81
C GLN I 6 -0.27 -14.02 -63.21
N SER I 7 -0.02 -12.87 -63.83
CA SER I 7 -0.49 -12.61 -65.18
C SER I 7 0.57 -13.07 -66.18
N GLY I 8 0.39 -12.73 -67.45
CA GLY I 8 1.37 -13.04 -68.47
C GLY I 8 2.34 -11.90 -68.67
N ALA I 9 3.29 -12.13 -69.57
CA ALA I 9 4.29 -11.11 -69.86
C ALA I 9 3.63 -9.91 -70.54
N GLU I 10 4.16 -8.73 -70.25
CA GLU I 10 3.66 -7.48 -70.82
C GLU I 10 4.75 -6.80 -71.62
N LEU I 11 4.37 -6.19 -72.73
CA LEU I 11 5.26 -5.43 -73.60
C LEU I 11 4.69 -4.02 -73.68
N VAL I 12 5.18 -3.13 -72.82
CA VAL I 12 4.58 -1.82 -72.63
C VAL I 12 5.54 -0.77 -73.16
N LYS I 13 4.99 0.28 -73.77
CA LYS I 13 5.80 1.38 -74.23
C LYS I 13 6.28 2.22 -73.06
N PRO I 14 7.47 2.79 -73.12
CA PRO I 14 7.94 3.63 -72.02
C PRO I 14 7.06 4.85 -71.84
N GLY I 15 6.60 5.05 -70.61
CA GLY I 15 5.72 6.15 -70.28
C GLY I 15 4.28 5.77 -70.05
N ALA I 16 3.95 4.48 -70.04
CA ALA I 16 2.59 4.00 -69.84
C ALA I 16 2.49 3.32 -68.48
N SER I 17 1.29 2.81 -68.19
CA SER I 17 1.00 2.16 -66.91
C SER I 17 0.61 0.71 -67.15
N VAL I 18 1.21 -0.19 -66.39
CA VAL I 18 0.94 -1.62 -66.47
C VAL I 18 0.35 -2.06 -65.14
N LYS I 19 -0.68 -2.89 -65.19
CA LYS I 19 -1.39 -3.38 -64.01
C LYS I 19 -1.30 -4.91 -64.02
N LEU I 20 -0.44 -5.44 -63.15
CA LEU I 20 -0.22 -6.87 -63.02
C LEU I 20 -1.14 -7.44 -61.94
N SER I 21 -1.65 -8.65 -62.19
CA SER I 21 -2.60 -9.29 -61.30
C SER I 21 -2.01 -10.56 -60.72
N CYS I 22 -2.44 -10.89 -59.51
CA CYS I 22 -1.94 -12.05 -58.77
C CYS I 22 -3.13 -12.70 -58.06
N THR I 23 -3.64 -13.79 -58.63
CA THR I 23 -4.80 -14.48 -58.10
C THR I 23 -4.34 -15.59 -57.15
N ALA I 24 -4.78 -15.51 -55.89
CA ALA I 24 -4.44 -16.50 -54.88
C ALA I 24 -5.53 -17.56 -54.81
N SER I 25 -5.17 -18.82 -55.05
CA SER I 25 -6.09 -19.93 -54.94
C SER I 25 -5.57 -20.89 -53.88
N GLY I 26 -6.42 -21.20 -52.92
CA GLY I 26 -6.07 -22.07 -51.80
C GLY I 26 -6.15 -21.41 -50.45
N PHE I 27 -6.43 -20.11 -50.37
CA PHE I 27 -6.54 -19.42 -49.10
C PHE I 27 -7.21 -18.07 -49.36
N ASN I 28 -7.50 -17.37 -48.27
CA ASN I 28 -8.08 -16.03 -48.34
C ASN I 28 -6.99 -15.00 -48.10
N ILE I 29 -6.97 -13.95 -48.93
CA ILE I 29 -5.94 -12.94 -48.79
C ILE I 29 -6.16 -12.05 -47.57
N LYS I 30 -7.35 -12.08 -46.98
CA LYS I 30 -7.58 -11.28 -45.78
C LYS I 30 -6.77 -11.77 -44.60
N ASP I 31 -6.23 -12.99 -44.67
CA ASP I 31 -5.54 -13.57 -43.53
C ASP I 31 -4.09 -13.11 -43.46
N THR I 32 -3.43 -12.98 -44.61
CA THR I 32 -2.02 -12.68 -44.68
C THR I 32 -1.79 -11.37 -45.42
N TYR I 33 -0.54 -10.96 -45.49
CA TYR I 33 -0.13 -9.83 -46.29
C TYR I 33 0.20 -10.32 -47.70
N MET I 34 0.46 -9.38 -48.60
CA MET I 34 0.80 -9.72 -49.98
C MET I 34 1.93 -8.80 -50.44
N TYR I 35 3.12 -9.37 -50.58
CA TYR I 35 4.31 -8.63 -50.96
C TYR I 35 4.52 -8.70 -52.46
N TRP I 36 5.03 -7.60 -53.01
CA TRP I 36 5.44 -7.51 -54.40
C TRP I 36 6.94 -7.30 -54.46
N VAL I 37 7.62 -8.12 -55.25
CA VAL I 37 9.08 -8.09 -55.35
C VAL I 37 9.44 -7.91 -56.82
N LYS I 38 10.47 -7.13 -57.09
CA LYS I 38 11.03 -7.03 -58.42
C LYS I 38 12.42 -7.64 -58.44
N GLN I 39 12.83 -8.09 -59.61
CA GLN I 39 14.17 -8.66 -59.79
C GLN I 39 14.64 -8.35 -61.20
N ARG I 40 15.60 -7.44 -61.33
CA ARG I 40 16.24 -7.21 -62.60
C ARG I 40 17.09 -8.42 -62.97
N PRO I 41 17.40 -8.60 -64.25
CA PRO I 41 18.17 -9.77 -64.66
C PRO I 41 19.52 -9.85 -63.97
N GLU I 42 19.80 -11.00 -63.37
CA GLU I 42 21.09 -11.28 -62.75
C GLU I 42 21.41 -10.28 -61.64
N GLN I 43 20.42 -9.98 -60.81
CA GLN I 43 20.62 -9.10 -59.67
C GLN I 43 19.79 -9.64 -58.49
N GLY I 44 19.94 -8.97 -57.35
CA GLY I 44 19.25 -9.40 -56.16
C GLY I 44 17.78 -8.98 -56.14
N LEU I 45 17.03 -9.64 -55.27
CA LEU I 45 15.61 -9.33 -55.11
C LEU I 45 15.45 -7.95 -54.50
N GLU I 46 14.32 -7.31 -54.80
CA GLU I 46 14.05 -5.97 -54.28
C GLU I 46 12.58 -5.86 -53.91
N TRP I 47 12.31 -5.26 -52.76
CA TRP I 47 10.96 -5.12 -52.27
C TRP I 47 10.30 -3.88 -52.87
N ILE I 48 9.03 -4.00 -53.25
CA ILE I 48 8.28 -2.87 -53.78
C ILE I 48 7.35 -2.36 -52.69
N GLY I 49 6.46 -3.23 -52.23
CA GLY I 49 5.52 -2.84 -51.21
C GLY I 49 4.64 -4.01 -50.84
N ARG I 50 3.98 -3.86 -49.70
CA ARG I 50 3.04 -4.84 -49.20
C ARG I 50 1.69 -4.18 -48.95
N ILE I 51 0.67 -5.02 -48.84
CA ILE I 51 -0.70 -4.58 -48.63
C ILE I 51 -1.35 -5.53 -47.64
N ASP I 52 -2.10 -4.98 -46.68
CA ASP I 52 -2.90 -5.77 -45.76
C ASP I 52 -4.31 -5.86 -46.31
N PRO I 53 -4.71 -6.96 -46.95
CA PRO I 53 -6.02 -6.98 -47.64
C PRO I 53 -7.21 -6.89 -46.72
N ALA I 54 -7.02 -7.03 -45.40
CA ALA I 54 -8.16 -6.91 -44.49
C ALA I 54 -8.59 -5.45 -44.31
N ASN I 55 -7.62 -4.53 -44.33
CA ASN I 55 -7.89 -3.11 -44.16
C ASN I 55 -7.66 -2.32 -45.44
N GLY I 56 -6.53 -2.56 -46.10
CA GLY I 56 -6.12 -1.76 -47.23
C GLY I 56 -4.88 -0.95 -46.96
N ASP I 57 -4.24 -1.14 -45.81
CA ASP I 57 -3.02 -0.44 -45.47
C ASP I 57 -1.87 -0.95 -46.32
N THR I 58 -1.31 -0.08 -47.16
CA THR I 58 -0.24 -0.44 -48.07
C THR I 58 1.01 0.35 -47.73
N LYS I 59 2.14 -0.34 -47.61
CA LYS I 59 3.43 0.27 -47.40
C LYS I 59 4.30 0.04 -48.63
N TYR I 60 5.11 1.02 -48.97
CA TYR I 60 5.97 0.95 -50.15
C TYR I 60 7.41 1.20 -49.75
N ASP I 61 8.32 0.69 -50.57
CA ASP I 61 9.72 1.06 -50.42
C ASP I 61 9.89 2.54 -50.73
N PRO I 62 10.70 3.26 -49.96
CA PRO I 62 10.83 4.70 -50.21
C PRO I 62 11.18 5.06 -51.64
N LYS I 63 11.91 4.22 -52.35
CA LYS I 63 12.26 4.48 -53.74
C LYS I 63 11.19 4.01 -54.71
N PHE I 64 10.06 3.49 -54.22
CA PHE I 64 8.95 3.10 -55.08
C PHE I 64 7.67 3.83 -54.70
N GLN I 65 7.74 4.81 -53.81
CA GLN I 65 6.55 5.52 -53.40
C GLN I 65 6.08 6.45 -54.51
N GLY I 66 4.79 6.36 -54.84
CA GLY I 66 4.20 7.16 -55.90
C GLY I 66 4.29 6.52 -57.27
N LYS I 67 5.41 5.87 -57.57
CA LYS I 67 5.54 5.20 -58.86
C LYS I 67 4.64 3.98 -58.95
N ALA I 68 4.58 3.17 -57.90
CA ALA I 68 3.76 1.98 -57.87
C ALA I 68 2.64 2.12 -56.86
N THR I 69 1.53 1.42 -57.12
CA THR I 69 0.42 1.34 -56.20
C THR I 69 -0.10 -0.09 -56.15
N ILE I 70 -0.54 -0.51 -54.97
CA ILE I 70 -0.99 -1.88 -54.73
C ILE I 70 -2.42 -1.83 -54.24
N THR I 71 -3.31 -2.50 -54.97
CA THR I 71 -4.71 -2.62 -54.59
C THR I 71 -5.06 -4.09 -54.49
N THR I 72 -6.27 -4.37 -54.01
CA THR I 72 -6.71 -5.73 -53.81
C THR I 72 -8.12 -5.92 -54.38
N ASP I 73 -8.57 -7.17 -54.34
CA ASP I 73 -9.94 -7.53 -54.73
C ASP I 73 -10.29 -8.78 -53.93
N THR I 74 -11.05 -8.58 -52.85
CA THR I 74 -11.35 -9.67 -51.93
C THR I 74 -12.32 -10.69 -52.54
N PHE I 75 -13.15 -10.26 -53.49
CA PHE I 75 -14.13 -11.18 -54.05
C PHE I 75 -13.46 -12.27 -54.87
N SER I 76 -12.46 -11.90 -55.68
CA SER I 76 -11.72 -12.86 -56.49
C SER I 76 -10.40 -13.25 -55.86
N ASN I 77 -10.07 -12.73 -54.68
CA ASN I 77 -8.80 -13.04 -54.02
C ASN I 77 -7.61 -12.70 -54.92
N THR I 78 -7.57 -11.45 -55.36
CA THR I 78 -6.51 -11.00 -56.26
C THR I 78 -5.82 -9.76 -55.71
N ALA I 79 -4.53 -9.66 -55.99
CA ALA I 79 -3.74 -8.47 -55.69
C ALA I 79 -3.29 -7.84 -56.99
N TYR I 80 -3.49 -6.53 -57.12
CA TYR I 80 -3.09 -5.77 -58.31
C TYR I 80 -1.95 -4.85 -57.98
N LEU I 81 -0.96 -4.79 -58.86
CA LEU I 81 0.16 -3.87 -58.77
C LEU I 81 0.17 -3.02 -60.03
N GLN I 82 0.01 -1.71 -59.88
CA GLN I 82 -0.05 -0.80 -61.01
C GLN I 82 1.16 0.11 -60.96
N LEU I 83 1.95 0.10 -62.03
CA LEU I 83 3.11 0.98 -62.17
C LEU I 83 2.67 2.25 -62.88
N SER I 84 2.56 3.35 -62.13
CA SER I 84 1.97 4.57 -62.65
C SER I 84 2.73 5.11 -63.84
N SER I 85 3.98 5.53 -63.62
CA SER I 85 4.82 6.07 -64.66
C SER I 85 6.12 5.27 -64.67
N LEU I 86 6.42 4.67 -65.81
CA LEU I 86 7.56 3.77 -65.92
C LEU I 86 8.52 4.24 -67.00
N THR I 87 9.81 4.15 -66.71
CA THR I 87 10.86 4.48 -67.64
C THR I 87 11.33 3.20 -68.34
N SER I 88 12.46 3.28 -69.02
CA SER I 88 13.03 2.15 -69.75
C SER I 88 13.96 1.31 -68.88
N GLU I 89 14.00 1.55 -67.57
CA GLU I 89 14.92 0.86 -66.69
C GLU I 89 14.28 -0.28 -65.91
N ASP I 90 12.98 -0.20 -65.61
CA ASP I 90 12.31 -1.22 -64.82
C ASP I 90 11.82 -2.37 -65.70
N THR I 91 12.74 -2.95 -66.47
CA THR I 91 12.44 -4.12 -67.29
C THR I 91 12.80 -5.40 -66.53
N ALA I 92 12.15 -5.57 -65.39
CA ALA I 92 12.48 -6.64 -64.45
C ALA I 92 11.37 -7.69 -64.45
N VAL I 93 11.55 -8.68 -63.57
CA VAL I 93 10.57 -9.74 -63.35
C VAL I 93 9.89 -9.45 -62.02
N TYR I 94 8.55 -9.46 -62.03
CA TYR I 94 7.77 -9.05 -60.87
C TYR I 94 7.12 -10.28 -60.26
N TYR I 95 7.43 -10.54 -59.00
CA TYR I 95 6.92 -11.67 -58.25
C TYR I 95 5.90 -11.21 -57.22
N CYS I 96 4.97 -12.10 -56.91
CA CYS I 96 3.92 -11.89 -55.94
C CYS I 96 4.03 -12.98 -54.89
N ALA I 97 4.15 -12.59 -53.62
CA ALA I 97 4.40 -13.56 -52.55
C ALA I 97 3.49 -13.26 -51.37
N ARG I 98 3.23 -14.28 -50.57
CA ARG I 98 2.47 -14.13 -49.34
C ARG I 98 3.36 -14.41 -48.15
N LYS I 99 3.09 -13.72 -47.03
CA LYS I 99 3.91 -13.92 -45.84
C LYS I 99 3.64 -15.30 -45.25
N GLY I 100 4.70 -15.89 -44.71
CA GLY I 100 4.66 -17.26 -44.22
C GLY I 100 4.47 -17.33 -42.72
N LEU I 101 5.22 -18.22 -42.08
CA LEU I 101 5.02 -18.45 -40.66
C LEU I 101 5.75 -17.39 -39.83
N ARG I 102 7.06 -17.35 -39.92
CA ARG I 102 7.85 -16.37 -39.19
C ARG I 102 8.15 -15.16 -40.07
N TRP I 103 7.11 -14.55 -40.63
CA TRP I 103 7.21 -13.37 -41.47
C TRP I 103 8.06 -13.58 -42.70
N ALA I 104 8.38 -14.82 -43.04
CA ALA I 104 9.01 -15.12 -44.32
C ALA I 104 7.97 -15.08 -45.43
N MET I 105 8.44 -15.21 -46.66
CA MET I 105 7.55 -15.26 -47.83
C MET I 105 7.61 -16.68 -48.37
N ASP I 106 6.69 -17.51 -47.87
CA ASP I 106 6.75 -18.94 -48.16
C ASP I 106 6.30 -19.25 -49.59
N TYR I 107 5.17 -18.70 -50.00
CA TYR I 107 4.61 -18.97 -51.31
C TYR I 107 4.80 -17.76 -52.21
N TRP I 108 5.57 -17.95 -53.28
CA TRP I 108 5.81 -16.95 -54.30
C TRP I 108 4.94 -17.24 -55.52
N GLY I 109 4.85 -16.24 -56.40
CA GLY I 109 4.12 -16.41 -57.64
C GLY I 109 4.96 -17.10 -58.69
N GLN I 110 4.88 -16.63 -59.93
CA GLN I 110 5.68 -17.17 -61.02
C GLN I 110 6.45 -16.12 -61.81
N GLY I 111 6.06 -14.85 -61.74
CA GLY I 111 6.81 -13.79 -62.39
C GLY I 111 6.23 -13.36 -63.73
N THR I 112 5.85 -12.09 -63.82
CA THR I 112 5.39 -11.48 -65.06
C THR I 112 6.50 -10.57 -65.57
N SER I 113 7.33 -11.10 -66.46
CA SER I 113 8.47 -10.36 -66.98
C SER I 113 7.97 -9.24 -67.89
N VAL I 114 7.95 -8.02 -67.37
CA VAL I 114 7.54 -6.87 -68.17
C VAL I 114 8.72 -6.43 -69.04
N THR I 115 8.41 -5.79 -70.16
CA THR I 115 9.43 -5.34 -71.10
C THR I 115 9.05 -3.96 -71.61
N VAL I 116 9.98 -3.02 -71.46
CA VAL I 116 9.78 -1.63 -71.84
C VAL I 116 10.69 -1.32 -73.01
N SER I 117 10.11 -1.00 -74.16
CA SER I 117 10.87 -0.72 -75.36
C SER I 117 9.96 -0.02 -76.35
N THR I 118 10.44 0.16 -77.58
CA THR I 118 9.67 0.80 -78.63
C THR I 118 9.68 -0.04 -79.90
#